data_4QCJ
# 
_entry.id   4QCJ 
# 
_audit_conform.dict_name       mmcif_pdbx.dic 
_audit_conform.dict_version    5.387 
_audit_conform.dict_location   http://mmcif.pdb.org/dictionaries/ascii/mmcif_pdbx.dic 
# 
loop_
_database_2.database_id 
_database_2.database_code 
_database_2.pdbx_database_accession 
_database_2.pdbx_DOI 
PDB   4QCJ         pdb_00004qcj 10.2210/pdb4qcj/pdb 
RCSB  RCSB085882   ?            ?                   
WWPDB D_1000085882 ?            ?                   
# 
loop_
_pdbx_audit_revision_history.ordinal 
_pdbx_audit_revision_history.data_content_type 
_pdbx_audit_revision_history.major_revision 
_pdbx_audit_revision_history.minor_revision 
_pdbx_audit_revision_history.revision_date 
1 'Structure model' 1 0 2014-07-02 
2 'Structure model' 1 1 2014-12-31 
3 'Structure model' 1 2 2024-02-28 
# 
_pdbx_audit_revision_details.ordinal             1 
_pdbx_audit_revision_details.revision_ordinal    1 
_pdbx_audit_revision_details.data_content_type   'Structure model' 
_pdbx_audit_revision_details.provider            repository 
_pdbx_audit_revision_details.type                'Initial release' 
_pdbx_audit_revision_details.description         ? 
_pdbx_audit_revision_details.details             ? 
# 
loop_
_pdbx_audit_revision_group.ordinal 
_pdbx_audit_revision_group.revision_ordinal 
_pdbx_audit_revision_group.data_content_type 
_pdbx_audit_revision_group.group 
1 2 'Structure model' 'Database references' 
2 3 'Structure model' 'Data collection'     
3 3 'Structure model' 'Database references' 
# 
loop_
_pdbx_audit_revision_category.ordinal 
_pdbx_audit_revision_category.revision_ordinal 
_pdbx_audit_revision_category.data_content_type 
_pdbx_audit_revision_category.category 
1 3 'Structure model' chem_comp_atom 
2 3 'Structure model' chem_comp_bond 
3 3 'Structure model' database_2     
# 
loop_
_pdbx_audit_revision_item.ordinal 
_pdbx_audit_revision_item.revision_ordinal 
_pdbx_audit_revision_item.data_content_type 
_pdbx_audit_revision_item.item 
1 3 'Structure model' '_database_2.pdbx_DOI'                
2 3 'Structure model' '_database_2.pdbx_database_accession' 
# 
_pdbx_database_status.status_code                     REL 
_pdbx_database_status.entry_id                        4QCJ 
_pdbx_database_status.recvd_initial_deposition_date   2014-05-12 
_pdbx_database_status.deposit_site                    RCSB 
_pdbx_database_status.process_site                    RCSB 
_pdbx_database_status.status_code_sf                  REL 
_pdbx_database_status.status_code_mr                  ? 
_pdbx_database_status.SG_entry                        ? 
_pdbx_database_status.status_code_cs                  ? 
_pdbx_database_status.methods_development_category    ? 
_pdbx_database_status.pdb_format_compatible           Y 
_pdbx_database_status.status_code_nmr_data            ? 
# 
loop_
_audit_author.name 
_audit_author.pdbx_ordinal 
'Labahn, J.'   1 
'Raasch, K.'   2 
'Eggeling, L.' 3 
'Bocola, M.'   4 
'Leitner, A.'  5 
'Bott, M.'     6 
# 
_citation.id                        primary 
_citation.title                     
'Interaction of 2-oxoglutarate dehydrogenase OdhA with its inhibitor OdhI in Corynebacterium glutamicum: Mutants and a model.' 
_citation.journal_abbrev            J.Biotechnol. 
_citation.journal_volume            191 
_citation.page_first                99 
_citation.page_last                 105 
_citation.year                      2014 
_citation.journal_id_ASTM           JBITD4 
_citation.country                   NE 
_citation.journal_id_ISSN           0168-1656 
_citation.journal_id_CSD            2082 
_citation.book_publisher            ? 
_citation.pdbx_database_id_PubMed   24905147 
_citation.pdbx_database_id_DOI      10.1016/j.jbiotec.2014.05.023 
# 
loop_
_citation_author.citation_id 
_citation_author.name 
_citation_author.ordinal 
_citation_author.identifier_ORCID 
primary 'Raasch, K.'   1 ? 
primary 'Bocola, M.'   2 ? 
primary 'Labahn, J.'   3 ? 
primary 'Leitner, A.'  4 ? 
primary 'Eggeling, L.' 5 ? 
primary 'Bott, M.'     6 ? 
# 
loop_
_entity.id 
_entity.type 
_entity.src_method 
_entity.pdbx_description 
_entity.formula_weight 
_entity.pdbx_number_of_molecules 
_entity.pdbx_ec 
_entity.pdbx_mutation 
_entity.pdbx_fragment 
_entity.details 
1 polymer man 'Oxoglutarate dehydrogenase inhibitor' 15417.016 1   ? ? ? ? 
2 water   nat water                                  18.015    135 ? ? ? ? 
# 
_entity_poly.entity_id                      1 
_entity_poly.type                           'polypeptide(L)' 
_entity_poly.nstd_linkage                   no 
_entity_poly.nstd_monomer                   no 
_entity_poly.pdbx_seq_one_letter_code       
;MSDNNGTPEPQVETTSVFRADLLKEMESSTGTAPASTGAENLPAGSALLVVKRGPNAGARFLLDQPTTTAGRHPESDIFL
DDVTVSRRHAEFRINEGEFEVVDVGSLNGTYVNREPRNAQVMQTGDEIQIGKFRLVFLAGPAE
;
_entity_poly.pdbx_seq_one_letter_code_can   
;MSDNNGTPEPQVETTSVFRADLLKEMESSTGTAPASTGAENLPAGSALLVVKRGPNAGARFLLDQPTTTAGRHPESDIFL
DDVTVSRRHAEFRINEGEFEVVDVGSLNGTYVNREPRNAQVMQTGDEIQIGKFRLVFLAGPAE
;
_entity_poly.pdbx_strand_id                 A 
_entity_poly.pdbx_target_identifier         ? 
# 
_pdbx_entity_nonpoly.entity_id   2 
_pdbx_entity_nonpoly.name        water 
_pdbx_entity_nonpoly.comp_id     HOH 
# 
loop_
_entity_poly_seq.entity_id 
_entity_poly_seq.num 
_entity_poly_seq.mon_id 
_entity_poly_seq.hetero 
1 1   MET n 
1 2   SER n 
1 3   ASP n 
1 4   ASN n 
1 5   ASN n 
1 6   GLY n 
1 7   THR n 
1 8   PRO n 
1 9   GLU n 
1 10  PRO n 
1 11  GLN n 
1 12  VAL n 
1 13  GLU n 
1 14  THR n 
1 15  THR n 
1 16  SER n 
1 17  VAL n 
1 18  PHE n 
1 19  ARG n 
1 20  ALA n 
1 21  ASP n 
1 22  LEU n 
1 23  LEU n 
1 24  LYS n 
1 25  GLU n 
1 26  MET n 
1 27  GLU n 
1 28  SER n 
1 29  SER n 
1 30  THR n 
1 31  GLY n 
1 32  THR n 
1 33  ALA n 
1 34  PRO n 
1 35  ALA n 
1 36  SER n 
1 37  THR n 
1 38  GLY n 
1 39  ALA n 
1 40  GLU n 
1 41  ASN n 
1 42  LEU n 
1 43  PRO n 
1 44  ALA n 
1 45  GLY n 
1 46  SER n 
1 47  ALA n 
1 48  LEU n 
1 49  LEU n 
1 50  VAL n 
1 51  VAL n 
1 52  LYS n 
1 53  ARG n 
1 54  GLY n 
1 55  PRO n 
1 56  ASN n 
1 57  ALA n 
1 58  GLY n 
1 59  ALA n 
1 60  ARG n 
1 61  PHE n 
1 62  LEU n 
1 63  LEU n 
1 64  ASP n 
1 65  GLN n 
1 66  PRO n 
1 67  THR n 
1 68  THR n 
1 69  THR n 
1 70  ALA n 
1 71  GLY n 
1 72  ARG n 
1 73  HIS n 
1 74  PRO n 
1 75  GLU n 
1 76  SER n 
1 77  ASP n 
1 78  ILE n 
1 79  PHE n 
1 80  LEU n 
1 81  ASP n 
1 82  ASP n 
1 83  VAL n 
1 84  THR n 
1 85  VAL n 
1 86  SER n 
1 87  ARG n 
1 88  ARG n 
1 89  HIS n 
1 90  ALA n 
1 91  GLU n 
1 92  PHE n 
1 93  ARG n 
1 94  ILE n 
1 95  ASN n 
1 96  GLU n 
1 97  GLY n 
1 98  GLU n 
1 99  PHE n 
1 100 GLU n 
1 101 VAL n 
1 102 VAL n 
1 103 ASP n 
1 104 VAL n 
1 105 GLY n 
1 106 SER n 
1 107 LEU n 
1 108 ASN n 
1 109 GLY n 
1 110 THR n 
1 111 TYR n 
1 112 VAL n 
1 113 ASN n 
1 114 ARG n 
1 115 GLU n 
1 116 PRO n 
1 117 ARG n 
1 118 ASN n 
1 119 ALA n 
1 120 GLN n 
1 121 VAL n 
1 122 MET n 
1 123 GLN n 
1 124 THR n 
1 125 GLY n 
1 126 ASP n 
1 127 GLU n 
1 128 ILE n 
1 129 GLN n 
1 130 ILE n 
1 131 GLY n 
1 132 LYS n 
1 133 PHE n 
1 134 ARG n 
1 135 LEU n 
1 136 VAL n 
1 137 PHE n 
1 138 LEU n 
1 139 ALA n 
1 140 GLY n 
1 141 PRO n 
1 142 ALA n 
1 143 GLU n 
# 
_entity_src_gen.entity_id                          1 
_entity_src_gen.pdbx_src_id                        1 
_entity_src_gen.pdbx_alt_source_flag               sample 
_entity_src_gen.pdbx_seq_type                      ? 
_entity_src_gen.pdbx_beg_seq_num                   ? 
_entity_src_gen.pdbx_end_seq_num                   ? 
_entity_src_gen.gene_src_common_name               ? 
_entity_src_gen.gene_src_genus                     ? 
_entity_src_gen.pdbx_gene_src_gene                 'cg1630, Cgl1441, odhI' 
_entity_src_gen.gene_src_species                   ? 
_entity_src_gen.gene_src_strain                    'ATCC 13032 / DSM 20300 / JCM 1318 / LMG 3730 / NCIMB 10025' 
_entity_src_gen.gene_src_tissue                    ? 
_entity_src_gen.gene_src_tissue_fraction           ? 
_entity_src_gen.gene_src_details                   ? 
_entity_src_gen.pdbx_gene_src_fragment             ? 
_entity_src_gen.pdbx_gene_src_scientific_name      'Corynebacterium glutamicum' 
_entity_src_gen.pdbx_gene_src_ncbi_taxonomy_id     196627 
_entity_src_gen.pdbx_gene_src_variant              ? 
_entity_src_gen.pdbx_gene_src_cell_line            ? 
_entity_src_gen.pdbx_gene_src_atcc                 ? 
_entity_src_gen.pdbx_gene_src_organ                ? 
_entity_src_gen.pdbx_gene_src_organelle            ? 
_entity_src_gen.pdbx_gene_src_cell                 ? 
_entity_src_gen.pdbx_gene_src_cellular_location    ? 
_entity_src_gen.host_org_common_name               ? 
_entity_src_gen.pdbx_host_org_scientific_name      'Escherichia coli' 
_entity_src_gen.pdbx_host_org_ncbi_taxonomy_id     562 
_entity_src_gen.host_org_genus                     ? 
_entity_src_gen.pdbx_host_org_gene                 ? 
_entity_src_gen.pdbx_host_org_organ                ? 
_entity_src_gen.host_org_species                   ? 
_entity_src_gen.pdbx_host_org_tissue               ? 
_entity_src_gen.pdbx_host_org_tissue_fraction      ? 
_entity_src_gen.pdbx_host_org_strain               ? 
_entity_src_gen.pdbx_host_org_variant              ? 
_entity_src_gen.pdbx_host_org_cell_line            ? 
_entity_src_gen.pdbx_host_org_atcc                 ? 
_entity_src_gen.pdbx_host_org_culture_collection   ? 
_entity_src_gen.pdbx_host_org_cell                 ? 
_entity_src_gen.pdbx_host_org_organelle            ? 
_entity_src_gen.pdbx_host_org_cellular_location    ? 
_entity_src_gen.pdbx_host_org_vector_type          ? 
_entity_src_gen.pdbx_host_org_vector               ? 
_entity_src_gen.host_org_details                   ? 
_entity_src_gen.expression_system_id               ? 
_entity_src_gen.plasmid_name                       ? 
_entity_src_gen.plasmid_details                    ? 
_entity_src_gen.pdbx_description                   ? 
# 
loop_
_chem_comp.id 
_chem_comp.type 
_chem_comp.mon_nstd_flag 
_chem_comp.name 
_chem_comp.pdbx_synonyms 
_chem_comp.formula 
_chem_comp.formula_weight 
ALA 'L-peptide linking' y ALANINE         ? 'C3 H7 N O2'     89.093  
ARG 'L-peptide linking' y ARGININE        ? 'C6 H15 N4 O2 1' 175.209 
ASN 'L-peptide linking' y ASPARAGINE      ? 'C4 H8 N2 O3'    132.118 
ASP 'L-peptide linking' y 'ASPARTIC ACID' ? 'C4 H7 N O4'     133.103 
GLN 'L-peptide linking' y GLUTAMINE       ? 'C5 H10 N2 O3'   146.144 
GLU 'L-peptide linking' y 'GLUTAMIC ACID' ? 'C5 H9 N O4'     147.129 
GLY 'peptide linking'   y GLYCINE         ? 'C2 H5 N O2'     75.067  
HIS 'L-peptide linking' y HISTIDINE       ? 'C6 H10 N3 O2 1' 156.162 
HOH non-polymer         . WATER           ? 'H2 O'           18.015  
ILE 'L-peptide linking' y ISOLEUCINE      ? 'C6 H13 N O2'    131.173 
LEU 'L-peptide linking' y LEUCINE         ? 'C6 H13 N O2'    131.173 
LYS 'L-peptide linking' y LYSINE          ? 'C6 H15 N2 O2 1' 147.195 
MET 'L-peptide linking' y METHIONINE      ? 'C5 H11 N O2 S'  149.211 
PHE 'L-peptide linking' y PHENYLALANINE   ? 'C9 H11 N O2'    165.189 
PRO 'L-peptide linking' y PROLINE         ? 'C5 H9 N O2'     115.130 
SER 'L-peptide linking' y SERINE          ? 'C3 H7 N O3'     105.093 
THR 'L-peptide linking' y THREONINE       ? 'C4 H9 N O3'     119.119 
TYR 'L-peptide linking' y TYROSINE        ? 'C9 H11 N O3'    181.189 
VAL 'L-peptide linking' y VALINE          ? 'C5 H11 N O2'    117.146 
# 
loop_
_pdbx_poly_seq_scheme.asym_id 
_pdbx_poly_seq_scheme.entity_id 
_pdbx_poly_seq_scheme.seq_id 
_pdbx_poly_seq_scheme.mon_id 
_pdbx_poly_seq_scheme.ndb_seq_num 
_pdbx_poly_seq_scheme.pdb_seq_num 
_pdbx_poly_seq_scheme.auth_seq_num 
_pdbx_poly_seq_scheme.pdb_mon_id 
_pdbx_poly_seq_scheme.auth_mon_id 
_pdbx_poly_seq_scheme.pdb_strand_id 
_pdbx_poly_seq_scheme.pdb_ins_code 
_pdbx_poly_seq_scheme.hetero 
A 1 1   MET 1   1   ?   ?   ?   A . n 
A 1 2   SER 2   2   ?   ?   ?   A . n 
A 1 3   ASP 3   3   ?   ?   ?   A . n 
A 1 4   ASN 4   4   ?   ?   ?   A . n 
A 1 5   ASN 5   5   ?   ?   ?   A . n 
A 1 6   GLY 6   6   ?   ?   ?   A . n 
A 1 7   THR 7   7   ?   ?   ?   A . n 
A 1 8   PRO 8   8   ?   ?   ?   A . n 
A 1 9   GLU 9   9   ?   ?   ?   A . n 
A 1 10  PRO 10  10  ?   ?   ?   A . n 
A 1 11  GLN 11  11  ?   ?   ?   A . n 
A 1 12  VAL 12  12  ?   ?   ?   A . n 
A 1 13  GLU 13  13  ?   ?   ?   A . n 
A 1 14  THR 14  14  ?   ?   ?   A . n 
A 1 15  THR 15  15  ?   ?   ?   A . n 
A 1 16  SER 16  16  ?   ?   ?   A . n 
A 1 17  VAL 17  17  ?   ?   ?   A . n 
A 1 18  PHE 18  18  ?   ?   ?   A . n 
A 1 19  ARG 19  19  ?   ?   ?   A . n 
A 1 20  ALA 20  20  ?   ?   ?   A . n 
A 1 21  ASP 21  21  ?   ?   ?   A . n 
A 1 22  LEU 22  22  ?   ?   ?   A . n 
A 1 23  LEU 23  23  ?   ?   ?   A . n 
A 1 24  LYS 24  24  ?   ?   ?   A . n 
A 1 25  GLU 25  25  ?   ?   ?   A . n 
A 1 26  MET 26  26  ?   ?   ?   A . n 
A 1 27  GLU 27  27  ?   ?   ?   A . n 
A 1 28  SER 28  28  ?   ?   ?   A . n 
A 1 29  SER 29  29  ?   ?   ?   A . n 
A 1 30  THR 30  30  ?   ?   ?   A . n 
A 1 31  GLY 31  31  ?   ?   ?   A . n 
A 1 32  THR 32  32  ?   ?   ?   A . n 
A 1 33  ALA 33  33  ?   ?   ?   A . n 
A 1 34  PRO 34  34  ?   ?   ?   A . n 
A 1 35  ALA 35  35  ?   ?   ?   A . n 
A 1 36  SER 36  36  ?   ?   ?   A . n 
A 1 37  THR 37  37  ?   ?   ?   A . n 
A 1 38  GLY 38  38  ?   ?   ?   A . n 
A 1 39  ALA 39  39  ?   ?   ?   A . n 
A 1 40  GLU 40  40  ?   ?   ?   A . n 
A 1 41  ASN 41  41  ?   ?   ?   A . n 
A 1 42  LEU 42  42  42  LEU LEU A . n 
A 1 43  PRO 43  43  43  PRO PRO A . n 
A 1 44  ALA 44  44  44  ALA ALA A . n 
A 1 45  GLY 45  45  45  GLY GLY A . n 
A 1 46  SER 46  46  46  SER SER A . n 
A 1 47  ALA 47  47  47  ALA ALA A . n 
A 1 48  LEU 48  48  48  LEU LEU A . n 
A 1 49  LEU 49  49  49  LEU LEU A . n 
A 1 50  VAL 50  50  50  VAL VAL A . n 
A 1 51  VAL 51  51  51  VAL VAL A . n 
A 1 52  LYS 52  52  52  LYS LYS A . n 
A 1 53  ARG 53  53  53  ARG ARG A . n 
A 1 54  GLY 54  54  54  GLY GLY A . n 
A 1 55  PRO 55  55  55  PRO PRO A . n 
A 1 56  ASN 56  56  56  ASN ASN A . n 
A 1 57  ALA 57  57  57  ALA ALA A . n 
A 1 58  GLY 58  58  58  GLY GLY A . n 
A 1 59  ALA 59  59  59  ALA ALA A . n 
A 1 60  ARG 60  60  60  ARG ARG A . n 
A 1 61  PHE 61  61  61  PHE PHE A . n 
A 1 62  LEU 62  62  62  LEU LEU A . n 
A 1 63  LEU 63  63  63  LEU LEU A . n 
A 1 64  ASP 64  64  64  ASP ASP A . n 
A 1 65  GLN 65  65  65  GLN GLN A . n 
A 1 66  PRO 66  66  66  PRO PRO A . n 
A 1 67  THR 67  67  67  THR THR A . n 
A 1 68  THR 68  68  68  THR THR A . n 
A 1 69  THR 69  69  69  THR THR A . n 
A 1 70  ALA 70  70  70  ALA ALA A . n 
A 1 71  GLY 71  71  71  GLY GLY A . n 
A 1 72  ARG 72  72  72  ARG ARG A . n 
A 1 73  HIS 73  73  73  HIS HIS A . n 
A 1 74  PRO 74  74  74  PRO PRO A . n 
A 1 75  GLU 75  75  75  GLU GLU A . n 
A 1 76  SER 76  76  76  SER SER A . n 
A 1 77  ASP 77  77  77  ASP ASP A . n 
A 1 78  ILE 78  78  78  ILE ILE A . n 
A 1 79  PHE 79  79  79  PHE PHE A . n 
A 1 80  LEU 80  80  80  LEU LEU A . n 
A 1 81  ASP 81  81  81  ASP ASP A . n 
A 1 82  ASP 82  82  82  ASP ASP A . n 
A 1 83  VAL 83  83  83  VAL VAL A . n 
A 1 84  THR 84  84  84  THR THR A . n 
A 1 85  VAL 85  85  85  VAL VAL A . n 
A 1 86  SER 86  86  86  SER SER A . n 
A 1 87  ARG 87  87  87  ARG ARG A . n 
A 1 88  ARG 88  88  88  ARG ARG A . n 
A 1 89  HIS 89  89  89  HIS HIS A . n 
A 1 90  ALA 90  90  90  ALA ALA A . n 
A 1 91  GLU 91  91  91  GLU GLU A . n 
A 1 92  PHE 92  92  92  PHE PHE A . n 
A 1 93  ARG 93  93  93  ARG ARG A . n 
A 1 94  ILE 94  94  94  ILE ILE A . n 
A 1 95  ASN 95  95  95  ASN ASN A . n 
A 1 96  GLU 96  96  96  GLU GLU A . n 
A 1 97  GLY 97  97  97  GLY GLY A . n 
A 1 98  GLU 98  98  98  GLU GLU A . n 
A 1 99  PHE 99  99  99  PHE PHE A . n 
A 1 100 GLU 100 100 100 GLU GLU A . n 
A 1 101 VAL 101 101 101 VAL VAL A . n 
A 1 102 VAL 102 102 102 VAL VAL A . n 
A 1 103 ASP 103 103 103 ASP ASP A . n 
A 1 104 VAL 104 104 104 VAL VAL A . n 
A 1 105 GLY 105 105 105 GLY GLY A . n 
A 1 106 SER 106 106 106 SER SER A . n 
A 1 107 LEU 107 107 107 LEU LEU A . n 
A 1 108 ASN 108 108 108 ASN ASN A . n 
A 1 109 GLY 109 109 109 GLY GLY A . n 
A 1 110 THR 110 110 110 THR THR A . n 
A 1 111 TYR 111 111 111 TYR TYR A . n 
A 1 112 VAL 112 112 112 VAL VAL A . n 
A 1 113 ASN 113 113 113 ASN ASN A . n 
A 1 114 ARG 114 114 114 ARG ARG A . n 
A 1 115 GLU 115 115 115 GLU GLU A . n 
A 1 116 PRO 116 116 116 PRO PRO A . n 
A 1 117 ARG 117 117 117 ARG ARG A . n 
A 1 118 ASN 118 118 118 ASN ASN A . n 
A 1 119 ALA 119 119 119 ALA ALA A . n 
A 1 120 GLN 120 120 120 GLN GLN A . n 
A 1 121 VAL 121 121 121 VAL VAL A . n 
A 1 122 MET 122 122 122 MET MET A . n 
A 1 123 GLN 123 123 123 GLN GLN A . n 
A 1 124 THR 124 124 124 THR THR A . n 
A 1 125 GLY 125 125 125 GLY GLY A . n 
A 1 126 ASP 126 126 126 ASP ASP A . n 
A 1 127 GLU 127 127 127 GLU GLU A . n 
A 1 128 ILE 128 128 128 ILE ILE A . n 
A 1 129 GLN 129 129 129 GLN GLN A . n 
A 1 130 ILE 130 130 130 ILE ILE A . n 
A 1 131 GLY 131 131 131 GLY GLY A . n 
A 1 132 LYS 132 132 132 LYS LYS A . n 
A 1 133 PHE 133 133 133 PHE PHE A . n 
A 1 134 ARG 134 134 134 ARG ARG A . n 
A 1 135 LEU 135 135 135 LEU LEU A . n 
A 1 136 VAL 136 136 136 VAL VAL A . n 
A 1 137 PHE 137 137 137 PHE PHE A . n 
A 1 138 LEU 138 138 138 LEU LEU A . n 
A 1 139 ALA 139 139 139 ALA ALA A . n 
A 1 140 GLY 140 140 140 GLY GLY A . n 
A 1 141 PRO 141 141 141 PRO PRO A . n 
A 1 142 ALA 142 142 142 ALA ALA A . n 
A 1 143 GLU 143 143 ?   ?   ?   A . n 
# 
loop_
_pdbx_nonpoly_scheme.asym_id 
_pdbx_nonpoly_scheme.entity_id 
_pdbx_nonpoly_scheme.mon_id 
_pdbx_nonpoly_scheme.ndb_seq_num 
_pdbx_nonpoly_scheme.pdb_seq_num 
_pdbx_nonpoly_scheme.auth_seq_num 
_pdbx_nonpoly_scheme.pdb_mon_id 
_pdbx_nonpoly_scheme.auth_mon_id 
_pdbx_nonpoly_scheme.pdb_strand_id 
_pdbx_nonpoly_scheme.pdb_ins_code 
B 2 HOH 1   201 143 HOH HOH A . 
B 2 HOH 2   202 144 HOH HOH A . 
B 2 HOH 3   203 145 HOH HOH A . 
B 2 HOH 4   204 146 HOH HOH A . 
B 2 HOH 5   205 147 HOH HOH A . 
B 2 HOH 6   206 148 HOH HOH A . 
B 2 HOH 7   207 149 HOH HOH A . 
B 2 HOH 8   208 150 HOH HOH A . 
B 2 HOH 9   209 151 HOH HOH A . 
B 2 HOH 10  210 152 HOH HOH A . 
B 2 HOH 11  211 153 HOH HOH A . 
B 2 HOH 12  212 154 HOH HOH A . 
B 2 HOH 13  213 155 HOH HOH A . 
B 2 HOH 14  214 156 HOH HOH A . 
B 2 HOH 15  215 157 HOH HOH A . 
B 2 HOH 16  216 158 HOH HOH A . 
B 2 HOH 17  217 159 HOH HOH A . 
B 2 HOH 18  218 160 HOH HOH A . 
B 2 HOH 19  219 161 HOH HOH A . 
B 2 HOH 20  220 162 HOH HOH A . 
B 2 HOH 21  221 163 HOH HOH A . 
B 2 HOH 22  222 164 HOH HOH A . 
B 2 HOH 23  223 165 HOH HOH A . 
B 2 HOH 24  224 166 HOH HOH A . 
B 2 HOH 25  225 167 HOH HOH A . 
B 2 HOH 26  226 168 HOH HOH A . 
B 2 HOH 27  227 169 HOH HOH A . 
B 2 HOH 28  228 170 HOH HOH A . 
B 2 HOH 29  229 171 HOH HOH A . 
B 2 HOH 30  230 172 HOH HOH A . 
B 2 HOH 31  231 173 HOH HOH A . 
B 2 HOH 32  232 174 HOH HOH A . 
B 2 HOH 33  233 175 HOH HOH A . 
B 2 HOH 34  234 176 HOH HOH A . 
B 2 HOH 35  235 177 HOH HOH A . 
B 2 HOH 36  236 178 HOH HOH A . 
B 2 HOH 37  237 179 HOH HOH A . 
B 2 HOH 38  238 181 HOH HOH A . 
B 2 HOH 39  239 182 HOH HOH A . 
B 2 HOH 40  240 183 HOH HOH A . 
B 2 HOH 41  241 184 HOH HOH A . 
B 2 HOH 42  242 185 HOH HOH A . 
B 2 HOH 43  243 186 HOH HOH A . 
B 2 HOH 44  244 187 HOH HOH A . 
B 2 HOH 45  245 188 HOH HOH A . 
B 2 HOH 46  246 189 HOH HOH A . 
B 2 HOH 47  247 190 HOH HOH A . 
B 2 HOH 48  248 191 HOH HOH A . 
B 2 HOH 49  249 192 HOH HOH A . 
B 2 HOH 50  250 193 HOH HOH A . 
B 2 HOH 51  251 194 HOH HOH A . 
B 2 HOH 52  252 195 HOH HOH A . 
B 2 HOH 53  253 196 HOH HOH A . 
B 2 HOH 54  254 197 HOH HOH A . 
B 2 HOH 55  255 198 HOH HOH A . 
B 2 HOH 56  256 199 HOH HOH A . 
B 2 HOH 57  257 201 HOH HOH A . 
B 2 HOH 58  258 202 HOH HOH A . 
B 2 HOH 59  259 203 HOH HOH A . 
B 2 HOH 60  260 204 HOH HOH A . 
B 2 HOH 61  261 205 HOH HOH A . 
B 2 HOH 62  262 206 HOH HOH A . 
B 2 HOH 63  263 207 HOH HOH A . 
B 2 HOH 64  264 208 HOH HOH A . 
B 2 HOH 65  265 209 HOH HOH A . 
B 2 HOH 66  266 210 HOH HOH A . 
B 2 HOH 67  267 211 HOH HOH A . 
B 2 HOH 68  268 212 HOH HOH A . 
B 2 HOH 69  269 213 HOH HOH A . 
B 2 HOH 70  270 214 HOH HOH A . 
B 2 HOH 71  271 215 HOH HOH A . 
B 2 HOH 72  272 217 HOH HOH A . 
B 2 HOH 73  273 218 HOH HOH A . 
B 2 HOH 74  274 219 HOH HOH A . 
B 2 HOH 75  275 220 HOH HOH A . 
B 2 HOH 76  276 221 HOH HOH A . 
B 2 HOH 77  277 222 HOH HOH A . 
B 2 HOH 78  278 223 HOH HOH A . 
B 2 HOH 79  279 225 HOH HOH A . 
B 2 HOH 80  280 226 HOH HOH A . 
B 2 HOH 81  281 227 HOH HOH A . 
B 2 HOH 82  282 228 HOH HOH A . 
B 2 HOH 83  283 229 HOH HOH A . 
B 2 HOH 84  284 230 HOH HOH A . 
B 2 HOH 85  285 231 HOH HOH A . 
B 2 HOH 86  286 232 HOH HOH A . 
B 2 HOH 87  287 233 HOH HOH A . 
B 2 HOH 88  288 234 HOH HOH A . 
B 2 HOH 89  289 235 HOH HOH A . 
B 2 HOH 90  290 236 HOH HOH A . 
B 2 HOH 91  291 237 HOH HOH A . 
B 2 HOH 92  292 238 HOH HOH A . 
B 2 HOH 93  293 239 HOH HOH A . 
B 2 HOH 94  294 240 HOH HOH A . 
B 2 HOH 95  295 241 HOH HOH A . 
B 2 HOH 96  296 242 HOH HOH A . 
B 2 HOH 97  297 243 HOH HOH A . 
B 2 HOH 98  298 245 HOH HOH A . 
B 2 HOH 99  299 246 HOH HOH A . 
B 2 HOH 100 300 247 HOH HOH A . 
B 2 HOH 101 301 248 HOH HOH A . 
B 2 HOH 102 302 249 HOH HOH A . 
B 2 HOH 103 303 250 HOH HOH A . 
B 2 HOH 104 304 251 HOH HOH A . 
B 2 HOH 105 305 252 HOH HOH A . 
B 2 HOH 106 306 253 HOH HOH A . 
B 2 HOH 107 307 254 HOH HOH A . 
B 2 HOH 108 308 255 HOH HOH A . 
B 2 HOH 109 309 256 HOH HOH A . 
B 2 HOH 110 310 257 HOH HOH A . 
B 2 HOH 111 311 258 HOH HOH A . 
B 2 HOH 112 312 259 HOH HOH A . 
B 2 HOH 113 313 260 HOH HOH A . 
B 2 HOH 114 314 262 HOH HOH A . 
B 2 HOH 115 315 263 HOH HOH A . 
B 2 HOH 116 316 264 HOH HOH A . 
B 2 HOH 117 317 265 HOH HOH A . 
B 2 HOH 118 318 266 HOH HOH A . 
B 2 HOH 119 319 267 HOH HOH A . 
B 2 HOH 120 320 268 HOH HOH A . 
B 2 HOH 121 321 269 HOH HOH A . 
B 2 HOH 122 322 271 HOH HOH A . 
B 2 HOH 123 323 272 HOH HOH A . 
B 2 HOH 124 324 273 HOH HOH A . 
B 2 HOH 125 325 274 HOH HOH A . 
B 2 HOH 126 326 275 HOH HOH A . 
B 2 HOH 127 327 276 HOH HOH A . 
B 2 HOH 128 328 278 HOH HOH A . 
B 2 HOH 129 329 280 HOH HOH A . 
B 2 HOH 130 330 281 HOH HOH A . 
B 2 HOH 131 331 282 HOH HOH A . 
B 2 HOH 132 332 283 HOH HOH A . 
B 2 HOH 133 333 284 HOH HOH A . 
B 2 HOH 134 334 285 HOH HOH A . 
B 2 HOH 135 335 286 HOH HOH A . 
# 
loop_
_software.name 
_software.classification 
_software.version 
_software.citation_id 
_software.pdbx_ordinal 
ADSC   'data collection' Quantum                       ? 1 
MOLREP phasing           .                             ? 2 
PHENIX refinement        '(phenix.refine: 1.8.1_1168)' ? 3 
MOSFLM 'data reduction'  .                             ? 4 
SCALA  'data scaling'    .                             ? 5 
# 
_cell.entry_id           4QCJ 
_cell.length_a           51.026 
_cell.length_b           51.229 
_cell.length_c           35.520 
_cell.angle_alpha        90.00 
_cell.angle_beta         90.00 
_cell.angle_gamma        90.00 
_cell.Z_PDB              4 
_cell.pdbx_unique_axis   ? 
_cell.length_a_esd       ? 
_cell.length_b_esd       ? 
_cell.length_c_esd       ? 
_cell.angle_alpha_esd    ? 
_cell.angle_beta_esd     ? 
_cell.angle_gamma_esd    ? 
# 
_symmetry.entry_id                         4QCJ 
_symmetry.space_group_name_H-M             'P 21 21 2' 
_symmetry.pdbx_full_space_group_name_H-M   ? 
_symmetry.cell_setting                     ? 
_symmetry.Int_Tables_number                18 
_symmetry.space_group_name_Hall            ? 
# 
_exptl.entry_id          4QCJ 
_exptl.method            'X-RAY DIFFRACTION' 
_exptl.crystals_number   1 
# 
_exptl_crystal.id                    1 
_exptl_crystal.density_meas          ? 
_exptl_crystal.density_Matthews      1.51 
_exptl_crystal.density_percent_sol   18.31 
_exptl_crystal.description           ? 
_exptl_crystal.F_000                 ? 
_exptl_crystal.preparation           ? 
# 
_exptl_crystal_grow.crystal_id      1 
_exptl_crystal_grow.method          'VAPOR DIFFUSION' 
_exptl_crystal_grow.temp            291 
_exptl_crystal_grow.temp_details    ? 
_exptl_crystal_grow.pH              7.5 
_exptl_crystal_grow.pdbx_details    '17% PEG 3350, 0.2 M Sodium malonate, 0.1 M Hepes, pH 7.5, VAPOR DIFFUSION, temperature 291K' 
_exptl_crystal_grow.pdbx_pH_range   ? 
# 
_diffrn.id                     1 
_diffrn.ambient_temp           100 
_diffrn.ambient_temp_details   ? 
_diffrn.crystal_id             1 
# 
_diffrn_detector.diffrn_id              1 
_diffrn_detector.detector               CCD 
_diffrn_detector.type                   'ADSC QUANTUM 210' 
_diffrn_detector.pdbx_collection_date   2009-09-13 
_diffrn_detector.details                ? 
# 
_diffrn_radiation.diffrn_id                        1 
_diffrn_radiation.wavelength_id                    1 
_diffrn_radiation.pdbx_monochromatic_or_laue_m_l   M 
_diffrn_radiation.monochromator                    diamond 
_diffrn_radiation.pdbx_diffrn_protocol             'SINGLE WAVELENGTH' 
_diffrn_radiation.pdbx_scattering_type             x-ray 
# 
_diffrn_radiation_wavelength.id           1 
_diffrn_radiation_wavelength.wavelength   1.0 
_diffrn_radiation_wavelength.wt           1.0 
# 
_diffrn_source.diffrn_id                   1 
_diffrn_source.source                      SYNCHROTRON 
_diffrn_source.type                        'ESRF BEAMLINE ID14-1' 
_diffrn_source.pdbx_synchrotron_site       ESRF 
_diffrn_source.pdbx_synchrotron_beamline   ID14-1 
_diffrn_source.pdbx_wavelength             ? 
_diffrn_source.pdbx_wavelength_list        1.0 
# 
_reflns.entry_id                     4QCJ 
_reflns.observed_criterion_sigma_I   2 
_reflns.observed_criterion_sigma_F   20894 
_reflns.d_resolution_low             51 
_reflns.d_resolution_high            2 
_reflns.number_obs                   6634 
_reflns.number_all                   6688 
_reflns.percent_possible_obs         99.2 
_reflns.pdbx_Rmerge_I_obs            ? 
_reflns.pdbx_Rsym_value              ? 
_reflns.pdbx_netI_over_sigmaI        ? 
_reflns.B_iso_Wilson_estimate        ? 
_reflns.pdbx_redundancy              ? 
_reflns.R_free_details               ? 
_reflns.limit_h_max                  ? 
_reflns.limit_h_min                  ? 
_reflns.limit_k_max                  ? 
_reflns.limit_k_min                  ? 
_reflns.limit_l_max                  ? 
_reflns.limit_l_min                  ? 
_reflns.observed_criterion_F_max     ? 
_reflns.observed_criterion_F_min     ? 
_reflns.pdbx_chi_squared             ? 
_reflns.pdbx_scaling_rejects         ? 
_reflns.pdbx_ordinal                 1 
_reflns.pdbx_diffrn_id               1 
# 
_reflns_shell.d_res_high             2.0 
_reflns_shell.d_res_low              2.11 
_reflns_shell.percent_possible_all   99.7 
_reflns_shell.Rmerge_I_obs           ? 
_reflns_shell.pdbx_Rsym_value        ? 
_reflns_shell.meanI_over_sigI_obs    ? 
_reflns_shell.pdbx_redundancy        ? 
_reflns_shell.percent_possible_obs   ? 
_reflns_shell.number_unique_all      ? 
_reflns_shell.number_measured_all    ? 
_reflns_shell.number_measured_obs    ? 
_reflns_shell.number_unique_obs      ? 
_reflns_shell.pdbx_chi_squared       ? 
_reflns_shell.pdbx_ordinal           1 
_reflns_shell.pdbx_diffrn_id         1 
# 
_refine.entry_id                                 4QCJ 
_refine.ls_number_reflns_obs                     6611 
_refine.ls_number_reflns_all                     6688 
_refine.pdbx_ls_sigma_I                          ? 
_refine.pdbx_ls_sigma_F                          1.38 
_refine.pdbx_data_cutoff_high_absF               ? 
_refine.pdbx_data_cutoff_low_absF                ? 
_refine.pdbx_data_cutoff_high_rms_absF           ? 
_refine.ls_d_res_low                             29.190 
_refine.ls_d_res_high                            2.000 
_refine.ls_percent_reflns_obs                    99.01 
_refine.ls_R_factor_obs                          0.1797 
_refine.ls_R_factor_all                          ? 
_refine.ls_R_factor_R_work                       0.1734 
_refine.ls_R_factor_R_free                       0.2400 
_refine.ls_R_factor_R_free_error                 ? 
_refine.ls_R_factor_R_free_error_details         ? 
_refine.ls_percent_reflns_R_free                 9.67 
_refine.ls_number_reflns_R_free                  639 
_refine.ls_number_parameters                     ? 
_refine.ls_number_restraints                     ? 
_refine.occupancy_min                            ? 
_refine.occupancy_max                            ? 
_refine.correlation_coeff_Fo_to_Fc               ? 
_refine.correlation_coeff_Fo_to_Fc_free          ? 
_refine.B_iso_mean                               ? 
_refine.aniso_B[1][1]                            ? 
_refine.aniso_B[2][2]                            ? 
_refine.aniso_B[3][3]                            ? 
_refine.aniso_B[1][2]                            ? 
_refine.aniso_B[1][3]                            ? 
_refine.aniso_B[2][3]                            ? 
_refine.solvent_model_details                    'FLAT BULK SOLVENT MODEL' 
_refine.solvent_model_param_ksol                 ? 
_refine.solvent_model_param_bsol                 ? 
_refine.pdbx_solvent_vdw_probe_radii             1.11 
_refine.pdbx_solvent_ion_probe_radii             ? 
_refine.pdbx_solvent_shrinkage_radii             0.90 
_refine.pdbx_ls_cross_valid_method               ? 
_refine.details                                  ? 
_refine.pdbx_starting_model                      ? 
_refine.pdbx_method_to_determine_struct          'MOLECULAR REPLACEMENT' 
_refine.pdbx_isotropic_thermal_model             ? 
_refine.pdbx_stereochemistry_target_values       ML 
_refine.pdbx_stereochem_target_val_spec_case     ? 
_refine.pdbx_R_Free_selection_details            random 
_refine.pdbx_overall_ESU_R                       ? 
_refine.pdbx_overall_ESU_R_Free                  ? 
_refine.overall_SU_ML                            0.17 
_refine.pdbx_overall_phase_error                 21.24 
_refine.overall_SU_B                             ? 
_refine.overall_SU_R_Cruickshank_DPI             ? 
_refine.ls_redundancy_reflns_obs                 ? 
_refine.B_iso_min                                ? 
_refine.B_iso_max                                ? 
_refine.overall_SU_R_free                        ? 
_refine.ls_wR_factor_R_free                      ? 
_refine.ls_wR_factor_R_work                      ? 
_refine.overall_FOM_free_R_set                   ? 
_refine.overall_FOM_work_R_set                   ? 
_refine.pdbx_diffrn_id                           1 
_refine.pdbx_refine_id                           'X-RAY DIFFRACTION' 
_refine.pdbx_TLS_residual_ADP_flag               ? 
_refine.pdbx_overall_SU_R_free_Cruickshank_DPI   ? 
_refine.pdbx_overall_SU_R_Blow_DPI               ? 
_refine.pdbx_overall_SU_R_free_Blow_DPI          ? 
# 
_refine_hist.pdbx_refine_id                   'X-RAY DIFFRACTION' 
_refine_hist.cycle_id                         LAST 
_refine_hist.pdbx_number_atoms_protein        777 
_refine_hist.pdbx_number_atoms_nucleic_acid   0 
_refine_hist.pdbx_number_atoms_ligand         0 
_refine_hist.number_atoms_solvent             135 
_refine_hist.number_atoms_total               912 
_refine_hist.d_res_high                       2.000 
_refine_hist.d_res_low                        29.190 
# 
loop_
_refine_ls_restr.type 
_refine_ls_restr.dev_ideal 
_refine_ls_restr.dev_ideal_target 
_refine_ls_restr.weight 
_refine_ls_restr.number 
_refine_ls_restr.pdbx_restraint_function 
_refine_ls_restr.pdbx_refine_id 
f_bond_d           0.007  ? ? 791  ? 'X-RAY DIFFRACTION' 
f_angle_d          1.057  ? ? 1072 ? 'X-RAY DIFFRACTION' 
f_dihedral_angle_d 12.841 ? ? 294  ? 'X-RAY DIFFRACTION' 
f_chiral_restr     0.072  ? ? 120  ? 'X-RAY DIFFRACTION' 
f_plane_restr      0.004  ? ? 146  ? 'X-RAY DIFFRACTION' 
# 
loop_
_refine_ls_shell.pdbx_total_number_of_bins_used 
_refine_ls_shell.d_res_high 
_refine_ls_shell.d_res_low 
_refine_ls_shell.number_reflns_R_work 
_refine_ls_shell.R_factor_R_work 
_refine_ls_shell.percent_reflns_obs 
_refine_ls_shell.R_factor_R_free 
_refine_ls_shell.R_factor_R_free_error 
_refine_ls_shell.percent_reflns_R_free 
_refine_ls_shell.number_reflns_R_free 
_refine_ls_shell.number_reflns_all 
_refine_ls_shell.R_factor_all 
_refine_ls_shell.number_reflns_obs 
_refine_ls_shell.redundancy_reflns_obs 
_refine_ls_shell.pdbx_refine_id 
. 2.0003 2.1547  1176 0.1832 100.00 0.2395 . . 125 . . . . 'X-RAY DIFFRACTION' 
. 2.1547 2.3715  1167 0.1738 99.00  0.2695 . . 129 . . . . 'X-RAY DIFFRACTION' 
. 2.3715 2.7144  1179 0.1837 99.00  0.2634 . . 129 . . . . 'X-RAY DIFFRACTION' 
. 2.7144 3.4191  1193 0.1797 99.00  0.2203 . . 123 . . . . 'X-RAY DIFFRACTION' 
. 3.4191 29.1930 1257 0.1616 98.00  0.2289 . . 133 . . . . 'X-RAY DIFFRACTION' 
# 
_struct.entry_id                  4QCJ 
_struct.title                     'Crystal Structure of OdhI from Corynebacterium glutamicum' 
_struct.pdbx_model_details        ? 
_struct.pdbx_CASP_flag            ? 
_struct.pdbx_model_type_details   ? 
# 
_struct_keywords.entry_id        4QCJ 
_struct_keywords.pdbx_keywords   'PROTEIN BINDING' 
_struct_keywords.text            'FHA-domain, Signal transduction, ODHA, PROTEIN BINDING' 
# 
loop_
_struct_asym.id 
_struct_asym.pdbx_blank_PDB_chainid_flag 
_struct_asym.pdbx_modified 
_struct_asym.entity_id 
_struct_asym.details 
A N N 1 ? 
B N N 2 ? 
# 
_struct_ref.id                         1 
_struct_ref.db_name                    UNP 
_struct_ref.db_code                    ODHI_CORGL 
_struct_ref.pdbx_db_accession          Q8NQJ3 
_struct_ref.entity_id                  1 
_struct_ref.pdbx_seq_one_letter_code   
;MSDNNGTPEPQVETTSVFRADLLKEMESSTGTAPASTGAENLPAGSALLVVKRGPNAGARFLLDQPTTTAGRHPESDIFL
DDVTVSRRHAEFRINEGEFEVVDVGSLNGTYVNREPRNAQVMQTGDEIQIGKFRLVFLAGPAE
;
_struct_ref.pdbx_align_begin           1 
_struct_ref.pdbx_db_isoform            ? 
# 
_struct_ref_seq.align_id                      1 
_struct_ref_seq.ref_id                        1 
_struct_ref_seq.pdbx_PDB_id_code              4QCJ 
_struct_ref_seq.pdbx_strand_id                A 
_struct_ref_seq.seq_align_beg                 1 
_struct_ref_seq.pdbx_seq_align_beg_ins_code   ? 
_struct_ref_seq.seq_align_end                 143 
_struct_ref_seq.pdbx_seq_align_end_ins_code   ? 
_struct_ref_seq.pdbx_db_accession             Q8NQJ3 
_struct_ref_seq.db_align_beg                  1 
_struct_ref_seq.pdbx_db_align_beg_ins_code    ? 
_struct_ref_seq.db_align_end                  143 
_struct_ref_seq.pdbx_db_align_end_ins_code    ? 
_struct_ref_seq.pdbx_auth_seq_align_beg       1 
_struct_ref_seq.pdbx_auth_seq_align_end       143 
# 
_pdbx_struct_assembly.id                   1 
_pdbx_struct_assembly.details              author_and_software_defined_assembly 
_pdbx_struct_assembly.method_details       PISA 
_pdbx_struct_assembly.oligomeric_details   monomeric 
_pdbx_struct_assembly.oligomeric_count     1 
# 
_pdbx_struct_assembly_gen.assembly_id       1 
_pdbx_struct_assembly_gen.oper_expression   1 
_pdbx_struct_assembly_gen.asym_id_list      A,B 
# 
_pdbx_struct_oper_list.id                   1 
_pdbx_struct_oper_list.type                 'identity operation' 
_pdbx_struct_oper_list.name                 1_555 
_pdbx_struct_oper_list.symmetry_operation   x,y,z 
_pdbx_struct_oper_list.matrix[1][1]         1.0000000000 
_pdbx_struct_oper_list.matrix[1][2]         0.0000000000 
_pdbx_struct_oper_list.matrix[1][3]         0.0000000000 
_pdbx_struct_oper_list.vector[1]            0.0000000000 
_pdbx_struct_oper_list.matrix[2][1]         0.0000000000 
_pdbx_struct_oper_list.matrix[2][2]         1.0000000000 
_pdbx_struct_oper_list.matrix[2][3]         0.0000000000 
_pdbx_struct_oper_list.vector[2]            0.0000000000 
_pdbx_struct_oper_list.matrix[3][1]         0.0000000000 
_pdbx_struct_oper_list.matrix[3][2]         0.0000000000 
_pdbx_struct_oper_list.matrix[3][3]         1.0000000000 
_pdbx_struct_oper_list.vector[3]            0.0000000000 
# 
_struct_biol.id        1 
_struct_biol.details   ? 
# 
_struct_mon_prot_cis.pdbx_id                1 
_struct_mon_prot_cis.label_comp_id          ASN 
_struct_mon_prot_cis.label_seq_id           95 
_struct_mon_prot_cis.label_asym_id          A 
_struct_mon_prot_cis.label_alt_id           . 
_struct_mon_prot_cis.pdbx_PDB_ins_code      ? 
_struct_mon_prot_cis.auth_comp_id           ASN 
_struct_mon_prot_cis.auth_seq_id            95 
_struct_mon_prot_cis.auth_asym_id           A 
_struct_mon_prot_cis.pdbx_label_comp_id_2   GLU 
_struct_mon_prot_cis.pdbx_label_seq_id_2    96 
_struct_mon_prot_cis.pdbx_label_asym_id_2   A 
_struct_mon_prot_cis.pdbx_PDB_ins_code_2    ? 
_struct_mon_prot_cis.pdbx_auth_comp_id_2    GLU 
_struct_mon_prot_cis.pdbx_auth_seq_id_2     96 
_struct_mon_prot_cis.pdbx_auth_asym_id_2    A 
_struct_mon_prot_cis.pdbx_PDB_model_num     1 
_struct_mon_prot_cis.pdbx_omega_angle       -2.28 
# 
loop_
_struct_sheet.id 
_struct_sheet.type 
_struct_sheet.number_strands 
_struct_sheet.details 
A ? 6 ? 
B ? 5 ? 
# 
loop_
_struct_sheet_order.sheet_id 
_struct_sheet_order.range_id_1 
_struct_sheet_order.range_id_2 
_struct_sheet_order.offset 
_struct_sheet_order.sense 
A 1 2 ? anti-parallel 
A 2 3 ? anti-parallel 
A 3 4 ? anti-parallel 
A 4 5 ? anti-parallel 
A 5 6 ? anti-parallel 
B 1 2 ? parallel      
B 2 3 ? anti-parallel 
B 3 4 ? anti-parallel 
B 4 5 ? anti-parallel 
# 
loop_
_struct_sheet_range.sheet_id 
_struct_sheet_range.id 
_struct_sheet_range.beg_label_comp_id 
_struct_sheet_range.beg_label_asym_id 
_struct_sheet_range.beg_label_seq_id 
_struct_sheet_range.pdbx_beg_PDB_ins_code 
_struct_sheet_range.end_label_comp_id 
_struct_sheet_range.end_label_asym_id 
_struct_sheet_range.end_label_seq_id 
_struct_sheet_range.pdbx_end_PDB_ins_code 
_struct_sheet_range.beg_auth_comp_id 
_struct_sheet_range.beg_auth_asym_id 
_struct_sheet_range.beg_auth_seq_id 
_struct_sheet_range.end_auth_comp_id 
_struct_sheet_range.end_auth_asym_id 
_struct_sheet_range.end_auth_seq_id 
A 1 ARG A 60  ? LEU A 63  ? ARG A 60  LEU A 63  
A 2 ALA A 47  ? ARG A 53  ? ALA A 47  ARG A 53  
A 3 PHE A 133 ? ALA A 139 ? PHE A 133 ALA A 139 
A 4 GLU A 127 ? ILE A 130 ? GLU A 127 ILE A 130 
A 5 THR A 110 ? VAL A 112 ? THR A 110 VAL A 112 
A 6 GLU A 115 ? PRO A 116 ? GLU A 115 PRO A 116 
B 1 ILE A 78  ? PHE A 79  ? ILE A 78  PHE A 79  
B 2 THR A 67  ? GLY A 71  ? THR A 67  GLY A 71  
B 3 ALA A 90  ? ILE A 94  ? ALA A 90  ILE A 94  
B 4 PHE A 99  ? ASP A 103 ? PHE A 99  ASP A 103 
B 5 ALA A 119 ? VAL A 121 ? ALA A 119 VAL A 121 
# 
loop_
_pdbx_struct_sheet_hbond.sheet_id 
_pdbx_struct_sheet_hbond.range_id_1 
_pdbx_struct_sheet_hbond.range_id_2 
_pdbx_struct_sheet_hbond.range_1_label_atom_id 
_pdbx_struct_sheet_hbond.range_1_label_comp_id 
_pdbx_struct_sheet_hbond.range_1_label_asym_id 
_pdbx_struct_sheet_hbond.range_1_label_seq_id 
_pdbx_struct_sheet_hbond.range_1_PDB_ins_code 
_pdbx_struct_sheet_hbond.range_1_auth_atom_id 
_pdbx_struct_sheet_hbond.range_1_auth_comp_id 
_pdbx_struct_sheet_hbond.range_1_auth_asym_id 
_pdbx_struct_sheet_hbond.range_1_auth_seq_id 
_pdbx_struct_sheet_hbond.range_2_label_atom_id 
_pdbx_struct_sheet_hbond.range_2_label_comp_id 
_pdbx_struct_sheet_hbond.range_2_label_asym_id 
_pdbx_struct_sheet_hbond.range_2_label_seq_id 
_pdbx_struct_sheet_hbond.range_2_PDB_ins_code 
_pdbx_struct_sheet_hbond.range_2_auth_atom_id 
_pdbx_struct_sheet_hbond.range_2_auth_comp_id 
_pdbx_struct_sheet_hbond.range_2_auth_asym_id 
_pdbx_struct_sheet_hbond.range_2_auth_seq_id 
A 1 2 O LEU A 63  ? O LEU A 63  N ALA A 47  ? N ALA A 47  
A 2 3 N LYS A 52  ? N LYS A 52  O ARG A 134 ? O ARG A 134 
A 3 4 O LEU A 135 ? O LEU A 135 N ILE A 128 ? N ILE A 128 
A 4 5 O GLN A 129 ? O GLN A 129 N TYR A 111 ? N TYR A 111 
A 5 6 N VAL A 112 ? N VAL A 112 O GLU A 115 ? O GLU A 115 
B 1 2 O ILE A 78  ? O ILE A 78  N THR A 69  ? N THR A 69  
B 2 3 N THR A 68  ? N THR A 68  O PHE A 92  ? O PHE A 92  
B 3 4 N ARG A 93  ? N ARG A 93  O GLU A 100 ? O GLU A 100 
B 4 5 N VAL A 101 ? N VAL A 101 O GLN A 120 ? O GLN A 120 
# 
_pdbx_validate_close_contact.id               1 
_pdbx_validate_close_contact.PDB_model_num    1 
_pdbx_validate_close_contact.auth_atom_id_1   O 
_pdbx_validate_close_contact.auth_asym_id_1   A 
_pdbx_validate_close_contact.auth_comp_id_1   HOH 
_pdbx_validate_close_contact.auth_seq_id_1    313 
_pdbx_validate_close_contact.PDB_ins_code_1   ? 
_pdbx_validate_close_contact.label_alt_id_1   ? 
_pdbx_validate_close_contact.auth_atom_id_2   O 
_pdbx_validate_close_contact.auth_asym_id_2   A 
_pdbx_validate_close_contact.auth_comp_id_2   HOH 
_pdbx_validate_close_contact.auth_seq_id_2    332 
_pdbx_validate_close_contact.PDB_ins_code_2   ? 
_pdbx_validate_close_contact.label_alt_id_2   ? 
_pdbx_validate_close_contact.dist             2.18 
# 
loop_
_pdbx_validate_torsion.id 
_pdbx_validate_torsion.PDB_model_num 
_pdbx_validate_torsion.auth_comp_id 
_pdbx_validate_torsion.auth_asym_id 
_pdbx_validate_torsion.auth_seq_id 
_pdbx_validate_torsion.PDB_ins_code 
_pdbx_validate_torsion.label_alt_id 
_pdbx_validate_torsion.phi 
_pdbx_validate_torsion.psi 
1 1 ASP A 64  ? ? -146.16 37.32 
2 1 ARG A 114 ? ? 79.04   -3.70 
# 
_pdbx_struct_special_symmetry.id              1 
_pdbx_struct_special_symmetry.PDB_model_num   1 
_pdbx_struct_special_symmetry.auth_asym_id    A 
_pdbx_struct_special_symmetry.auth_comp_id    HOH 
_pdbx_struct_special_symmetry.auth_seq_id     287 
_pdbx_struct_special_symmetry.PDB_ins_code    ? 
_pdbx_struct_special_symmetry.label_asym_id   B 
_pdbx_struct_special_symmetry.label_comp_id   HOH 
_pdbx_struct_special_symmetry.label_seq_id    . 
# 
_pdbx_refine_tls.pdbx_refine_id   'X-RAY DIFFRACTION' 
_pdbx_refine_tls.id               1 
_pdbx_refine_tls.details          ? 
_pdbx_refine_tls.method           refined 
_pdbx_refine_tls.origin_x         0.2360 
_pdbx_refine_tls.origin_y         0.3809 
_pdbx_refine_tls.origin_z         -0.1573 
_pdbx_refine_tls.T[1][1]          0.0647 
_pdbx_refine_tls.T[2][2]          0.0285 
_pdbx_refine_tls.T[3][3]          0.0184 
_pdbx_refine_tls.T[1][2]          -0.0387 
_pdbx_refine_tls.T[1][3]          -0.0003 
_pdbx_refine_tls.T[2][3]          0.0308 
_pdbx_refine_tls.L[1][1]          0.1084 
_pdbx_refine_tls.L[2][2]          0.0674 
_pdbx_refine_tls.L[3][3]          0.0542 
_pdbx_refine_tls.L[1][2]          -0.0096 
_pdbx_refine_tls.L[1][3]          -0.0276 
_pdbx_refine_tls.L[2][3]          0.0107 
_pdbx_refine_tls.S[1][1]          -0.0133 
_pdbx_refine_tls.S[1][2]          -0.0298 
_pdbx_refine_tls.S[1][3]          -0.0652 
_pdbx_refine_tls.S[2][1]          -0.0520 
_pdbx_refine_tls.S[2][2]          0.0332 
_pdbx_refine_tls.S[2][3]          -0.0303 
_pdbx_refine_tls.S[3][1]          -0.0025 
_pdbx_refine_tls.S[3][2]          -0.0622 
_pdbx_refine_tls.S[3][3]          0.0683 
# 
_pdbx_refine_tls_group.pdbx_refine_id      'X-RAY DIFFRACTION' 
_pdbx_refine_tls_group.id                  1 
_pdbx_refine_tls_group.refine_tls_id       1 
_pdbx_refine_tls_group.beg_auth_asym_id    ? 
_pdbx_refine_tls_group.beg_auth_seq_id     ? 
_pdbx_refine_tls_group.beg_label_asym_id   ? 
_pdbx_refine_tls_group.beg_label_seq_id    ? 
_pdbx_refine_tls_group.end_auth_asym_id    ? 
_pdbx_refine_tls_group.end_auth_seq_id     ? 
_pdbx_refine_tls_group.end_label_asym_id   ? 
_pdbx_refine_tls_group.end_label_seq_id    ? 
_pdbx_refine_tls_group.selection           ? 
_pdbx_refine_tls_group.selection_details   all 
# 
loop_
_pdbx_unobs_or_zero_occ_residues.id 
_pdbx_unobs_or_zero_occ_residues.PDB_model_num 
_pdbx_unobs_or_zero_occ_residues.polymer_flag 
_pdbx_unobs_or_zero_occ_residues.occupancy_flag 
_pdbx_unobs_or_zero_occ_residues.auth_asym_id 
_pdbx_unobs_or_zero_occ_residues.auth_comp_id 
_pdbx_unobs_or_zero_occ_residues.auth_seq_id 
_pdbx_unobs_or_zero_occ_residues.PDB_ins_code 
_pdbx_unobs_or_zero_occ_residues.label_asym_id 
_pdbx_unobs_or_zero_occ_residues.label_comp_id 
_pdbx_unobs_or_zero_occ_residues.label_seq_id 
1  1 Y 1 A MET 1   ? A MET 1   
2  1 Y 1 A SER 2   ? A SER 2   
3  1 Y 1 A ASP 3   ? A ASP 3   
4  1 Y 1 A ASN 4   ? A ASN 4   
5  1 Y 1 A ASN 5   ? A ASN 5   
6  1 Y 1 A GLY 6   ? A GLY 6   
7  1 Y 1 A THR 7   ? A THR 7   
8  1 Y 1 A PRO 8   ? A PRO 8   
9  1 Y 1 A GLU 9   ? A GLU 9   
10 1 Y 1 A PRO 10  ? A PRO 10  
11 1 Y 1 A GLN 11  ? A GLN 11  
12 1 Y 1 A VAL 12  ? A VAL 12  
13 1 Y 1 A GLU 13  ? A GLU 13  
14 1 Y 1 A THR 14  ? A THR 14  
15 1 Y 1 A THR 15  ? A THR 15  
16 1 Y 1 A SER 16  ? A SER 16  
17 1 Y 1 A VAL 17  ? A VAL 17  
18 1 Y 1 A PHE 18  ? A PHE 18  
19 1 Y 1 A ARG 19  ? A ARG 19  
20 1 Y 1 A ALA 20  ? A ALA 20  
21 1 Y 1 A ASP 21  ? A ASP 21  
22 1 Y 1 A LEU 22  ? A LEU 22  
23 1 Y 1 A LEU 23  ? A LEU 23  
24 1 Y 1 A LYS 24  ? A LYS 24  
25 1 Y 1 A GLU 25  ? A GLU 25  
26 1 Y 1 A MET 26  ? A MET 26  
27 1 Y 1 A GLU 27  ? A GLU 27  
28 1 Y 1 A SER 28  ? A SER 28  
29 1 Y 1 A SER 29  ? A SER 29  
30 1 Y 1 A THR 30  ? A THR 30  
31 1 Y 1 A GLY 31  ? A GLY 31  
32 1 Y 1 A THR 32  ? A THR 32  
33 1 Y 1 A ALA 33  ? A ALA 33  
34 1 Y 1 A PRO 34  ? A PRO 34  
35 1 Y 1 A ALA 35  ? A ALA 35  
36 1 Y 1 A SER 36  ? A SER 36  
37 1 Y 1 A THR 37  ? A THR 37  
38 1 Y 1 A GLY 38  ? A GLY 38  
39 1 Y 1 A ALA 39  ? A ALA 39  
40 1 Y 1 A GLU 40  ? A GLU 40  
41 1 Y 1 A ASN 41  ? A ASN 41  
42 1 Y 1 A GLU 143 ? A GLU 143 
# 
loop_
_chem_comp_atom.comp_id 
_chem_comp_atom.atom_id 
_chem_comp_atom.type_symbol 
_chem_comp_atom.pdbx_aromatic_flag 
_chem_comp_atom.pdbx_stereo_config 
_chem_comp_atom.pdbx_ordinal 
ALA N    N N N 1   
ALA CA   C N S 2   
ALA C    C N N 3   
ALA O    O N N 4   
ALA CB   C N N 5   
ALA OXT  O N N 6   
ALA H    H N N 7   
ALA H2   H N N 8   
ALA HA   H N N 9   
ALA HB1  H N N 10  
ALA HB2  H N N 11  
ALA HB3  H N N 12  
ALA HXT  H N N 13  
ARG N    N N N 14  
ARG CA   C N S 15  
ARG C    C N N 16  
ARG O    O N N 17  
ARG CB   C N N 18  
ARG CG   C N N 19  
ARG CD   C N N 20  
ARG NE   N N N 21  
ARG CZ   C N N 22  
ARG NH1  N N N 23  
ARG NH2  N N N 24  
ARG OXT  O N N 25  
ARG H    H N N 26  
ARG H2   H N N 27  
ARG HA   H N N 28  
ARG HB2  H N N 29  
ARG HB3  H N N 30  
ARG HG2  H N N 31  
ARG HG3  H N N 32  
ARG HD2  H N N 33  
ARG HD3  H N N 34  
ARG HE   H N N 35  
ARG HH11 H N N 36  
ARG HH12 H N N 37  
ARG HH21 H N N 38  
ARG HH22 H N N 39  
ARG HXT  H N N 40  
ASN N    N N N 41  
ASN CA   C N S 42  
ASN C    C N N 43  
ASN O    O N N 44  
ASN CB   C N N 45  
ASN CG   C N N 46  
ASN OD1  O N N 47  
ASN ND2  N N N 48  
ASN OXT  O N N 49  
ASN H    H N N 50  
ASN H2   H N N 51  
ASN HA   H N N 52  
ASN HB2  H N N 53  
ASN HB3  H N N 54  
ASN HD21 H N N 55  
ASN HD22 H N N 56  
ASN HXT  H N N 57  
ASP N    N N N 58  
ASP CA   C N S 59  
ASP C    C N N 60  
ASP O    O N N 61  
ASP CB   C N N 62  
ASP CG   C N N 63  
ASP OD1  O N N 64  
ASP OD2  O N N 65  
ASP OXT  O N N 66  
ASP H    H N N 67  
ASP H2   H N N 68  
ASP HA   H N N 69  
ASP HB2  H N N 70  
ASP HB3  H N N 71  
ASP HD2  H N N 72  
ASP HXT  H N N 73  
GLN N    N N N 74  
GLN CA   C N S 75  
GLN C    C N N 76  
GLN O    O N N 77  
GLN CB   C N N 78  
GLN CG   C N N 79  
GLN CD   C N N 80  
GLN OE1  O N N 81  
GLN NE2  N N N 82  
GLN OXT  O N N 83  
GLN H    H N N 84  
GLN H2   H N N 85  
GLN HA   H N N 86  
GLN HB2  H N N 87  
GLN HB3  H N N 88  
GLN HG2  H N N 89  
GLN HG3  H N N 90  
GLN HE21 H N N 91  
GLN HE22 H N N 92  
GLN HXT  H N N 93  
GLU N    N N N 94  
GLU CA   C N S 95  
GLU C    C N N 96  
GLU O    O N N 97  
GLU CB   C N N 98  
GLU CG   C N N 99  
GLU CD   C N N 100 
GLU OE1  O N N 101 
GLU OE2  O N N 102 
GLU OXT  O N N 103 
GLU H    H N N 104 
GLU H2   H N N 105 
GLU HA   H N N 106 
GLU HB2  H N N 107 
GLU HB3  H N N 108 
GLU HG2  H N N 109 
GLU HG3  H N N 110 
GLU HE2  H N N 111 
GLU HXT  H N N 112 
GLY N    N N N 113 
GLY CA   C N N 114 
GLY C    C N N 115 
GLY O    O N N 116 
GLY OXT  O N N 117 
GLY H    H N N 118 
GLY H2   H N N 119 
GLY HA2  H N N 120 
GLY HA3  H N N 121 
GLY HXT  H N N 122 
HIS N    N N N 123 
HIS CA   C N S 124 
HIS C    C N N 125 
HIS O    O N N 126 
HIS CB   C N N 127 
HIS CG   C Y N 128 
HIS ND1  N Y N 129 
HIS CD2  C Y N 130 
HIS CE1  C Y N 131 
HIS NE2  N Y N 132 
HIS OXT  O N N 133 
HIS H    H N N 134 
HIS H2   H N N 135 
HIS HA   H N N 136 
HIS HB2  H N N 137 
HIS HB3  H N N 138 
HIS HD1  H N N 139 
HIS HD2  H N N 140 
HIS HE1  H N N 141 
HIS HE2  H N N 142 
HIS HXT  H N N 143 
HOH O    O N N 144 
HOH H1   H N N 145 
HOH H2   H N N 146 
ILE N    N N N 147 
ILE CA   C N S 148 
ILE C    C N N 149 
ILE O    O N N 150 
ILE CB   C N S 151 
ILE CG1  C N N 152 
ILE CG2  C N N 153 
ILE CD1  C N N 154 
ILE OXT  O N N 155 
ILE H    H N N 156 
ILE H2   H N N 157 
ILE HA   H N N 158 
ILE HB   H N N 159 
ILE HG12 H N N 160 
ILE HG13 H N N 161 
ILE HG21 H N N 162 
ILE HG22 H N N 163 
ILE HG23 H N N 164 
ILE HD11 H N N 165 
ILE HD12 H N N 166 
ILE HD13 H N N 167 
ILE HXT  H N N 168 
LEU N    N N N 169 
LEU CA   C N S 170 
LEU C    C N N 171 
LEU O    O N N 172 
LEU CB   C N N 173 
LEU CG   C N N 174 
LEU CD1  C N N 175 
LEU CD2  C N N 176 
LEU OXT  O N N 177 
LEU H    H N N 178 
LEU H2   H N N 179 
LEU HA   H N N 180 
LEU HB2  H N N 181 
LEU HB3  H N N 182 
LEU HG   H N N 183 
LEU HD11 H N N 184 
LEU HD12 H N N 185 
LEU HD13 H N N 186 
LEU HD21 H N N 187 
LEU HD22 H N N 188 
LEU HD23 H N N 189 
LEU HXT  H N N 190 
LYS N    N N N 191 
LYS CA   C N S 192 
LYS C    C N N 193 
LYS O    O N N 194 
LYS CB   C N N 195 
LYS CG   C N N 196 
LYS CD   C N N 197 
LYS CE   C N N 198 
LYS NZ   N N N 199 
LYS OXT  O N N 200 
LYS H    H N N 201 
LYS H2   H N N 202 
LYS HA   H N N 203 
LYS HB2  H N N 204 
LYS HB3  H N N 205 
LYS HG2  H N N 206 
LYS HG3  H N N 207 
LYS HD2  H N N 208 
LYS HD3  H N N 209 
LYS HE2  H N N 210 
LYS HE3  H N N 211 
LYS HZ1  H N N 212 
LYS HZ2  H N N 213 
LYS HZ3  H N N 214 
LYS HXT  H N N 215 
MET N    N N N 216 
MET CA   C N S 217 
MET C    C N N 218 
MET O    O N N 219 
MET CB   C N N 220 
MET CG   C N N 221 
MET SD   S N N 222 
MET CE   C N N 223 
MET OXT  O N N 224 
MET H    H N N 225 
MET H2   H N N 226 
MET HA   H N N 227 
MET HB2  H N N 228 
MET HB3  H N N 229 
MET HG2  H N N 230 
MET HG3  H N N 231 
MET HE1  H N N 232 
MET HE2  H N N 233 
MET HE3  H N N 234 
MET HXT  H N N 235 
PHE N    N N N 236 
PHE CA   C N S 237 
PHE C    C N N 238 
PHE O    O N N 239 
PHE CB   C N N 240 
PHE CG   C Y N 241 
PHE CD1  C Y N 242 
PHE CD2  C Y N 243 
PHE CE1  C Y N 244 
PHE CE2  C Y N 245 
PHE CZ   C Y N 246 
PHE OXT  O N N 247 
PHE H    H N N 248 
PHE H2   H N N 249 
PHE HA   H N N 250 
PHE HB2  H N N 251 
PHE HB3  H N N 252 
PHE HD1  H N N 253 
PHE HD2  H N N 254 
PHE HE1  H N N 255 
PHE HE2  H N N 256 
PHE HZ   H N N 257 
PHE HXT  H N N 258 
PRO N    N N N 259 
PRO CA   C N S 260 
PRO C    C N N 261 
PRO O    O N N 262 
PRO CB   C N N 263 
PRO CG   C N N 264 
PRO CD   C N N 265 
PRO OXT  O N N 266 
PRO H    H N N 267 
PRO HA   H N N 268 
PRO HB2  H N N 269 
PRO HB3  H N N 270 
PRO HG2  H N N 271 
PRO HG3  H N N 272 
PRO HD2  H N N 273 
PRO HD3  H N N 274 
PRO HXT  H N N 275 
SER N    N N N 276 
SER CA   C N S 277 
SER C    C N N 278 
SER O    O N N 279 
SER CB   C N N 280 
SER OG   O N N 281 
SER OXT  O N N 282 
SER H    H N N 283 
SER H2   H N N 284 
SER HA   H N N 285 
SER HB2  H N N 286 
SER HB3  H N N 287 
SER HG   H N N 288 
SER HXT  H N N 289 
THR N    N N N 290 
THR CA   C N S 291 
THR C    C N N 292 
THR O    O N N 293 
THR CB   C N R 294 
THR OG1  O N N 295 
THR CG2  C N N 296 
THR OXT  O N N 297 
THR H    H N N 298 
THR H2   H N N 299 
THR HA   H N N 300 
THR HB   H N N 301 
THR HG1  H N N 302 
THR HG21 H N N 303 
THR HG22 H N N 304 
THR HG23 H N N 305 
THR HXT  H N N 306 
TYR N    N N N 307 
TYR CA   C N S 308 
TYR C    C N N 309 
TYR O    O N N 310 
TYR CB   C N N 311 
TYR CG   C Y N 312 
TYR CD1  C Y N 313 
TYR CD2  C Y N 314 
TYR CE1  C Y N 315 
TYR CE2  C Y N 316 
TYR CZ   C Y N 317 
TYR OH   O N N 318 
TYR OXT  O N N 319 
TYR H    H N N 320 
TYR H2   H N N 321 
TYR HA   H N N 322 
TYR HB2  H N N 323 
TYR HB3  H N N 324 
TYR HD1  H N N 325 
TYR HD2  H N N 326 
TYR HE1  H N N 327 
TYR HE2  H N N 328 
TYR HH   H N N 329 
TYR HXT  H N N 330 
VAL N    N N N 331 
VAL CA   C N S 332 
VAL C    C N N 333 
VAL O    O N N 334 
VAL CB   C N N 335 
VAL CG1  C N N 336 
VAL CG2  C N N 337 
VAL OXT  O N N 338 
VAL H    H N N 339 
VAL H2   H N N 340 
VAL HA   H N N 341 
VAL HB   H N N 342 
VAL HG11 H N N 343 
VAL HG12 H N N 344 
VAL HG13 H N N 345 
VAL HG21 H N N 346 
VAL HG22 H N N 347 
VAL HG23 H N N 348 
VAL HXT  H N N 349 
# 
loop_
_chem_comp_bond.comp_id 
_chem_comp_bond.atom_id_1 
_chem_comp_bond.atom_id_2 
_chem_comp_bond.value_order 
_chem_comp_bond.pdbx_aromatic_flag 
_chem_comp_bond.pdbx_stereo_config 
_chem_comp_bond.pdbx_ordinal 
ALA N   CA   sing N N 1   
ALA N   H    sing N N 2   
ALA N   H2   sing N N 3   
ALA CA  C    sing N N 4   
ALA CA  CB   sing N N 5   
ALA CA  HA   sing N N 6   
ALA C   O    doub N N 7   
ALA C   OXT  sing N N 8   
ALA CB  HB1  sing N N 9   
ALA CB  HB2  sing N N 10  
ALA CB  HB3  sing N N 11  
ALA OXT HXT  sing N N 12  
ARG N   CA   sing N N 13  
ARG N   H    sing N N 14  
ARG N   H2   sing N N 15  
ARG CA  C    sing N N 16  
ARG CA  CB   sing N N 17  
ARG CA  HA   sing N N 18  
ARG C   O    doub N N 19  
ARG C   OXT  sing N N 20  
ARG CB  CG   sing N N 21  
ARG CB  HB2  sing N N 22  
ARG CB  HB3  sing N N 23  
ARG CG  CD   sing N N 24  
ARG CG  HG2  sing N N 25  
ARG CG  HG3  sing N N 26  
ARG CD  NE   sing N N 27  
ARG CD  HD2  sing N N 28  
ARG CD  HD3  sing N N 29  
ARG NE  CZ   sing N N 30  
ARG NE  HE   sing N N 31  
ARG CZ  NH1  sing N N 32  
ARG CZ  NH2  doub N N 33  
ARG NH1 HH11 sing N N 34  
ARG NH1 HH12 sing N N 35  
ARG NH2 HH21 sing N N 36  
ARG NH2 HH22 sing N N 37  
ARG OXT HXT  sing N N 38  
ASN N   CA   sing N N 39  
ASN N   H    sing N N 40  
ASN N   H2   sing N N 41  
ASN CA  C    sing N N 42  
ASN CA  CB   sing N N 43  
ASN CA  HA   sing N N 44  
ASN C   O    doub N N 45  
ASN C   OXT  sing N N 46  
ASN CB  CG   sing N N 47  
ASN CB  HB2  sing N N 48  
ASN CB  HB3  sing N N 49  
ASN CG  OD1  doub N N 50  
ASN CG  ND2  sing N N 51  
ASN ND2 HD21 sing N N 52  
ASN ND2 HD22 sing N N 53  
ASN OXT HXT  sing N N 54  
ASP N   CA   sing N N 55  
ASP N   H    sing N N 56  
ASP N   H2   sing N N 57  
ASP CA  C    sing N N 58  
ASP CA  CB   sing N N 59  
ASP CA  HA   sing N N 60  
ASP C   O    doub N N 61  
ASP C   OXT  sing N N 62  
ASP CB  CG   sing N N 63  
ASP CB  HB2  sing N N 64  
ASP CB  HB3  sing N N 65  
ASP CG  OD1  doub N N 66  
ASP CG  OD2  sing N N 67  
ASP OD2 HD2  sing N N 68  
ASP OXT HXT  sing N N 69  
GLN N   CA   sing N N 70  
GLN N   H    sing N N 71  
GLN N   H2   sing N N 72  
GLN CA  C    sing N N 73  
GLN CA  CB   sing N N 74  
GLN CA  HA   sing N N 75  
GLN C   O    doub N N 76  
GLN C   OXT  sing N N 77  
GLN CB  CG   sing N N 78  
GLN CB  HB2  sing N N 79  
GLN CB  HB3  sing N N 80  
GLN CG  CD   sing N N 81  
GLN CG  HG2  sing N N 82  
GLN CG  HG3  sing N N 83  
GLN CD  OE1  doub N N 84  
GLN CD  NE2  sing N N 85  
GLN NE2 HE21 sing N N 86  
GLN NE2 HE22 sing N N 87  
GLN OXT HXT  sing N N 88  
GLU N   CA   sing N N 89  
GLU N   H    sing N N 90  
GLU N   H2   sing N N 91  
GLU CA  C    sing N N 92  
GLU CA  CB   sing N N 93  
GLU CA  HA   sing N N 94  
GLU C   O    doub N N 95  
GLU C   OXT  sing N N 96  
GLU CB  CG   sing N N 97  
GLU CB  HB2  sing N N 98  
GLU CB  HB3  sing N N 99  
GLU CG  CD   sing N N 100 
GLU CG  HG2  sing N N 101 
GLU CG  HG3  sing N N 102 
GLU CD  OE1  doub N N 103 
GLU CD  OE2  sing N N 104 
GLU OE2 HE2  sing N N 105 
GLU OXT HXT  sing N N 106 
GLY N   CA   sing N N 107 
GLY N   H    sing N N 108 
GLY N   H2   sing N N 109 
GLY CA  C    sing N N 110 
GLY CA  HA2  sing N N 111 
GLY CA  HA3  sing N N 112 
GLY C   O    doub N N 113 
GLY C   OXT  sing N N 114 
GLY OXT HXT  sing N N 115 
HIS N   CA   sing N N 116 
HIS N   H    sing N N 117 
HIS N   H2   sing N N 118 
HIS CA  C    sing N N 119 
HIS CA  CB   sing N N 120 
HIS CA  HA   sing N N 121 
HIS C   O    doub N N 122 
HIS C   OXT  sing N N 123 
HIS CB  CG   sing N N 124 
HIS CB  HB2  sing N N 125 
HIS CB  HB3  sing N N 126 
HIS CG  ND1  sing Y N 127 
HIS CG  CD2  doub Y N 128 
HIS ND1 CE1  doub Y N 129 
HIS ND1 HD1  sing N N 130 
HIS CD2 NE2  sing Y N 131 
HIS CD2 HD2  sing N N 132 
HIS CE1 NE2  sing Y N 133 
HIS CE1 HE1  sing N N 134 
HIS NE2 HE2  sing N N 135 
HIS OXT HXT  sing N N 136 
HOH O   H1   sing N N 137 
HOH O   H2   sing N N 138 
ILE N   CA   sing N N 139 
ILE N   H    sing N N 140 
ILE N   H2   sing N N 141 
ILE CA  C    sing N N 142 
ILE CA  CB   sing N N 143 
ILE CA  HA   sing N N 144 
ILE C   O    doub N N 145 
ILE C   OXT  sing N N 146 
ILE CB  CG1  sing N N 147 
ILE CB  CG2  sing N N 148 
ILE CB  HB   sing N N 149 
ILE CG1 CD1  sing N N 150 
ILE CG1 HG12 sing N N 151 
ILE CG1 HG13 sing N N 152 
ILE CG2 HG21 sing N N 153 
ILE CG2 HG22 sing N N 154 
ILE CG2 HG23 sing N N 155 
ILE CD1 HD11 sing N N 156 
ILE CD1 HD12 sing N N 157 
ILE CD1 HD13 sing N N 158 
ILE OXT HXT  sing N N 159 
LEU N   CA   sing N N 160 
LEU N   H    sing N N 161 
LEU N   H2   sing N N 162 
LEU CA  C    sing N N 163 
LEU CA  CB   sing N N 164 
LEU CA  HA   sing N N 165 
LEU C   O    doub N N 166 
LEU C   OXT  sing N N 167 
LEU CB  CG   sing N N 168 
LEU CB  HB2  sing N N 169 
LEU CB  HB3  sing N N 170 
LEU CG  CD1  sing N N 171 
LEU CG  CD2  sing N N 172 
LEU CG  HG   sing N N 173 
LEU CD1 HD11 sing N N 174 
LEU CD1 HD12 sing N N 175 
LEU CD1 HD13 sing N N 176 
LEU CD2 HD21 sing N N 177 
LEU CD2 HD22 sing N N 178 
LEU CD2 HD23 sing N N 179 
LEU OXT HXT  sing N N 180 
LYS N   CA   sing N N 181 
LYS N   H    sing N N 182 
LYS N   H2   sing N N 183 
LYS CA  C    sing N N 184 
LYS CA  CB   sing N N 185 
LYS CA  HA   sing N N 186 
LYS C   O    doub N N 187 
LYS C   OXT  sing N N 188 
LYS CB  CG   sing N N 189 
LYS CB  HB2  sing N N 190 
LYS CB  HB3  sing N N 191 
LYS CG  CD   sing N N 192 
LYS CG  HG2  sing N N 193 
LYS CG  HG3  sing N N 194 
LYS CD  CE   sing N N 195 
LYS CD  HD2  sing N N 196 
LYS CD  HD3  sing N N 197 
LYS CE  NZ   sing N N 198 
LYS CE  HE2  sing N N 199 
LYS CE  HE3  sing N N 200 
LYS NZ  HZ1  sing N N 201 
LYS NZ  HZ2  sing N N 202 
LYS NZ  HZ3  sing N N 203 
LYS OXT HXT  sing N N 204 
MET N   CA   sing N N 205 
MET N   H    sing N N 206 
MET N   H2   sing N N 207 
MET CA  C    sing N N 208 
MET CA  CB   sing N N 209 
MET CA  HA   sing N N 210 
MET C   O    doub N N 211 
MET C   OXT  sing N N 212 
MET CB  CG   sing N N 213 
MET CB  HB2  sing N N 214 
MET CB  HB3  sing N N 215 
MET CG  SD   sing N N 216 
MET CG  HG2  sing N N 217 
MET CG  HG3  sing N N 218 
MET SD  CE   sing N N 219 
MET CE  HE1  sing N N 220 
MET CE  HE2  sing N N 221 
MET CE  HE3  sing N N 222 
MET OXT HXT  sing N N 223 
PHE N   CA   sing N N 224 
PHE N   H    sing N N 225 
PHE N   H2   sing N N 226 
PHE CA  C    sing N N 227 
PHE CA  CB   sing N N 228 
PHE CA  HA   sing N N 229 
PHE C   O    doub N N 230 
PHE C   OXT  sing N N 231 
PHE CB  CG   sing N N 232 
PHE CB  HB2  sing N N 233 
PHE CB  HB3  sing N N 234 
PHE CG  CD1  doub Y N 235 
PHE CG  CD2  sing Y N 236 
PHE CD1 CE1  sing Y N 237 
PHE CD1 HD1  sing N N 238 
PHE CD2 CE2  doub Y N 239 
PHE CD2 HD2  sing N N 240 
PHE CE1 CZ   doub Y N 241 
PHE CE1 HE1  sing N N 242 
PHE CE2 CZ   sing Y N 243 
PHE CE2 HE2  sing N N 244 
PHE CZ  HZ   sing N N 245 
PHE OXT HXT  sing N N 246 
PRO N   CA   sing N N 247 
PRO N   CD   sing N N 248 
PRO N   H    sing N N 249 
PRO CA  C    sing N N 250 
PRO CA  CB   sing N N 251 
PRO CA  HA   sing N N 252 
PRO C   O    doub N N 253 
PRO C   OXT  sing N N 254 
PRO CB  CG   sing N N 255 
PRO CB  HB2  sing N N 256 
PRO CB  HB3  sing N N 257 
PRO CG  CD   sing N N 258 
PRO CG  HG2  sing N N 259 
PRO CG  HG3  sing N N 260 
PRO CD  HD2  sing N N 261 
PRO CD  HD3  sing N N 262 
PRO OXT HXT  sing N N 263 
SER N   CA   sing N N 264 
SER N   H    sing N N 265 
SER N   H2   sing N N 266 
SER CA  C    sing N N 267 
SER CA  CB   sing N N 268 
SER CA  HA   sing N N 269 
SER C   O    doub N N 270 
SER C   OXT  sing N N 271 
SER CB  OG   sing N N 272 
SER CB  HB2  sing N N 273 
SER CB  HB3  sing N N 274 
SER OG  HG   sing N N 275 
SER OXT HXT  sing N N 276 
THR N   CA   sing N N 277 
THR N   H    sing N N 278 
THR N   H2   sing N N 279 
THR CA  C    sing N N 280 
THR CA  CB   sing N N 281 
THR CA  HA   sing N N 282 
THR C   O    doub N N 283 
THR C   OXT  sing N N 284 
THR CB  OG1  sing N N 285 
THR CB  CG2  sing N N 286 
THR CB  HB   sing N N 287 
THR OG1 HG1  sing N N 288 
THR CG2 HG21 sing N N 289 
THR CG2 HG22 sing N N 290 
THR CG2 HG23 sing N N 291 
THR OXT HXT  sing N N 292 
TYR N   CA   sing N N 293 
TYR N   H    sing N N 294 
TYR N   H2   sing N N 295 
TYR CA  C    sing N N 296 
TYR CA  CB   sing N N 297 
TYR CA  HA   sing N N 298 
TYR C   O    doub N N 299 
TYR C   OXT  sing N N 300 
TYR CB  CG   sing N N 301 
TYR CB  HB2  sing N N 302 
TYR CB  HB3  sing N N 303 
TYR CG  CD1  doub Y N 304 
TYR CG  CD2  sing Y N 305 
TYR CD1 CE1  sing Y N 306 
TYR CD1 HD1  sing N N 307 
TYR CD2 CE2  doub Y N 308 
TYR CD2 HD2  sing N N 309 
TYR CE1 CZ   doub Y N 310 
TYR CE1 HE1  sing N N 311 
TYR CE2 CZ   sing Y N 312 
TYR CE2 HE2  sing N N 313 
TYR CZ  OH   sing N N 314 
TYR OH  HH   sing N N 315 
TYR OXT HXT  sing N N 316 
VAL N   CA   sing N N 317 
VAL N   H    sing N N 318 
VAL N   H2   sing N N 319 
VAL CA  C    sing N N 320 
VAL CA  CB   sing N N 321 
VAL CA  HA   sing N N 322 
VAL C   O    doub N N 323 
VAL C   OXT  sing N N 324 
VAL CB  CG1  sing N N 325 
VAL CB  CG2  sing N N 326 
VAL CB  HB   sing N N 327 
VAL CG1 HG11 sing N N 328 
VAL CG1 HG12 sing N N 329 
VAL CG1 HG13 sing N N 330 
VAL CG2 HG21 sing N N 331 
VAL CG2 HG22 sing N N 332 
VAL CG2 HG23 sing N N 333 
VAL OXT HXT  sing N N 334 
# 
_atom_sites.entry_id                    4QCJ 
_atom_sites.fract_transf_matrix[1][1]   -0.01161242 
_atom_sites.fract_transf_matrix[1][2]   0.00400990 
_atom_sites.fract_transf_matrix[1][3]   0.01526939 
_atom_sites.fract_transf_matrix[2][1]   0.01424205 
_atom_sites.fract_transf_matrix[2][2]   0.01066297 
_atom_sites.fract_transf_matrix[2][3]   0.00803091 
_atom_sites.fract_transf_matrix[3][1]   -0.00961219 
_atom_sites.fract_transf_matrix[3][2]   0.02286705 
_atom_sites.fract_transf_matrix[3][3]   -0.01331523 
_atom_sites.fract_transf_vector[1]      0.691320 
_atom_sites.fract_transf_vector[2]      0.223444 
_atom_sites.fract_transf_vector[3]      0.489456 
# 
loop_
_atom_type.symbol 
C 
N 
O 
S 
# 
loop_
_atom_site.group_PDB 
_atom_site.id 
_atom_site.type_symbol 
_atom_site.label_atom_id 
_atom_site.label_alt_id 
_atom_site.label_comp_id 
_atom_site.label_asym_id 
_atom_site.label_entity_id 
_atom_site.label_seq_id 
_atom_site.pdbx_PDB_ins_code 
_atom_site.Cartn_x 
_atom_site.Cartn_y 
_atom_site.Cartn_z 
_atom_site.occupancy 
_atom_site.B_iso_or_equiv 
_atom_site.pdbx_formal_charge 
_atom_site.auth_seq_id 
_atom_site.auth_comp_id 
_atom_site.auth_asym_id 
_atom_site.auth_atom_id 
_atom_site.pdbx_PDB_model_num 
ATOM   1   N N   . LEU A 1 42  ? -10.929 -11.069 7.837   1.00 36.85 ? 42  LEU A N   1 
ATOM   2   C CA  . LEU A 1 42  ? -10.030 -11.193 6.691   1.00 32.41 ? 42  LEU A CA  1 
ATOM   3   C C   . LEU A 1 42  ? -9.900  -12.640 6.236   1.00 25.43 ? 42  LEU A C   1 
ATOM   4   O O   . LEU A 1 42  ? -9.601  -13.524 7.046   1.00 23.94 ? 42  LEU A O   1 
ATOM   5   C CB  . LEU A 1 42  ? -8.637  -10.650 7.029   1.00 28.94 ? 42  LEU A CB  1 
ATOM   6   C CG  . LEU A 1 42  ? -8.529  -9.215  7.541   1.00 29.70 ? 42  LEU A CG  1 
ATOM   7   C CD1 . LEU A 1 42  ? -7.096  -8.912  7.962   1.00 27.40 ? 42  LEU A CD1 1 
ATOM   8   C CD2 . LEU A 1 42  ? -9.006  -8.241  6.485   1.00 29.72 ? 42  LEU A CD2 1 
ATOM   9   N N   . PRO A 1 43  ? -10.109 -12.877 4.928   1.00 22.79 ? 43  PRO A N   1 
ATOM   10  C CA  . PRO A 1 43  ? -9.941  -14.207 4.322   1.00 17.20 ? 43  PRO A CA  1 
ATOM   11  C C   . PRO A 1 43  ? -8.527  -14.707 4.538   1.00 20.18 ? 43  PRO A C   1 
ATOM   12  O O   . PRO A 1 43  ? -7.600  -13.891 4.582   1.00 30.77 ? 43  PRO A O   1 
ATOM   13  C CB  . PRO A 1 43  ? -10.127 -13.941 2.828   1.00 17.44 ? 43  PRO A CB  1 
ATOM   14  C CG  . PRO A 1 43  ? -10.937 -12.678 2.743   1.00 19.97 ? 43  PRO A CG  1 
ATOM   15  C CD  . PRO A 1 43  ? -10.514 -11.855 3.942   1.00 17.19 ? 43  PRO A CD  1 
ATOM   16  N N   . ALA A 1 44  ? -8.357  -16.019 4.650   1.00 18.73 ? 44  ALA A N   1 
ATOM   17  C CA  . ALA A 1 44  ? -7.032  -16.620 4.813   1.00 21.07 ? 44  ALA A CA  1 
ATOM   18  C C   . ALA A 1 44  ? -6.087  -16.174 3.700   1.00 23.41 ? 44  ALA A C   1 
ATOM   19  O O   . ALA A 1 44  ? -6.523  -15.894 2.588   1.00 27.62 ? 44  ALA A O   1 
ATOM   20  C CB  . ALA A 1 44  ? -7.137  -18.135 4.850   1.00 29.18 ? 44  ALA A CB  1 
ATOM   21  N N   . GLY A 1 45  ? -4.794  -16.107 4.007   1.00 25.83 ? 45  GLY A N   1 
ATOM   22  C CA  . GLY A 1 45  ? -3.771  -15.759 3.028   1.00 15.79 ? 45  GLY A CA  1 
ATOM   23  C C   . GLY A 1 45  ? -3.788  -14.322 2.516   1.00 12.05 ? 45  GLY A C   1 
ATOM   24  O O   . GLY A 1 45  ? -2.930  -13.932 1.731   1.00 12.92 ? 45  GLY A O   1 
ATOM   25  N N   . SER A 1 46  ? -4.755  -13.527 2.957   1.00 11.80 ? 46  SER A N   1 
ATOM   26  C CA  . SER A 1 46  ? -4.884  -12.158 2.477   1.00 10.39 ? 46  SER A CA  1 
ATOM   27  C C   . SER A 1 46  ? -4.372  -11.149 3.506   1.00 8.10  ? 46  SER A C   1 
ATOM   28  O O   . SER A 1 46  ? -3.958  -11.518 4.602   1.00 10.72 ? 46  SER A O   1 
ATOM   29  C CB  . SER A 1 46  ? -6.341  -11.862 2.160   1.00 17.30 ? 46  SER A CB  1 
ATOM   30  O OG  . SER A 1 46  ? -7.127  -11.942 3.336   1.00 19.13 ? 46  SER A OG  1 
ATOM   31  N N   . ALA A 1 47  ? -4.412  -9.872  3.147   1.00 5.58  ? 47  ALA A N   1 
ATOM   32  C CA  . ALA A 1 47  ? -4.140  -8.802  4.103   1.00 4.82  ? 47  ALA A CA  1 
ATOM   33  C C   . ALA A 1 47  ? -4.985  -7.592  3.773   1.00 7.50  ? 47  ALA A C   1 
ATOM   34  O O   . ALA A 1 47  ? -5.609  -7.530  2.714   1.00 11.44 ? 47  ALA A O   1 
ATOM   35  C CB  . ALA A 1 47  ? -2.668  -8.420  4.074   1.00 4.05  ? 47  ALA A CB  1 
ATOM   36  N N   . LEU A 1 48  ? -4.990  -6.619  4.676   1.00 14.43 ? 48  LEU A N   1 
ATOM   37  C CA  . LEU A 1 48  ? -5.802  -5.428  4.498   1.00 6.25  ? 48  LEU A CA  1 
ATOM   38  C C   . LEU A 1 48  ? -4.968  -4.158  4.674   1.00 9.88  ? 48  LEU A C   1 
ATOM   39  O O   . LEU A 1 48  ? -4.075  -4.097  5.514   1.00 3.72  ? 48  LEU A O   1 
ATOM   40  C CB  . LEU A 1 48  ? -6.964  -5.448  5.489   1.00 5.92  ? 48  LEU A CB  1 
ATOM   41  C CG  . LEU A 1 48  ? -8.094  -4.427  5.347   1.00 10.51 ? 48  LEU A CG  1 
ATOM   42  C CD1 . LEU A 1 48  ? -9.016  -4.775  4.166   1.00 3.69  ? 48  LEU A CD1 1 
ATOM   43  C CD2 . LEU A 1 48  ? -8.887  -4.327  6.641   1.00 13.84 ? 48  LEU A CD2 1 
ATOM   44  N N   . LEU A 1 49  ? -5.259  -3.151  3.858   1.00 7.93  ? 49  LEU A N   1 
ATOM   45  C CA  . LEU A 1 49  ? -4.702  -1.820  4.034   1.00 8.19  ? 49  LEU A CA  1 
ATOM   46  C C   . LEU A 1 49  ? -5.846  -0.899  4.401   1.00 6.58  ? 49  LEU A C   1 
ATOM   47  O O   . LEU A 1 49  ? -6.857  -0.861  3.699   1.00 4.73  ? 49  LEU A O   1 
ATOM   48  C CB  . LEU A 1 49  ? -4.072  -1.328  2.730   1.00 3.43  ? 49  LEU A CB  1 
ATOM   49  C CG  . LEU A 1 49  ? -2.740  -1.973  2.365   1.00 3.49  ? 49  LEU A CG  1 
ATOM   50  C CD1 . LEU A 1 49  ? -2.430  -1.716  0.901   1.00 6.95  ? 49  LEU A CD1 1 
ATOM   51  C CD2 . LEU A 1 49  ? -1.639  -1.442  3.261   1.00 3.50  ? 49  LEU A CD2 1 
ATOM   52  N N   . VAL A 1 50  ? -5.694  -0.159  5.490   1.00 3.39  ? 50  VAL A N   1 
ATOM   53  C CA  . VAL A 1 50  ? -6.728  0.778   5.911   1.00 3.33  ? 50  VAL A CA  1 
ATOM   54  C C   . VAL A 1 50  ? -6.203  2.202   5.856   1.00 7.24  ? 50  VAL A C   1 
ATOM   55  O O   . VAL A 1 50  ? -5.151  2.497   6.429   1.00 4.09  ? 50  VAL A O   1 
ATOM   56  C CB  . VAL A 1 50  ? -7.214  0.458   7.343   1.00 3.38  ? 50  VAL A CB  1 
ATOM   57  C CG1 . VAL A 1 50  ? -8.302  1.440   7.763   1.00 3.33  ? 50  VAL A CG1 1 
ATOM   58  C CG2 . VAL A 1 50  ? -7.736  -0.956  7.422   1.00 4.23  ? 50  VAL A CG2 1 
ATOM   59  N N   . VAL A 1 51  ? -6.922  3.083   5.167   1.00 4.91  ? 51  VAL A N   1 
ATOM   60  C CA  . VAL A 1 51  ? -6.539  4.485   5.119   1.00 9.41  ? 51  VAL A CA  1 
ATOM   61  C C   . VAL A 1 51  ? -6.848  5.174   6.459   1.00 15.27 ? 51  VAL A C   1 
ATOM   62  O O   . VAL A 1 51  ? -8.010  5.253   6.876   1.00 10.48 ? 51  VAL A O   1 
ATOM   63  C CB  . VAL A 1 51  ? -7.234  5.234   3.960   1.00 4.13  ? 51  VAL A CB  1 
ATOM   64  C CG1 . VAL A 1 51  ? -6.804  6.679   3.918   1.00 5.52  ? 51  VAL A CG1 1 
ATOM   65  C CG2 . VAL A 1 51  ? -6.954  4.549   2.632   1.00 9.41  ? 51  VAL A CG2 1 
ATOM   66  N N   . LYS A 1 52  ? -5.804  5.656   7.131   1.00 12.73 ? 52  LYS A N   1 
ATOM   67  C CA  . LYS A 1 52  ? -5.952  6.352   8.414   1.00 11.79 ? 52  LYS A CA  1 
ATOM   68  C C   . LYS A 1 52  ? -5.985  7.865   8.236   1.00 15.96 ? 52  LYS A C   1 
ATOM   69  O O   . LYS A 1 52  ? -6.631  8.579   9.008   1.00 10.08 ? 52  LYS A O   1 
ATOM   70  C CB  . LYS A 1 52  ? -4.818  5.977   9.375   1.00 5.25  ? 52  LYS A CB  1 
ATOM   71  C CG  . LYS A 1 52  ? -4.661  4.471   9.568   1.00 8.89  ? 52  LYS A CG  1 
ATOM   72  C CD  . LYS A 1 52  ? -3.970  4.163   10.867  1.00 12.13 ? 52  LYS A CD  1 
ATOM   73  C CE  . LYS A 1 52  ? -2.589  4.770   10.929  1.00 18.54 ? 52  LYS A CE  1 
ATOM   74  N NZ  . LYS A 1 52  ? -1.934  4.373   12.206  1.00 24.13 ? 52  LYS A NZ  1 
ATOM   75  N N   . ARG A 1 53  ? -5.279  8.354   7.223   1.00 3.15  ? 53  ARG A N   1 
ATOM   76  C CA  . ARG A 1 53  ? -5.254  9.783   6.928   1.00 3.13  ? 53  ARG A CA  1 
ATOM   77  C C   . ARG A 1 53  ? -5.278  9.975   5.418   1.00 3.11  ? 53  ARG A C   1 
ATOM   78  O O   . ARG A 1 53  ? -4.695  9.192   4.677   1.00 13.34 ? 53  ARG A O   1 
ATOM   79  C CB  . ARG A 1 53  ? -4.004  10.459  7.512   1.00 11.00 ? 53  ARG A CB  1 
ATOM   80  C CG  . ARG A 1 53  ? -4.168  11.962  7.683   1.00 22.01 ? 53  ARG A CG  1 
ATOM   81  C CD  . ARG A 1 53  ? -2.831  12.691  7.683   1.00 29.24 ? 53  ARG A CD  1 
ATOM   82  N NE  . ARG A 1 53  ? -2.242  12.752  6.346   1.00 30.47 ? 53  ARG A NE  1 
ATOM   83  C CZ  . ARG A 1 53  ? -1.018  13.199  6.089   1.00 32.91 ? 53  ARG A CZ  1 
ATOM   84  N NH1 . ARG A 1 53  ? -0.240  13.622  7.076   1.00 32.11 ? 53  ARG A NH1 1 
ATOM   85  N NH2 . ARG A 1 53  ? -0.563  13.221  4.845   1.00 35.41 ? 53  ARG A NH2 1 
ATOM   86  N N   . GLY A 1 54  ? -5.963  11.018  4.971   1.00 12.17 ? 54  GLY A N   1 
ATOM   87  C CA  . GLY A 1 54  ? -6.245  11.192  3.561   1.00 8.52  ? 54  GLY A CA  1 
ATOM   88  C C   . GLY A 1 54  ? -7.728  11.438  3.357   1.00 6.95  ? 54  GLY A C   1 
ATOM   89  O O   . GLY A 1 54  ? -8.535  11.202  4.259   1.00 12.14 ? 54  GLY A O   1 
ATOM   90  N N   . PRO A 1 55  ? -8.093  11.941  2.173   1.00 7.40  ? 55  PRO A N   1 
ATOM   91  C CA  . PRO A 1 55  ? -9.472  12.295  1.825   1.00 14.31 ? 55  PRO A CA  1 
ATOM   92  C C   . PRO A 1 55  ? -10.452 11.119  1.902   1.00 17.20 ? 55  PRO A C   1 
ATOM   93  O O   . PRO A 1 55  ? -11.649 11.348  2.093   1.00 9.59  ? 55  PRO A O   1 
ATOM   94  C CB  . PRO A 1 55  ? -9.349  12.812  0.386   1.00 18.41 ? 55  PRO A CB  1 
ATOM   95  C CG  . PRO A 1 55  ? -8.032  12.300  -0.104  1.00 16.45 ? 55  PRO A CG  1 
ATOM   96  C CD  . PRO A 1 55  ? -7.153  12.273  1.094   1.00 11.24 ? 55  PRO A CD  1 
ATOM   97  N N   . ASN A 1 56  ? -9.953  9.892   1.766   1.00 16.68 ? 56  ASN A N   1 
ATOM   98  C CA  . ASN A 1 56  ? -10.789 8.702   1.914   1.00 10.13 ? 56  ASN A CA  1 
ATOM   99  C C   . ASN A 1 56  ? -10.463 7.915   3.179   1.00 8.97  ? 56  ASN A C   1 
ATOM   100 O O   . ASN A 1 56  ? -10.428 6.692   3.157   1.00 5.43  ? 56  ASN A O   1 
ATOM   101 C CB  . ASN A 1 56  ? -10.645 7.789   0.690   1.00 14.97 ? 56  ASN A CB  1 
ATOM   102 C CG  . ASN A 1 56  ? -9.212  7.339   0.473   1.00 15.79 ? 56  ASN A CG  1 
ATOM   103 O OD1 . ASN A 1 56  ? -8.289  7.857   1.110   1.00 15.15 ? 56  ASN A OD1 1 
ATOM   104 N ND2 . ASN A 1 56  ? -9.014  6.385   -0.438  1.00 9.05  ? 56  ASN A ND2 1 
ATOM   105 N N   . ALA A 1 57  ? -10.205 8.622   4.275   1.00 9.97  ? 57  ALA A N   1 
ATOM   106 C CA  . ALA A 1 57  ? -9.922  7.978   5.550   1.00 8.06  ? 57  ALA A CA  1 
ATOM   107 C C   . ALA A 1 57  ? -11.047 7.017   5.916   1.00 6.73  ? 57  ALA A C   1 
ATOM   108 O O   . ALA A 1 57  ? -12.219 7.316   5.713   1.00 10.00 ? 57  ALA A O   1 
ATOM   109 C CB  . ALA A 1 57  ? -9.720  9.032   6.654   1.00 3.17  ? 57  ALA A CB  1 
ATOM   110 N N   . GLY A 1 58  ? -10.687 5.849   6.424   1.00 3.12  ? 58  GLY A N   1 
ATOM   111 C CA  . GLY A 1 58  ? -11.674 4.825   6.708   1.00 3.14  ? 58  GLY A CA  1 
ATOM   112 C C   . GLY A 1 58  ? -11.789 3.788   5.596   1.00 3.14  ? 58  GLY A C   1 
ATOM   113 O O   . GLY A 1 58  ? -12.140 2.638   5.850   1.00 3.21  ? 58  GLY A O   1 
ATOM   114 N N   . ALA A 1 59  ? -11.497 4.191   4.367   1.00 13.43 ? 59  ALA A N   1 
ATOM   115 C CA  . ALA A 1 59  ? -11.525 3.247   3.250   1.00 9.16  ? 59  ALA A CA  1 
ATOM   116 C C   . ALA A 1 59  ? -10.465 2.179   3.456   1.00 7.26  ? 59  ALA A C   1 
ATOM   117 O O   . ALA A 1 59  ? -9.474  2.403   4.141   1.00 4.38  ? 59  ALA A O   1 
ATOM   118 C CB  . ALA A 1 59  ? -11.318 3.963   1.928   1.00 7.69  ? 59  ALA A CB  1 
ATOM   119 N N   . ARG A 1 60  ? -10.675 1.005   2.877   1.00 10.75 ? 60  ARG A N   1 
ATOM   120 C CA  . ARG A 1 60  ? -9.742  -0.087  3.089   1.00 11.48 ? 60  ARG A CA  1 
ATOM   121 C C   . ARG A 1 60  ? -9.754  -1.045  1.916   1.00 14.70 ? 60  ARG A C   1 
ATOM   122 O O   . ARG A 1 60  ? -10.769 -1.193  1.232   1.00 6.55  ? 60  ARG A O   1 
ATOM   123 C CB  . ARG A 1 60  ? -10.037 -0.815  4.399   1.00 3.35  ? 60  ARG A CB  1 
ATOM   124 C CG  . ARG A 1 60  ? -11.482 -1.270  4.574   1.00 3.43  ? 60  ARG A CG  1 
ATOM   125 C CD  . ARG A 1 60  ? -11.820 -1.424  6.067   1.00 5.82  ? 60  ARG A CD  1 
ATOM   126 N NE  . ARG A 1 60  ? -11.985 -0.129  6.711   1.00 9.86  ? 60  ARG A NE  1 
ATOM   127 C CZ  . ARG A 1 60  ? -11.919 0.077   8.027   1.00 4.97  ? 60  ARG A CZ  1 
ATOM   128 N NH1 . ARG A 1 60  ? -11.687 -0.923  8.857   1.00 3.92  ? 60  ARG A NH1 1 
ATOM   129 N NH2 . ARG A 1 60  ? -12.087 1.293   8.510   1.00 8.19  ? 60  ARG A NH2 1 
ATOM   130 N N   . PHE A 1 61  ? -8.611  -1.672  1.667   1.00 17.66 ? 61  PHE A N   1 
ATOM   131 C CA  . PHE A 1 61  ? -8.443  -2.462  0.456   1.00 3.43  ? 61  PHE A CA  1 
ATOM   132 C C   . PHE A 1 61  ? -7.873  -3.821  0.775   1.00 3.53  ? 61  PHE A C   1 
ATOM   133 O O   . PHE A 1 61  ? -6.924  -3.949  1.550   1.00 5.22  ? 61  PHE A O   1 
ATOM   134 C CB  . PHE A 1 61  ? -7.547  -1.723  -0.528  1.00 5.15  ? 61  PHE A CB  1 
ATOM   135 C CG  . PHE A 1 61  ? -8.017  -0.328  -0.838  1.00 4.24  ? 61  PHE A CG  1 
ATOM   136 C CD1 . PHE A 1 61  ? -7.624  0.745   -0.047  1.00 3.91  ? 61  PHE A CD1 1 
ATOM   137 C CD2 . PHE A 1 61  ? -8.844  -0.085  -1.925  1.00 7.99  ? 61  PHE A CD2 1 
ATOM   138 C CE1 . PHE A 1 61  ? -8.062  2.026   -0.325  1.00 3.16  ? 61  PHE A CE1 1 
ATOM   139 C CE2 . PHE A 1 61  ? -9.283  1.199   -2.206  1.00 7.31  ? 61  PHE A CE2 1 
ATOM   140 C CZ  . PHE A 1 61  ? -8.883  2.252   -1.411  1.00 3.21  ? 61  PHE A CZ  1 
ATOM   141 N N   . LEU A 1 62  ? -8.480  -4.840  0.185   1.00 3.66  ? 62  LEU A N   1 
ATOM   142 C CA  . LEU A 1 62  ? -8.042  -6.213  0.369   1.00 3.73  ? 62  LEU A CA  1 
ATOM   143 C C   . LEU A 1 62  ? -6.856  -6.543  -0.517  1.00 5.88  ? 62  LEU A C   1 
ATOM   144 O O   . LEU A 1 62  ? -6.863  -6.289  -1.726  1.00 6.96  ? 62  LEU A O   1 
ATOM   145 C CB  . LEU A 1 62  ? -9.189  -7.192  0.087   1.00 3.81  ? 62  LEU A CB  1 
ATOM   146 C CG  . LEU A 1 62  ? -8.904  -8.603  0.605   1.00 4.93  ? 62  LEU A CG  1 
ATOM   147 C CD1 . LEU A 1 62  ? -8.679  -8.527  2.108   1.00 3.97  ? 62  LEU A CD1 1 
ATOM   148 C CD2 . LEU A 1 62  ? -10.020 -9.551  0.284   1.00 4.06  ? 62  LEU A CD2 1 
ATOM   149 N N   . LEU A 1 63  ? -5.824  -7.108  0.092   1.00 5.87  ? 63  LEU A N   1 
ATOM   150 C CA  . LEU A 1 63  ? -4.702  -7.618  -0.673  1.00 3.87  ? 63  LEU A CA  1 
ATOM   151 C C   . LEU A 1 63  ? -4.864  -9.125  -0.757  1.00 5.53  ? 63  LEU A C   1 
ATOM   152 O O   . LEU A 1 63  ? -4.615  -9.839  0.214   1.00 6.81  ? 63  LEU A O   1 
ATOM   153 C CB  . LEU A 1 63  ? -3.380  -7.278  0.012   1.00 6.51  ? 63  LEU A CB  1 
ATOM   154 C CG  . LEU A 1 63  ? -3.092  -5.798  0.232   1.00 3.74  ? 63  LEU A CG  1 
ATOM   155 C CD1 . LEU A 1 63  ? -1.813  -5.636  1.028   1.00 3.76  ? 63  LEU A CD1 1 
ATOM   156 C CD2 . LEU A 1 63  ? -2.966  -5.117  -1.111  1.00 3.67  ? 63  LEU A CD2 1 
ATOM   157 N N   . ASP A 1 64  ? -5.281  -9.613  -1.920  1.00 5.40  ? 64  ASP A N   1 
ATOM   158 C CA  . ASP A 1 64  ? -5.506  -11.037 -2.087  1.00 8.74  ? 64  ASP A CA  1 
ATOM   159 C C   . ASP A 1 64  ? -5.158  -11.472 -3.507  1.00 11.57 ? 64  ASP A C   1 
ATOM   160 O O   . ASP A 1 64  ? -5.827  -12.307 -4.092  1.00 13.45 ? 64  ASP A O   1 
ATOM   161 C CB  . ASP A 1 64  ? -6.948  -11.395 -1.740  1.00 13.38 ? 64  ASP A CB  1 
ATOM   162 C CG  . ASP A 1 64  ? -7.169  -12.894 -1.649  1.00 25.31 ? 64  ASP A CG  1 
ATOM   163 O OD1 . ASP A 1 64  ? -6.170  -13.625 -1.457  1.00 24.08 ? 64  ASP A OD1 1 
ATOM   164 O OD2 . ASP A 1 64  ? -8.336  -13.335 -1.776  1.00 26.90 ? 64  ASP A OD2 1 
ATOM   165 N N   . GLN A 1 65  ? -4.105  -10.877 -4.057  1.00 8.48  ? 65  GLN A N   1 
ATOM   166 C CA  . GLN A 1 65  ? -3.580  -11.284 -5.349  1.00 11.71 ? 65  GLN A CA  1 
ATOM   167 C C   . GLN A 1 65  ? -2.090  -10.990 -5.318  1.00 16.09 ? 65  GLN A C   1 
ATOM   168 O O   . GLN A 1 65  ? -1.648  -10.137 -4.546  1.00 11.62 ? 65  GLN A O   1 
ATOM   169 C CB  . GLN A 1 65  ? -4.278  -10.529 -6.483  1.00 4.31  ? 65  GLN A CB  1 
ATOM   170 C CG  . GLN A 1 65  ? -4.044  -9.029  -6.464  1.00 7.04  ? 65  GLN A CG  1 
ATOM   171 C CD  . GLN A 1 65  ? -5.056  -8.267  -7.297  1.00 13.40 ? 65  GLN A CD  1 
ATOM   172 O OE1 . GLN A 1 65  ? -6.242  -8.608  -7.324  1.00 14.82 ? 65  GLN A OE1 1 
ATOM   173 N NE2 . GLN A 1 65  ? -4.594  -7.231  -7.987  1.00 17.62 ? 65  GLN A NE2 1 
ATOM   174 N N   . PRO A 1 66  ? -1.304  -11.709 -6.135  1.00 11.13 ? 66  PRO A N   1 
ATOM   175 C CA  . PRO A 1 66  ? 0.159   -11.569 -6.136  1.00 15.53 ? 66  PRO A CA  1 
ATOM   176 C C   . PRO A 1 66  ? 0.674   -10.136 -6.302  1.00 9.87  ? 66  PRO A C   1 
ATOM   177 O O   . PRO A 1 66  ? 1.706   -9.786  -5.726  1.00 12.36 ? 66  PRO A O   1 
ATOM   178 C CB  . PRO A 1 66  ? 0.579   -12.441 -7.319  1.00 20.07 ? 66  PRO A CB  1 
ATOM   179 C CG  . PRO A 1 66  ? -0.481  -13.507 -7.342  1.00 18.40 ? 66  PRO A CG  1 
ATOM   180 C CD  . PRO A 1 66  ? -1.749  -12.786 -7.035  1.00 15.20 ? 66  PRO A CD  1 
ATOM   181 N N   . THR A 1 67  ? -0.035  -9.315  -7.063  1.00 5.80  ? 67  THR A N   1 
ATOM   182 C CA  . THR A 1 67  ? 0.382   -7.936  -7.258  1.00 9.89  ? 67  THR A CA  1 
ATOM   183 C C   . THR A 1 67  ? -0.810  -6.994  -7.227  1.00 10.58 ? 67  THR A C   1 
ATOM   184 O O   . THR A 1 67  ? -1.766  -7.185  -7.972  1.00 10.46 ? 67  THR A O   1 
ATOM   185 C CB  . THR A 1 67  ? 1.118   -7.758  -8.602  1.00 10.35 ? 67  THR A CB  1 
ATOM   186 O OG1 . THR A 1 67  ? 2.227   -8.663  -8.659  1.00 13.92 ? 67  THR A OG1 1 
ATOM   187 C CG2 . THR A 1 67  ? 1.620   -6.328  -8.738  1.00 8.00  ? 67  THR A CG2 1 
ATOM   188 N N   . THR A 1 68  ? -0.742  -5.987  -6.356  1.00 7.09  ? 68  THR A N   1 
ATOM   189 C CA  . THR A 1 68  ? -1.761  -4.945  -6.248  1.00 9.59  ? 68  THR A CA  1 
ATOM   190 C C   . THR A 1 68  ? -1.115  -3.592  -6.464  1.00 7.25  ? 68  THR A C   1 
ATOM   191 O O   . THR A 1 68  ? -0.216  -3.194  -5.715  1.00 10.21 ? 68  THR A O   1 
ATOM   192 C CB  . THR A 1 68  ? -2.433  -4.955  -4.853  1.00 6.35  ? 68  THR A CB  1 
ATOM   193 O OG1 . THR A 1 68  ? -3.004  -6.248  -4.618  1.00 5.16  ? 68  THR A OG1 1 
ATOM   194 C CG2 . THR A 1 68  ? -3.521  -3.897  -4.760  1.00 3.53  ? 68  THR A CG2 1 
ATOM   195 N N   . THR A 1 69  ? -1.559  -2.879  -7.488  1.00 3.49  ? 69  THR A N   1 
ATOM   196 C CA  . THR A 1 69  ? -0.959  -1.592  -7.806  1.00 8.10  ? 69  THR A CA  1 
ATOM   197 C C   . THR A 1 69  ? -1.617  -0.462  -7.031  1.00 6.38  ? 69  THR A C   1 
ATOM   198 O O   . THR A 1 69  ? -2.826  -0.484  -6.805  1.00 3.31  ? 69  THR A O   1 
ATOM   199 C CB  . THR A 1 69  ? -1.102  -1.273  -9.271  1.00 5.32  ? 69  THR A CB  1 
ATOM   200 O OG1 . THR A 1 69  ? -2.482  -1.416  -9.637  1.00 3.56  ? 69  THR A OG1 1 
ATOM   201 C CG2 . THR A 1 69  ? -0.231  -2.214  -10.097 1.00 3.47  ? 69  THR A CG2 1 
ATOM   202 N N   . ALA A 1 70  ? -0.804  0.525   -6.657  1.00 4.41  ? 70  ALA A N   1 
ATOM   203 C CA  . ALA A 1 70  ? -1.260  1.710   -5.957  1.00 6.91  ? 70  ALA A CA  1 
ATOM   204 C C   . ALA A 1 70  ? -0.691  2.975   -6.601  1.00 6.73  ? 70  ALA A C   1 
ATOM   205 O O   . ALA A 1 70  ? 0.532   3.143   -6.762  1.00 5.39  ? 70  ALA A O   1 
ATOM   206 C CB  . ALA A 1 70  ? -0.885  1.627   -4.490  1.00 11.47 ? 70  ALA A CB  1 
ATOM   207 N N   . GLY A 1 71  ? -1.587  3.871   -6.992  1.00 6.35  ? 71  GLY A N   1 
ATOM   208 C CA  . GLY A 1 71  ? -1.181  5.068   -7.697  1.00 3.15  ? 71  GLY A CA  1 
ATOM   209 C C   . GLY A 1 71  ? -2.349  5.930   -8.105  1.00 3.13  ? 71  GLY A C   1 
ATOM   210 O O   . GLY A 1 71  ? -3.475  5.721   -7.665  1.00 4.99  ? 71  GLY A O   1 
ATOM   211 N N   . ARG A 1 72  ? -2.077  6.917   -8.947  1.00 4.21  ? 72  ARG A N   1 
ATOM   212 C CA  . ARG A 1 72  ? -3.118  7.844   -9.352  1.00 9.10  ? 72  ARG A CA  1 
ATOM   213 C C   . ARG A 1 72  ? -3.616  7.480   -10.745 1.00 8.68  ? 72  ARG A C   1 
ATOM   214 O O   . ARG A 1 72  ? -4.625  8.000   -11.199 1.00 15.33 ? 72  ARG A O   1 
ATOM   215 C CB  . ARG A 1 72  ? -2.598  9.283   -9.323  1.00 10.70 ? 72  ARG A CB  1 
ATOM   216 C CG  . ARG A 1 72  ? -3.691  10.341  -9.400  1.00 17.69 ? 72  ARG A CG  1 
ATOM   217 C CD  . ARG A 1 72  ? -3.110  11.732  -9.181  1.00 22.73 ? 72  ARG A CD  1 
ATOM   218 N NE  . ARG A 1 72  ? -1.800  11.872  -9.811  1.00 30.23 ? 72  ARG A NE  1 
ATOM   219 C CZ  . ARG A 1 72  ? -1.556  12.632  -10.872 1.00 38.18 ? 72  ARG A CZ  1 
ATOM   220 N NH1 . ARG A 1 72  ? -2.533  13.340  -11.413 1.00 41.74 ? 72  ARG A NH1 1 
ATOM   221 N NH2 . ARG A 1 72  ? -0.334  12.693  -11.383 1.00 40.96 ? 72  ARG A NH2 1 
ATOM   222 N N   . HIS A 1 73  ? -2.898  6.587   -11.418 1.00 12.72 ? 73  HIS A N   1 
ATOM   223 C CA  . HIS A 1 73  ? -3.375  6.007   -12.675 1.00 11.45 ? 73  HIS A CA  1 
ATOM   224 C C   . HIS A 1 73  ? -4.788  5.460   -12.472 1.00 15.47 ? 73  HIS A C   1 
ATOM   225 O O   . HIS A 1 73  ? -5.033  4.751   -11.500 1.00 10.72 ? 73  HIS A O   1 
ATOM   226 C CB  . HIS A 1 73  ? -2.473  4.853   -13.082 1.00 14.18 ? 73  HIS A CB  1 
ATOM   227 C CG  . HIS A 1 73  ? -2.660  4.414   -14.497 1.00 18.58 ? 73  HIS A CG  1 
ATOM   228 N ND1 . HIS A 1 73  ? -3.716  3.619   -14.899 1.00 13.99 ? 73  HIS A ND1 1 
ATOM   229 C CD2 . HIS A 1 73  ? -1.928  4.654   -15.606 1.00 15.45 ? 73  HIS A CD2 1 
ATOM   230 C CE1 . HIS A 1 73  ? -3.618  3.389   -16.194 1.00 15.49 ? 73  HIS A CE1 1 
ATOM   231 N NE2 . HIS A 1 73  ? -2.541  4.003   -16.651 1.00 15.91 ? 73  HIS A NE2 1 
ATOM   232 N N   . PRO A 1 74  ? -5.719  5.757   -13.404 1.00 22.41 ? 74  PRO A N   1 
ATOM   233 C CA  . PRO A 1 74  ? -7.117  5.310   -13.269 1.00 21.39 ? 74  PRO A CA  1 
ATOM   234 C C   . PRO A 1 74  ? -7.292  3.796   -13.091 1.00 16.32 ? 74  PRO A C   1 
ATOM   235 O O   . PRO A 1 74  ? -8.288  3.359   -12.515 1.00 18.63 ? 74  PRO A O   1 
ATOM   236 C CB  . PRO A 1 74  ? -7.768  5.774   -14.583 1.00 24.21 ? 74  PRO A CB  1 
ATOM   237 C CG  . PRO A 1 74  ? -6.643  6.021   -15.520 1.00 24.25 ? 74  PRO A CG  1 
ATOM   238 C CD  . PRO A 1 74  ? -5.495  6.475   -14.670 1.00 21.91 ? 74  PRO A CD  1 
ATOM   239 N N   . GLU A 1 75  ? -6.332  3.004   -13.554 1.00 15.57 ? 75  GLU A N   1 
ATOM   240 C CA  . GLU A 1 75  ? -6.475  1.550   -13.484 1.00 15.32 ? 75  GLU A CA  1 
ATOM   241 C C   . GLU A 1 75  ? -5.735  0.948   -12.300 1.00 13.68 ? 75  GLU A C   1 
ATOM   242 O O   . GLU A 1 75  ? -5.607  -0.272  -12.180 1.00 12.48 ? 75  GLU A O   1 
ATOM   243 C CB  . GLU A 1 75  ? -6.033  0.902   -14.794 1.00 15.53 ? 75  GLU A CB  1 
ATOM   244 C CG  . GLU A 1 75  ? -6.807  1.409   -16.011 1.00 26.26 ? 75  GLU A CG  1 
ATOM   245 C CD  . GLU A 1 75  ? -8.319  1.201   -15.899 1.00 31.13 ? 75  GLU A CD  1 
ATOM   246 O OE1 . GLU A 1 75  ? -8.752  0.191   -15.305 1.00 33.76 ? 75  GLU A OE1 1 
ATOM   247 O OE2 . GLU A 1 75  ? -9.081  2.049   -16.412 1.00 30.34 ? 75  GLU A OE2 1 
ATOM   248 N N   . SER A 1 76  ? -5.255  1.815   -11.418 1.00 10.53 ? 76  SER A N   1 
ATOM   249 C CA  . SER A 1 76  ? -4.609  1.352   -10.198 1.00 10.10 ? 76  SER A CA  1 
ATOM   250 C C   . SER A 1 76  ? -5.599  0.508   -9.398  1.00 10.07 ? 76  SER A C   1 
ATOM   251 O O   . SER A 1 76  ? -6.784  0.838   -9.325  1.00 8.40  ? 76  SER A O   1 
ATOM   252 C CB  . SER A 1 76  ? -4.143  2.540   -9.357  1.00 3.56  ? 76  SER A CB  1 
ATOM   253 O OG  . SER A 1 76  ? -3.273  3.378   -10.102 1.00 3.55  ? 76  SER A OG  1 
ATOM   254 N N   . ASP A 1 77  ? -5.116  -0.590  -8.823  1.00 6.43  ? 77  ASP A N   1 
ATOM   255 C CA  . ASP A 1 77  ? -5.962  -1.436  -7.995  1.00 6.91  ? 77  ASP A CA  1 
ATOM   256 C C   . ASP A 1 77  ? -6.394  -0.662  -6.754  1.00 11.10 ? 77  ASP A C   1 
ATOM   257 O O   . ASP A 1 77  ? -7.539  -0.755  -6.304  1.00 8.89  ? 77  ASP A O   1 
ATOM   258 C CB  . ASP A 1 77  ? -5.232  -2.719  -7.599  1.00 3.56  ? 77  ASP A CB  1 
ATOM   259 C CG  . ASP A 1 77  ? -4.940  -3.611  -8.786  1.00 13.85 ? 77  ASP A CG  1 
ATOM   260 O OD1 . ASP A 1 77  ? -5.748  -3.621  -9.753  1.00 11.80 ? 77  ASP A OD1 1 
ATOM   261 O OD2 . ASP A 1 77  ? -3.893  -4.292  -8.754  1.00 10.92 ? 77  ASP A OD2 1 
ATOM   262 N N   . ILE A 1 78  ? -5.463  0.106   -6.208  1.00 7.04  ? 78  ILE A N   1 
ATOM   263 C CA  . ILE A 1 78  ? -5.763  0.998   -5.104  1.00 3.26  ? 78  ILE A CA  1 
ATOM   264 C C   . ILE A 1 78  ? -5.563  2.405   -5.634  1.00 12.73 ? 78  ILE A C   1 
ATOM   265 O O   . ILE A 1 78  ? -4.436  2.872   -5.791  1.00 13.60 ? 78  ILE A O   1 
ATOM   266 C CB  . ILE A 1 78  ? -4.842  0.713   -3.913  1.00 3.51  ? 78  ILE A CB  1 
ATOM   267 C CG1 . ILE A 1 78  ? -5.021  -0.738  -3.471  1.00 3.29  ? 78  ILE A CG1 1 
ATOM   268 C CG2 . ILE A 1 78  ? -5.093  1.714   -2.770  1.00 6.29  ? 78  ILE A CG2 1 
ATOM   269 C CD1 . ILE A 1 78  ? -4.152  -1.150  -2.286  1.00 7.21  ? 78  ILE A CD1 1 
ATOM   270 N N   . PHE A 1 79  ? -6.668  3.068   -5.935  1.00 7.15  ? 79  PHE A N   1 
ATOM   271 C CA  . PHE A 1 79  ? -6.626  4.355   -6.614  1.00 5.47  ? 79  PHE A CA  1 
ATOM   272 C C   . PHE A 1 79  ? -6.626  5.507   -5.618  1.00 8.15  ? 79  PHE A C   1 
ATOM   273 O O   . PHE A 1 79  ? -7.641  5.788   -4.980  1.00 11.89 ? 79  PHE A O   1 
ATOM   274 C CB  . PHE A 1 79  ? -7.813  4.451   -7.581  1.00 10.45 ? 79  PHE A CB  1 
ATOM   275 C CG  . PHE A 1 79  ? -7.957  5.791   -8.251  1.00 14.72 ? 79  PHE A CG  1 
ATOM   276 C CD1 . PHE A 1 79  ? -6.987  6.258   -9.117  1.00 8.78  ? 79  PHE A CD1 1 
ATOM   277 C CD2 . PHE A 1 79  ? -9.086  6.565   -8.039  1.00 15.88 ? 79  PHE A CD2 1 
ATOM   278 C CE1 . PHE A 1 79  ? -7.128  7.479   -9.731  1.00 12.72 ? 79  PHE A CE1 1 
ATOM   279 C CE2 . PHE A 1 79  ? -9.233  7.781   -8.657  1.00 12.28 ? 79  PHE A CE2 1 
ATOM   280 C CZ  . PHE A 1 79  ? -8.256  8.241   -9.500  1.00 14.93 ? 79  PHE A CZ  1 
ATOM   281 N N   . LEU A 1 80  ? -5.473  6.164   -5.500  1.00 13.11 ? 80  LEU A N   1 
ATOM   282 C CA  . LEU A 1 80  ? -5.261  7.257   -4.554  1.00 11.07 ? 80  LEU A CA  1 
ATOM   283 C C   . LEU A 1 80  ? -5.150  8.575   -5.316  1.00 10.75 ? 80  LEU A C   1 
ATOM   284 O O   . LEU A 1 80  ? -4.106  8.900   -5.886  1.00 4.96  ? 80  LEU A O   1 
ATOM   285 C CB  . LEU A 1 80  ? -3.995  6.996   -3.732  1.00 9.01  ? 80  LEU A CB  1 
ATOM   286 C CG  . LEU A 1 80  ? -4.003  5.654   -2.993  1.00 8.77  ? 80  LEU A CG  1 
ATOM   287 C CD1 . LEU A 1 80  ? -2.643  5.397   -2.350  1.00 8.34  ? 80  LEU A CD1 1 
ATOM   288 C CD2 . LEU A 1 80  ? -5.117  5.619   -1.954  1.00 9.12  ? 80  LEU A CD2 1 
ATOM   289 N N   . ASP A 1 81  ? -6.246  9.324   -5.336  1.00 15.19 ? 81  ASP A N   1 
ATOM   290 C CA  . ASP A 1 81  ? -6.406  10.424  -6.279  1.00 21.11 ? 81  ASP A CA  1 
ATOM   291 C C   . ASP A 1 81  ? -5.935  11.758  -5.703  1.00 22.47 ? 81  ASP A C   1 
ATOM   292 O O   . ASP A 1 81  ? -6.725  12.533  -5.161  1.00 20.16 ? 81  ASP A O   1 
ATOM   293 C CB  . ASP A 1 81  ? -7.868  10.502  -6.736  1.00 22.98 ? 81  ASP A CB  1 
ATOM   294 C CG  . ASP A 1 81  ? -8.077  11.475  -7.878  1.00 27.60 ? 81  ASP A CG  1 
ATOM   295 O OD1 . ASP A 1 81  ? -7.076  11.972  -8.434  1.00 27.27 ? 81  ASP A OD1 1 
ATOM   296 O OD2 . ASP A 1 81  ? -9.252  11.729  -8.229  1.00 32.49 ? 81  ASP A OD2 1 
ATOM   297 N N   . ASP A 1 82  ? -4.640  12.021  -5.832  1.00 18.80 ? 82  ASP A N   1 
ATOM   298 C CA  . ASP A 1 82  ? -4.075  13.263  -5.335  1.00 17.57 ? 82  ASP A CA  1 
ATOM   299 C C   . ASP A 1 82  ? -2.769  13.579  -6.044  1.00 16.87 ? 82  ASP A C   1 
ATOM   300 O O   . ASP A 1 82  ? -2.046  12.673  -6.445  1.00 13.08 ? 82  ASP A O   1 
ATOM   301 C CB  . ASP A 1 82  ? -3.867  13.183  -3.821  1.00 17.25 ? 82  ASP A CB  1 
ATOM   302 C CG  . ASP A 1 82  ? -3.643  14.539  -3.196  1.00 18.32 ? 82  ASP A CG  1 
ATOM   303 O OD1 . ASP A 1 82  ? -2.471  14.894  -2.956  1.00 18.59 ? 82  ASP A OD1 1 
ATOM   304 O OD2 . ASP A 1 82  ? -4.640  15.253  -2.940  1.00 16.17 ? 82  ASP A OD2 1 
ATOM   305 N N   . VAL A 1 83  ? -2.475  14.870  -6.185  1.00 18.88 ? 83  VAL A N   1 
ATOM   306 C CA  . VAL A 1 83  ? -1.291  15.351  -6.898  1.00 17.34 ? 83  VAL A CA  1 
ATOM   307 C C   . VAL A 1 83  ? 0.008   14.878  -6.238  1.00 19.09 ? 83  VAL A C   1 
ATOM   308 O O   . VAL A 1 83  ? 1.034   14.710  -6.905  1.00 16.92 ? 83  VAL A O   1 
ATOM   309 C CB  . VAL A 1 83  ? -1.304  16.903  -6.995  1.00 30.42 ? 83  VAL A CB  1 
ATOM   310 C CG1 . VAL A 1 83  ? -1.436  17.527  -5.616  1.00 24.17 ? 83  VAL A CG1 1 
ATOM   311 C CG2 . VAL A 1 83  ? -0.059  17.428  -7.705  1.00 36.67 ? 83  VAL A CG2 1 
ATOM   312 N N   . THR A 1 84  ? -0.049  14.646  -4.928  1.00 15.62 ? 84  THR A N   1 
ATOM   313 C CA  . THR A 1 84  ? 1.103   14.147  -4.180  1.00 15.75 ? 84  THR A CA  1 
ATOM   314 C C   . THR A 1 84  ? 1.423   12.682  -4.501  1.00 14.46 ? 84  THR A C   1 
ATOM   315 O O   . THR A 1 84  ? 2.457   12.153  -4.098  1.00 15.14 ? 84  THR A O   1 
ATOM   316 C CB  . THR A 1 84  ? 0.884   14.289  -2.660  1.00 16.90 ? 84  THR A CB  1 
ATOM   317 O OG1 . THR A 1 84  ? -0.299  13.576  -2.267  1.00 15.47 ? 84  THR A OG1 1 
ATOM   318 C CG2 . THR A 1 84  ? 0.725   15.756  -2.284  1.00 19.90 ? 84  THR A CG2 1 
ATOM   319 N N   . VAL A 1 85  ? 0.530   12.034  -5.236  1.00 10.02 ? 85  VAL A N   1 
ATOM   320 C CA  . VAL A 1 85  ? 0.675   10.626  -5.573  1.00 9.36  ? 85  VAL A CA  1 
ATOM   321 C C   . VAL A 1 85  ? 1.048   10.433  -7.048  1.00 5.97  ? 85  VAL A C   1 
ATOM   322 O O   . VAL A 1 85  ? 0.437   11.035  -7.933  1.00 8.13  ? 85  VAL A O   1 
ATOM   323 C CB  . VAL A 1 85  ? -0.635  9.889   -5.255  1.00 3.49  ? 85  VAL A CB  1 
ATOM   324 C CG1 . VAL A 1 85  ? -0.549  8.425   -5.671  1.00 4.84  ? 85  VAL A CG1 1 
ATOM   325 C CG2 . VAL A 1 85  ? -0.967  10.035  -3.757  1.00 6.67  ? 85  VAL A CG2 1 
ATOM   326 N N   . SER A 1 86  ? 2.061   9.613   -7.314  1.00 6.95  ? 86  SER A N   1 
ATOM   327 C CA  . SER A 1 86  ? 2.502   9.382   -8.695  1.00 5.15  ? 86  SER A CA  1 
ATOM   328 C C   . SER A 1 86  ? 1.519   8.466   -9.436  1.00 8.62  ? 86  SER A C   1 
ATOM   329 O O   . SER A 1 86  ? 0.769   7.718   -8.814  1.00 8.26  ? 86  SER A O   1 
ATOM   330 C CB  . SER A 1 86  ? 3.899   8.767   -8.731  1.00 8.09  ? 86  SER A CB  1 
ATOM   331 O OG  . SER A 1 86  ? 4.904   9.707   -8.373  1.00 11.12 ? 86  SER A OG  1 
ATOM   332 N N   . ARG A 1 87  ? 1.545   8.538   -10.764 1.00 9.43  ? 87  ARG A N   1 
ATOM   333 C CA  . ARG A 1 87  ? 0.680   7.746   -11.636 1.00 8.54  ? 87  ARG A CA  1 
ATOM   334 C C   . ARG A 1 87  ? 0.819   6.270   -11.287 1.00 3.22  ? 87  ARG A C   1 
ATOM   335 O O   . ARG A 1 87  ? -0.160  5.617   -10.937 1.00 3.80  ? 87  ARG A O   1 
ATOM   336 C CB  . ARG A 1 87  ? 1.058   8.012   -13.097 1.00 16.27 ? 87  ARG A CB  1 
ATOM   337 C CG  . ARG A 1 87  ? 0.128   7.431   -14.145 1.00 26.94 ? 87  ARG A CG  1 
ATOM   338 C CD  . ARG A 1 87  ? 0.470   8.009   -15.527 1.00 32.03 ? 87  ARG A CD  1 
ATOM   339 N NE  . ARG A 1 87  ? -0.348  7.465   -16.608 1.00 32.69 ? 87  ARG A NE  1 
ATOM   340 C CZ  . ARG A 1 87  ? -1.638  7.741   -16.787 1.00 29.49 ? 87  ARG A CZ  1 
ATOM   341 N NH1 . ARG A 1 87  ? -2.280  8.539   -15.942 1.00 20.84 ? 87  ARG A NH1 1 
ATOM   342 N NH2 . ARG A 1 87  ? -2.292  7.202   -17.807 1.00 37.92 ? 87  ARG A NH2 1 
ATOM   343 N N   . ARG A 1 88  ? 2.048   5.762   -11.375 1.00 6.59  ? 88  ARG A N   1 
ATOM   344 C CA  . ARG A 1 88  ? 2.428   4.484   -10.786 1.00 5.15  ? 88  ARG A CA  1 
ATOM   345 C C   . ARG A 1 88  ? 3.363   4.773   -9.601  1.00 8.70  ? 88  ARG A C   1 
ATOM   346 O O   . ARG A 1 88  ? 4.474   5.279   -9.783  1.00 10.43 ? 88  ARG A O   1 
ATOM   347 C CB  . ARG A 1 88  ? 3.145   3.605   -11.813 1.00 15.86 ? 88  ARG A CB  1 
ATOM   348 C CG  . ARG A 1 88  ? 2.379   3.387   -13.116 1.00 12.39 ? 88  ARG A CG  1 
ATOM   349 C CD  . ARG A 1 88  ? 1.020   2.726   -12.862 1.00 14.41 ? 88  ARG A CD  1 
ATOM   350 N NE  . ARG A 1 88  ? 0.418   2.179   -14.086 1.00 22.76 ? 88  ARG A NE  1 
ATOM   351 C CZ  . ARG A 1 88  ? -0.607  1.325   -14.102 1.00 18.88 ? 88  ARG A CZ  1 
ATOM   352 N NH1 . ARG A 1 88  ? -1.149  0.916   -12.962 1.00 12.38 ? 88  ARG A NH1 1 
ATOM   353 N NH2 . ARG A 1 88  ? -1.092  0.875   -15.258 1.00 18.00 ? 88  ARG A NH2 1 
ATOM   354 N N   . HIS A 1 89  ? 2.922   4.447   -8.392  1.00 3.25  ? 89  HIS A N   1 
ATOM   355 C CA  . HIS A 1 89  ? 3.654   4.865   -7.189  1.00 3.25  ? 89  HIS A CA  1 
ATOM   356 C C   . HIS A 1 89  ? 4.265   3.677   -6.456  1.00 3.30  ? 89  HIS A C   1 
ATOM   357 O O   . HIS A 1 89  ? 5.470   3.648   -6.195  1.00 3.67  ? 89  HIS A O   1 
ATOM   358 C CB  . HIS A 1 89  ? 2.737   5.665   -6.251  1.00 3.21  ? 89  HIS A CB  1 
ATOM   359 C CG  . HIS A 1 89  ? 3.479   6.428   -5.182  1.00 7.09  ? 89  HIS A CG  1 
ATOM   360 N ND1 . HIS A 1 89  ? 3.439   7.794   -5.091  1.00 11.28 ? 89  HIS A ND1 1 
ATOM   361 C CD2 . HIS A 1 89  ? 4.285   5.991   -4.189  1.00 3.24  ? 89  HIS A CD2 1 
ATOM   362 C CE1 . HIS A 1 89  ? 4.202   8.183   -4.072  1.00 10.10 ? 89  HIS A CE1 1 
ATOM   363 N NE2 . HIS A 1 89  ? 4.724   7.116   -3.515  1.00 3.27  ? 89  HIS A NE2 1 
ATOM   364 N N   . ALA A 1 90  ? 3.441   2.690   -6.140  1.00 3.31  ? 90  ALA A N   1 
ATOM   365 C CA  . ALA A 1 90  ? 3.911   1.513   -5.447  1.00 3.37  ? 90  ALA A CA  1 
ATOM   366 C C   . ALA A 1 90  ? 3.159   0.271   -5.908  1.00 3.41  ? 90  ALA A C   1 
ATOM   367 O O   . ALA A 1 90  ? 2.122   0.353   -6.585  1.00 3.38  ? 90  ALA A O   1 
ATOM   368 C CB  . ALA A 1 90  ? 3.754   1.687   -3.935  1.00 3.37  ? 90  ALA A CB  1 
ATOM   369 N N   . GLU A 1 91  ? 3.684   -0.881  -5.522  1.00 3.49  ? 91  GLU A N   1 
ATOM   370 C CA  . GLU A 1 91  ? 2.982   -2.142  -5.714  1.00 5.47  ? 91  GLU A CA  1 
ATOM   371 C C   . GLU A 1 91  ? 3.097   -2.926  -4.424  1.00 6.73  ? 91  GLU A C   1 
ATOM   372 O O   . GLU A 1 91  ? 4.112   -2.840  -3.720  1.00 5.06  ? 91  GLU A O   1 
ATOM   373 C CB  . GLU A 1 91  ? 3.559   -2.931  -6.898  1.00 9.30  ? 91  GLU A CB  1 
ATOM   374 C CG  . GLU A 1 91  ? 3.425   -2.196  -8.216  1.00 4.50  ? 91  GLU A CG  1 
ATOM   375 C CD  . GLU A 1 91  ? 3.816   -3.029  -9.421  1.00 7.32  ? 91  GLU A CD  1 
ATOM   376 O OE1 . GLU A 1 91  ? 4.506   -4.048  -9.246  1.00 6.85  ? 91  GLU A OE1 1 
ATOM   377 O OE2 . GLU A 1 91  ? 3.429   -2.654  -10.551 1.00 3.59  ? 91  GLU A OE2 1 
ATOM   378 N N   . PHE A 1 92  ? 2.039   -3.654  -4.098  1.00 3.63  ? 92  PHE A N   1 
ATOM   379 C CA  . PHE A 1 92  ? 2.046   -4.543  -2.955  1.00 5.21  ? 92  PHE A CA  1 
ATOM   380 C C   . PHE A 1 92  ? 2.041   -5.998  -3.438  1.00 4.61  ? 92  PHE A C   1 
ATOM   381 O O   . PHE A 1 92  ? 1.123   -6.412  -4.136  1.00 5.22  ? 92  PHE A O   1 
ATOM   382 C CB  . PHE A 1 92  ? 0.832   -4.256  -2.059  1.00 3.67  ? 92  PHE A CB  1 
ATOM   383 C CG  . PHE A 1 92  ? 0.842   -2.877  -1.457  1.00 3.78  ? 92  PHE A CG  1 
ATOM   384 C CD1 . PHE A 1 92  ? 1.539   -2.625  -0.279  1.00 3.59  ? 92  PHE A CD1 1 
ATOM   385 C CD2 . PHE A 1 92  ? 0.159   -1.830  -2.064  1.00 7.00  ? 92  PHE A CD2 1 
ATOM   386 C CE1 . PHE A 1 92  ? 1.557   -1.357  0.280   1.00 3.51  ? 92  PHE A CE1 1 
ATOM   387 C CE2 . PHE A 1 92  ? 0.181   -0.537  -1.492  1.00 4.21  ? 92  PHE A CE2 1 
ATOM   388 C CZ  . PHE A 1 92  ? 0.884   -0.313  -0.328  1.00 3.43  ? 92  PHE A CZ  1 
ATOM   389 N N   . ARG A 1 93  ? 3.073   -6.754  -3.065  1.00 4.93  ? 93  ARG A N   1 
ATOM   390 C CA  . ARG A 1 93  ? 3.250   -8.132  -3.525  1.00 7.72  ? 93  ARG A CA  1 
ATOM   391 C C   . ARG A 1 93  ? 3.031   -9.131  -2.410  1.00 10.39 ? 93  ARG A C   1 
ATOM   392 O O   . ARG A 1 93  ? 3.336   -8.862  -1.244  1.00 12.89 ? 93  ARG A O   1 
ATOM   393 C CB  . ARG A 1 93  ? 4.671   -8.388  -4.047  1.00 17.87 ? 93  ARG A CB  1 
ATOM   394 C CG  . ARG A 1 93  ? 5.216   -7.423  -5.057  1.00 25.37 ? 93  ARG A CG  1 
ATOM   395 C CD  . ARG A 1 93  ? 6.486   -8.007  -5.680  1.00 35.25 ? 93  ARG A CD  1 
ATOM   396 N NE  . ARG A 1 93  ? 7.545   -8.270  -4.706  1.00 38.65 ? 93  ARG A NE  1 
ATOM   397 C CZ  . ARG A 1 93  ? 8.553   -9.114  -4.909  1.00 41.99 ? 93  ARG A CZ  1 
ATOM   398 N NH1 . ARG A 1 93  ? 8.637   -9.794  -6.046  1.00 41.40 ? 93  ARG A NH1 1 
ATOM   399 N NH2 . ARG A 1 93  ? 9.477   -9.289  -3.974  1.00 45.54 ? 93  ARG A NH2 1 
ATOM   400 N N   . ILE A 1 94  ? 2.547   -10.306 -2.794  1.00 12.80 ? 94  ILE A N   1 
ATOM   401 C CA  . ILE A 1 94  ? 2.404   -11.438 -1.891  1.00 20.65 ? 94  ILE A CA  1 
ATOM   402 C C   . ILE A 1 94  ? 3.368   -12.539 -2.320  1.00 27.40 ? 94  ILE A C   1 
ATOM   403 O O   . ILE A 1 94  ? 3.114   -13.226 -3.303  1.00 21.07 ? 94  ILE A O   1 
ATOM   404 C CB  . ILE A 1 94  ? 0.987   -11.998 -1.955  1.00 18.45 ? 94  ILE A CB  1 
ATOM   405 C CG1 . ILE A 1 94  ? -0.019  -10.935 -1.520  1.00 23.95 ? 94  ILE A CG1 1 
ATOM   406 C CG2 . ILE A 1 94  ? 0.865   -13.255 -1.099  1.00 20.37 ? 94  ILE A CG2 1 
ATOM   407 C CD1 . ILE A 1 94  ? -1.441  -11.439 -1.475  1.00 23.13 ? 94  ILE A CD1 1 
ATOM   408 N N   . ASN A 1 95  ? 4.475   -12.694 -1.593  1.00 42.00 ? 95  ASN A N   1 
ATOM   409 C CA  . ASN A 1 95  ? 5.494   -13.693 -1.921  1.00 49.68 ? 95  ASN A CA  1 
ATOM   410 C C   . ASN A 1 95  ? 6.322   -14.148 -0.715  1.00 53.31 ? 95  ASN A C   1 
ATOM   411 O O   . ASN A 1 95  ? 7.352   -13.542 -0.437  1.00 52.18 ? 95  ASN A O   1 
ATOM   412 C CB  . ASN A 1 95  ? 6.483   -13.143 -2.963  1.00 51.52 ? 95  ASN A CB  1 
ATOM   413 C CG  . ASN A 1 95  ? 5.822   -12.725 -4.257  1.00 53.43 ? 95  ASN A CG  1 
ATOM   414 O OD1 . ASN A 1 95  ? 5.988   -11.591 -4.711  1.00 51.35 ? 95  ASN A OD1 1 
ATOM   415 N ND2 . ASN A 1 95  ? 5.060   -13.632 -4.857  1.00 57.74 ? 95  ASN A ND2 1 
ATOM   416 N N   . GLU A 1 96  ? 5.924   -15.205 -0.005  1.00 56.55 ? 96  GLU A N   1 
ATOM   417 C CA  . GLU A 1 96  ? 4.709   -15.985 -0.231  1.00 57.66 ? 96  GLU A CA  1 
ATOM   418 C C   . GLU A 1 96  ? 4.156   -16.298 1.156   1.00 53.41 ? 96  GLU A C   1 
ATOM   419 O O   . GLU A 1 96  ? 4.690   -17.154 1.869   1.00 54.99 ? 96  GLU A O   1 
ATOM   420 C CB  . GLU A 1 96  ? 5.049   -17.294 -0.947  1.00 63.33 ? 96  GLU A CB  1 
ATOM   421 C CG  . GLU A 1 96  ? 5.340   -17.143 -2.431  1.00 67.53 ? 96  GLU A CG  1 
ATOM   422 C CD  . GLU A 1 96  ? 4.081   -16.910 -3.251  1.00 69.71 ? 96  GLU A CD  1 
ATOM   423 O OE1 . GLU A 1 96  ? 3.022   -17.468 -2.894  1.00 70.11 ? 96  GLU A OE1 1 
ATOM   424 O OE2 . GLU A 1 96  ? 4.155   -16.170 -4.255  1.00 70.29 ? 96  GLU A OE2 1 
ATOM   425 N N   . GLY A 1 97  ? 3.094   -15.600 1.540   1.00 45.59 ? 97  GLY A N   1 
ATOM   426 C CA  . GLY A 1 97  ? 2.694   -15.542 2.933   1.00 41.77 ? 97  GLY A CA  1 
ATOM   427 C C   . GLY A 1 97  ? 3.460   -14.371 3.514   1.00 41.77 ? 97  GLY A C   1 
ATOM   428 O O   . GLY A 1 97  ? 3.434   -14.102 4.718   1.00 42.03 ? 97  GLY A O   1 
ATOM   429 N N   . GLU A 1 98  ? 4.160   -13.682 2.618   1.00 35.49 ? 98  GLU A N   1 
ATOM   430 C CA  . GLU A 1 98  ? 4.971   -12.523 2.938   1.00 27.73 ? 98  GLU A CA  1 
ATOM   431 C C   . GLU A 1 98  ? 4.456   -11.378 2.076   1.00 17.21 ? 98  GLU A C   1 
ATOM   432 O O   . GLU A 1 98  ? 4.427   -11.489 0.852   1.00 18.07 ? 98  GLU A O   1 
ATOM   433 C CB  . GLU A 1 98  ? 6.430   -12.807 2.582   1.00 33.12 ? 98  GLU A CB  1 
ATOM   434 C CG  . GLU A 1 98  ? 7.432   -12.629 3.712   1.00 34.89 ? 98  GLU A CG  1 
ATOM   435 C CD  . GLU A 1 98  ? 8.864   -12.698 3.217   1.00 39.99 ? 98  GLU A CD  1 
ATOM   436 O OE1 . GLU A 1 98  ? 9.058   -12.928 2.004   1.00 36.28 ? 98  GLU A OE1 1 
ATOM   437 O OE2 . GLU A 1 98  ? 9.794   -12.516 4.034   1.00 43.19 ? 98  GLU A OE2 1 
ATOM   438 N N   . PHE A 1 99  ? 4.032   -10.294 2.712   1.00 15.00 ? 99  PHE A N   1 
ATOM   439 C CA  . PHE A 1 99  ? 3.555   -9.113  2.000   1.00 6.23  ? 99  PHE A CA  1 
ATOM   440 C C   . PHE A 1 99  ? 4.667   -8.063  1.919   1.00 9.85  ? 99  PHE A C   1 
ATOM   441 O O   . PHE A 1 99  ? 5.293   -7.733  2.925   1.00 10.10 ? 99  PHE A O   1 
ATOM   442 C CB  . PHE A 1 99  ? 2.309   -8.543  2.686   1.00 12.92 ? 99  PHE A CB  1 
ATOM   443 C CG  . PHE A 1 99  ? 1.130   -9.490  2.688   1.00 15.14 ? 99  PHE A CG  1 
ATOM   444 C CD1 . PHE A 1 99  ? 0.154   -9.405  1.710   1.00 19.21 ? 99  PHE A CD1 1 
ATOM   445 C CD2 . PHE A 1 99  ? 1.013   -10.474 3.654   1.00 16.94 ? 99  PHE A CD2 1 
ATOM   446 C CE1 . PHE A 1 99  ? -0.923  -10.280 1.702   1.00 16.20 ? 99  PHE A CE1 1 
ATOM   447 C CE2 . PHE A 1 99  ? -0.061  -11.351 3.649   1.00 18.25 ? 99  PHE A CE2 1 
ATOM   448 C CZ  . PHE A 1 99  ? -1.024  -11.254 2.668   1.00 17.50 ? 99  PHE A CZ  1 
ATOM   449 N N   . GLU A 1 100 ? 4.928   -7.561  0.714   1.00 5.33  ? 100 GLU A N   1 
ATOM   450 C CA  . GLU A 1 100 ? 5.997   -6.587  0.514   1.00 9.64  ? 100 GLU A CA  1 
ATOM   451 C C   . GLU A 1 100 ? 5.447   -5.353  -0.193  1.00 9.09  ? 100 GLU A C   1 
ATOM   452 O O   . GLU A 1 100 ? 4.620   -5.473  -1.094  1.00 5.94  ? 100 GLU A O   1 
ATOM   453 C CB  . GLU A 1 100 ? 7.109   -7.212  -0.334  1.00 7.64  ? 100 GLU A CB  1 
ATOM   454 C CG  . GLU A 1 100 ? 8.370   -6.390  -0.421  1.00 13.75 ? 100 GLU A CG  1 
ATOM   455 C CD  . GLU A 1 100 ? 9.454   -7.104  -1.186  1.00 10.86 ? 100 GLU A CD  1 
ATOM   456 O OE1 . GLU A 1 100 ? 9.116   -7.835  -2.129  1.00 15.90 ? 100 GLU A OE1 1 
ATOM   457 O OE2 . GLU A 1 100 ? 10.638  -6.946  -0.837  1.00 12.46 ? 100 GLU A OE2 1 
ATOM   458 N N   . VAL A 1 101 ? 5.875   -4.164  0.229   1.00 3.81  ? 101 VAL A N   1 
ATOM   459 C CA  . VAL A 1 101 ? 5.587   -2.968  -0.551  1.00 3.71  ? 101 VAL A CA  1 
ATOM   460 C C   . VAL A 1 101 ? 6.825   -2.704  -1.410  1.00 5.61  ? 101 VAL A C   1 
ATOM   461 O O   . VAL A 1 101 ? 7.947   -2.929  -0.964  1.00 8.58  ? 101 VAL A O   1 
ATOM   462 C CB  . VAL A 1 101 ? 5.232   -1.741  0.334   1.00 4.74  ? 101 VAL A CB  1 
ATOM   463 C CG1 . VAL A 1 101 ? 6.414   -1.342  1.229   1.00 3.66  ? 101 VAL A CG1 1 
ATOM   464 C CG2 . VAL A 1 101 ? 4.794   -0.561  -0.543  1.00 3.54  ? 101 VAL A CG2 1 
ATOM   465 N N   . VAL A 1 102 ? 6.615   -2.298  -2.657  1.00 3.68  ? 102 VAL A N   1 
ATOM   466 C CA  . VAL A 1 102 ? 7.713   -1.992  -3.569  1.00 3.68  ? 102 VAL A CA  1 
ATOM   467 C C   . VAL A 1 102 ? 7.445   -0.658  -4.250  1.00 7.11  ? 102 VAL A C   1 
ATOM   468 O O   . VAL A 1 102 ? 6.473   -0.526  -4.988  1.00 5.33  ? 102 VAL A O   1 
ATOM   469 C CB  . VAL A 1 102 ? 7.872   -3.053  -4.683  1.00 3.75  ? 102 VAL A CB  1 
ATOM   470 C CG1 . VAL A 1 102 ? 8.979   -2.635  -5.671  1.00 7.54  ? 102 VAL A CG1 1 
ATOM   471 C CG2 . VAL A 1 102 ? 8.169   -4.415  -4.091  1.00 3.85  ? 102 VAL A CG2 1 
ATOM   472 N N   . ASP A 1 103 ? 8.307   0.323   -4.003  1.00 5.34  ? 103 ASP A N   1 
ATOM   473 C CA  . ASP A 1 103 ? 8.229   1.595   -4.703  1.00 6.93  ? 103 ASP A CA  1 
ATOM   474 C C   . ASP A 1 103 ? 8.635   1.428   -6.181  1.00 10.25 ? 103 ASP A C   1 
ATOM   475 O O   . ASP A 1 103 ? 9.740   0.957   -6.493  1.00 3.66  ? 103 ASP A O   1 
ATOM   476 C CB  . ASP A 1 103 ? 9.121   2.634   -4.007  1.00 4.39  ? 103 ASP A CB  1 
ATOM   477 C CG  . ASP A 1 103 ? 8.995   3.996   -4.628  1.00 7.28  ? 103 ASP A CG  1 
ATOM   478 O OD1 . ASP A 1 103 ? 8.252   4.834   -4.073  1.00 4.24  ? 103 ASP A OD1 1 
ATOM   479 O OD2 . ASP A 1 103 ? 9.609   4.220   -5.696  1.00 7.69  ? 103 ASP A OD2 1 
ATOM   480 N N   . VAL A 1 104 ? 7.750   1.822   -7.093  1.00 3.47  ? 104 VAL A N   1 
ATOM   481 C CA  . VAL A 1 104 ? 7.987   1.590   -8.522  1.00 3.50  ? 104 VAL A CA  1 
ATOM   482 C C   . VAL A 1 104 ? 8.436   2.839   -9.299  1.00 8.98  ? 104 VAL A C   1 
ATOM   483 O O   . VAL A 1 104 ? 8.119   3.005   -10.485 1.00 8.53  ? 104 VAL A O   1 
ATOM   484 C CB  . VAL A 1 104 ? 6.762   0.936   -9.204  1.00 3.49  ? 104 VAL A CB  1 
ATOM   485 C CG1 . VAL A 1 104 ? 6.505   -0.421  -8.587  1.00 3.54  ? 104 VAL A CG1 1 
ATOM   486 C CG2 . VAL A 1 104 ? 5.548   1.816   -9.054  1.00 10.11 ? 104 VAL A CG2 1 
ATOM   487 N N   . GLY A 1 105 ? 9.205   3.695   -8.627  1.00 6.92  ? 105 GLY A N   1 
ATOM   488 C CA  . GLY A 1 105 ? 9.740   4.898   -9.233  1.00 5.75  ? 105 GLY A CA  1 
ATOM   489 C C   . GLY A 1 105 ? 8.926   6.155   -8.981  1.00 4.21  ? 105 GLY A C   1 
ATOM   490 O O   . GLY A 1 105 ? 8.838   7.021   -9.852  1.00 6.82  ? 105 GLY A O   1 
ATOM   491 N N   . SER A 1 106 ? 8.349   6.265   -7.787  1.00 3.35  ? 106 SER A N   1 
ATOM   492 C CA  . SER A 1 106 ? 7.538   7.419   -7.429  1.00 6.36  ? 106 SER A CA  1 
ATOM   493 C C   . SER A 1 106 ? 8.400   8.666   -7.249  1.00 3.31  ? 106 SER A C   1 
ATOM   494 O O   . SER A 1 106 ? 9.572   8.577   -6.896  1.00 7.94  ? 106 SER A O   1 
ATOM   495 C CB  . SER A 1 106 ? 6.795   7.155   -6.118  1.00 3.28  ? 106 SER A CB  1 
ATOM   496 O OG  . SER A 1 106 ? 7.686   7.253   -5.009  1.00 4.58  ? 106 SER A OG  1 
ATOM   497 N N   . LEU A 1 107 ? 7.809   9.831   -7.473  1.00 6.05  ? 107 LEU A N   1 
ATOM   498 C CA  . LEU A 1 107 ? 8.548   11.088  -7.350  1.00 8.42  ? 107 LEU A CA  1 
ATOM   499 C C   . LEU A 1 107 ? 8.970   11.402  -5.921  1.00 6.10  ? 107 LEU A C   1 
ATOM   500 O O   . LEU A 1 107 ? 10.106  11.823  -5.675  1.00 4.39  ? 107 LEU A O   1 
ATOM   501 C CB  . LEU A 1 107 ? 7.726   12.254  -7.882  1.00 4.62  ? 107 LEU A CB  1 
ATOM   502 C CG  . LEU A 1 107 ? 8.406   13.614  -7.700  1.00 8.27  ? 107 LEU A CG  1 
ATOM   503 C CD1 . LEU A 1 107 ? 9.751   13.669  -8.444  1.00 9.11  ? 107 LEU A CD1 1 
ATOM   504 C CD2 . LEU A 1 107 ? 7.481   14.710  -8.165  1.00 12.61 ? 107 LEU A CD2 1 
ATOM   505 N N   . ASN A 1 108 ? 8.057   11.246  -4.970  1.00 8.14  ? 108 ASN A N   1 
ATOM   506 C CA  . ASN A 1 108 ? 8.368   11.715  -3.621  1.00 10.73 ? 108 ASN A CA  1 
ATOM   507 C C   . ASN A 1 108 ? 8.495   10.625  -2.565  1.00 10.90 ? 108 ASN A C   1 
ATOM   508 O O   . ASN A 1 108 ? 8.521   10.915  -1.366  1.00 12.81 ? 108 ASN A O   1 
ATOM   509 C CB  . ASN A 1 108 ? 7.398   12.819  -3.176  1.00 15.36 ? 108 ASN A CB  1 
ATOM   510 C CG  . ASN A 1 108 ? 5.943   12.421  -3.332  1.00 13.07 ? 108 ASN A CG  1 
ATOM   511 O OD1 . ASN A 1 108 ? 5.605   11.236  -3.320  1.00 16.30 ? 108 ASN A OD1 1 
ATOM   512 N ND2 . ASN A 1 108 ? 5.071   13.412  -3.480  1.00 8.74  ? 108 ASN A ND2 1 
ATOM   513 N N   . GLY A 1 109 ? 8.572   9.376   -3.011  1.00 8.42  ? 109 GLY A N   1 
ATOM   514 C CA  . GLY A 1 109 ? 8.842   8.264   -2.123  1.00 5.21  ? 109 GLY A CA  1 
ATOM   515 C C   . GLY A 1 109 ? 7.641   7.453   -1.641  1.00 8.48  ? 109 GLY A C   1 
ATOM   516 O O   . GLY A 1 109 ? 6.493   7.899   -1.689  1.00 3.26  ? 109 GLY A O   1 
ATOM   517 N N   . THR A 1 110 ? 7.933   6.245   -1.178  1.00 3.34  ? 110 THR A N   1 
ATOM   518 C CA  . THR A 1 110 ? 6.997   5.426   -0.440  1.00 7.29  ? 110 THR A CA  1 
ATOM   519 C C   . THR A 1 110 ? 7.595   5.183   0.952   1.00 8.31  ? 110 THR A C   1 
ATOM   520 O O   . THR A 1 110 ? 8.702   4.671   1.076   1.00 3.43  ? 110 THR A O   1 
ATOM   521 C CB  . THR A 1 110 ? 6.757   4.090   -1.162  1.00 3.38  ? 110 THR A CB  1 
ATOM   522 O OG1 . THR A 1 110 ? 6.246   4.355   -2.475  1.00 4.12  ? 110 THR A OG1 1 
ATOM   523 C CG2 . THR A 1 110 ? 5.749   3.233   -0.411  1.00 3.39  ? 110 THR A CG2 1 
ATOM   524 N N   . TYR A 1 111 ? 6.857   5.557   1.994   1.00 9.57  ? 111 TYR A N   1 
ATOM   525 C CA  . TYR A 1 111 ? 7.392   5.520   3.352   1.00 9.02  ? 111 TYR A CA  1 
ATOM   526 C C   . TYR A 1 111 ? 6.787   4.404   4.190   1.00 6.50  ? 111 TYR A C   1 
ATOM   527 O O   . TYR A 1 111 ? 5.568   4.182   4.206   1.00 6.78  ? 111 TYR A O   1 
ATOM   528 C CB  . TYR A 1 111 ? 7.222   6.881   4.036   1.00 3.36  ? 111 TYR A CB  1 
ATOM   529 C CG  . TYR A 1 111 ? 7.838   8.000   3.238   1.00 3.34  ? 111 TYR A CG  1 
ATOM   530 C CD1 . TYR A 1 111 ? 9.125   8.460   3.526   1.00 3.37  ? 111 TYR A CD1 1 
ATOM   531 C CD2 . TYR A 1 111 ? 7.157   8.581   2.182   1.00 3.66  ? 111 TYR A CD2 1 
ATOM   532 C CE1 . TYR A 1 111 ? 9.709   9.463   2.787   1.00 3.35  ? 111 TYR A CE1 1 
ATOM   533 C CE2 . TYR A 1 111 ? 7.742   9.598   1.419   1.00 9.87  ? 111 TYR A CE2 1 
ATOM   534 C CZ  . TYR A 1 111 ? 9.016   10.038  1.744   1.00 3.31  ? 111 TYR A CZ  1 
ATOM   535 O OH  . TYR A 1 111 ? 9.615   11.029  1.012   1.00 8.08  ? 111 TYR A OH  1 
ATOM   536 N N   . VAL A 1 112 ? 7.658   3.676   4.865   1.00 6.10  ? 112 VAL A N   1 
ATOM   537 C CA  . VAL A 1 112 ? 7.211   2.672   5.805   1.00 5.80  ? 112 VAL A CA  1 
ATOM   538 C C   . VAL A 1 112 ? 7.658   3.116   7.176   1.00 9.92  ? 112 VAL A C   1 
ATOM   539 O O   . VAL A 1 112 ? 8.862   3.235   7.441   1.00 8.81  ? 112 VAL A O   1 
ATOM   540 C CB  . VAL A 1 112 ? 7.794   1.302   5.515   1.00 5.51  ? 112 VAL A CB  1 
ATOM   541 C CG1 . VAL A 1 112 ? 7.248   0.284   6.535   1.00 3.69  ? 112 VAL A CG1 1 
ATOM   542 C CG2 . VAL A 1 112 ? 7.481   0.880   4.071   1.00 3.61  ? 112 VAL A CG2 1 
ATOM   543 N N   . ASN A 1 113 ? 6.674   3.373   8.034   1.00 5.58  ? 113 ASN A N   1 
ATOM   544 C CA  . ASN A 1 113 ? 6.908   3.960   9.344   1.00 9.56  ? 113 ASN A CA  1 
ATOM   545 C C   . ASN A 1 113 ? 7.811   5.184   9.268   1.00 3.55  ? 113 ASN A C   1 
ATOM   546 O O   . ASN A 1 113 ? 8.785   5.291   10.014  1.00 3.59  ? 113 ASN A O   1 
ATOM   547 C CB  . ASN A 1 113 ? 7.451   2.915   10.312  1.00 3.67  ? 113 ASN A CB  1 
ATOM   548 C CG  . ASN A 1 113 ? 6.465   1.803   10.552  1.00 7.98  ? 113 ASN A CG  1 
ATOM   549 O OD1 . ASN A 1 113 ? 5.260   2.031   10.551  1.00 3.66  ? 113 ASN A OD1 1 
ATOM   550 N ND2 . ASN A 1 113 ? 6.965   0.590   10.724  1.00 3.79  ? 113 ASN A ND2 1 
ATOM   551 N N   . ARG A 1 114 ? 7.466   6.084   8.350   1.00 3.48  ? 114 ARG A N   1 
ATOM   552 C CA  . ARG A 1 114 ? 8.112   7.389   8.177   1.00 5.24  ? 114 ARG A CA  1 
ATOM   553 C C   . ARG A 1 114 ? 9.459   7.350   7.415   1.00 4.64  ? 114 ARG A C   1 
ATOM   554 O O   . ARG A 1 114 ? 10.031  8.402   7.121   1.00 5.83  ? 114 ARG A O   1 
ATOM   555 C CB  . ARG A 1 114 ? 8.222   8.155   9.513   1.00 11.80 ? 114 ARG A CB  1 
ATOM   556 C CG  . ARG A 1 114 ? 6.856   8.455   10.176  1.00 8.71  ? 114 ARG A CG  1 
ATOM   557 C CD  . ARG A 1 114 ? 7.010   8.768   11.687  1.00 4.15  ? 114 ARG A CD  1 
ATOM   558 N NE  . ARG A 1 114 ? 7.709   7.687   12.386  1.00 7.94  ? 114 ARG A NE  1 
ATOM   559 C CZ  . ARG A 1 114 ? 7.155   6.527   12.728  1.00 11.01 ? 114 ARG A CZ  1 
ATOM   560 N NH1 . ARG A 1 114 ? 5.878   6.279   12.448  1.00 8.33  ? 114 ARG A NH1 1 
ATOM   561 N NH2 . ARG A 1 114 ? 7.881   5.610   13.353  1.00 11.25 ? 114 ARG A NH2 1 
ATOM   562 N N   . GLU A 1 115 ? 9.928   6.153   7.065   1.00 3.52  ? 115 GLU A N   1 
ATOM   563 C CA  . GLU A 1 115 ? 11.196  5.980   6.336   1.00 3.55  ? 115 GLU A CA  1 
ATOM   564 C C   . GLU A 1 115 ? 10.994  5.534   4.897   1.00 3.53  ? 115 GLU A C   1 
ATOM   565 O O   . GLU A 1 115 ? 10.306  4.544   4.646   1.00 3.71  ? 115 GLU A O   1 
ATOM   566 C CB  . GLU A 1 115 ? 12.071  4.928   7.029   1.00 3.64  ? 115 GLU A CB  1 
ATOM   567 C CG  . GLU A 1 115 ? 12.522  5.315   8.441   1.00 7.05  ? 115 GLU A CG  1 
ATOM   568 C CD  . GLU A 1 115 ? 13.388  4.250   9.078   1.00 5.85  ? 115 GLU A CD  1 
ATOM   569 O OE1 . GLU A 1 115 ? 14.516  4.041   8.587   1.00 7.69  ? 115 GLU A OE1 1 
ATOM   570 O OE2 . GLU A 1 115 ? 12.936  3.620   10.061  1.00 3.86  ? 115 GLU A OE2 1 
ATOM   571 N N   . PRO A 1 116 ? 11.634  6.227   3.943   1.00 5.97  ? 116 PRO A N   1 
ATOM   572 C CA  . PRO A 1 116 ? 11.469  5.857   2.531   1.00 9.49  ? 116 PRO A CA  1 
ATOM   573 C C   . PRO A 1 116 ? 12.152  4.518   2.209   1.00 8.78  ? 116 PRO A C   1 
ATOM   574 O O   . PRO A 1 116 ? 13.255  4.255   2.698   1.00 4.32  ? 116 PRO A O   1 
ATOM   575 C CB  . PRO A 1 116 ? 12.149  7.014   1.788   1.00 13.90 ? 116 PRO A CB  1 
ATOM   576 C CG  . PRO A 1 116 ? 13.198  7.496   2.734   1.00 9.63  ? 116 PRO A CG  1 
ATOM   577 C CD  . PRO A 1 116 ? 12.633  7.301   4.127   1.00 4.76  ? 116 PRO A CD  1 
ATOM   578 N N   . ARG A 1 117 ? 11.498  3.694   1.388   1.00 3.57  ? 117 ARG A N   1 
ATOM   579 C CA  . ARG A 1 117 ? 11.961  2.346   1.090   1.00 4.99  ? 117 ARG A CA  1 
ATOM   580 C C   . ARG A 1 117 ? 11.837  2.008   -0.398  1.00 5.34  ? 117 ARG A C   1 
ATOM   581 O O   . ARG A 1 117 ? 10.807  2.274   -1.029  1.00 3.58  ? 117 ARG A O   1 
ATOM   582 C CB  . ARG A 1 117 ? 11.135  1.307   1.871   1.00 4.80  ? 117 ARG A CB  1 
ATOM   583 C CG  . ARG A 1 117 ? 11.246  1.385   3.387   1.00 3.70  ? 117 ARG A CG  1 
ATOM   584 C CD  . ARG A 1 117 ? 12.641  0.957   3.863   1.00 16.19 ? 117 ARG A CD  1 
ATOM   585 N NE  . ARG A 1 117 ? 12.787  1.050   5.316   1.00 14.18 ? 117 ARG A NE  1 
ATOM   586 C CZ  . ARG A 1 117 ? 13.906  1.407   5.942   1.00 9.99  ? 117 ARG A CZ  1 
ATOM   587 N NH1 . ARG A 1 117 ? 14.990  1.722   5.250   1.00 17.14 ? 117 ARG A NH1 1 
ATOM   588 N NH2 . ARG A 1 117 ? 13.938  1.458   7.266   1.00 13.08 ? 117 ARG A NH2 1 
ATOM   589 N N   . ASN A 1 118 ? 12.878  1.403   -0.960  1.00 4.74  ? 118 ASN A N   1 
ATOM   590 C CA  . ASN A 1 118 ? 12.765  0.815   -2.286  1.00 5.98  ? 118 ASN A CA  1 
ATOM   591 C C   . ASN A 1 118 ? 11.808  -0.377  -2.254  1.00 6.42  ? 118 ASN A C   1 
ATOM   592 O O   . ASN A 1 118 ? 10.914  -0.517  -3.099  1.00 6.29  ? 118 ASN A O   1 
ATOM   593 C CB  . ASN A 1 118 ? 14.132  0.351   -2.774  1.00 4.07  ? 118 ASN A CB  1 
ATOM   594 C CG  . ASN A 1 118 ? 14.983  1.483   -3.283  1.00 6.98  ? 118 ASN A CG  1 
ATOM   595 O OD1 . ASN A 1 118 ? 14.549  2.640   -3.322  1.00 7.28  ? 118 ASN A OD1 1 
ATOM   596 N ND2 . ASN A 1 118 ? 16.215  1.157   -3.686  1.00 4.38  ? 118 ASN A ND2 1 
ATOM   597 N N   . ALA A 1 119 ? 12.020  -1.247  -1.275  1.00 6.19  ? 119 ALA A N   1 
ATOM   598 C CA  . ALA A 1 119 ? 11.126  -2.370  -1.015  1.00 11.12 ? 119 ALA A CA  1 
ATOM   599 C C   . ALA A 1 119 ? 11.177  -2.671  0.480   1.00 14.05 ? 119 ALA A C   1 
ATOM   600 O O   . ALA A 1 119 ? 12.208  -2.469  1.117   1.00 16.67 ? 119 ALA A O   1 
ATOM   601 C CB  . ALA A 1 119 ? 11.554  -3.596  -1.825  1.00 9.77  ? 119 ALA A CB  1 
ATOM   602 N N   . GLN A 1 120 ? 10.066  -3.132  1.047   1.00 7.33  ? 120 GLN A N   1 
ATOM   603 C CA  . GLN A 1 120 ? 10.056  -3.526  2.449   1.00 3.93  ? 120 GLN A CA  1 
ATOM   604 C C   . GLN A 1 120 ? 8.987   -4.569  2.735   1.00 10.49 ? 120 GLN A C   1 
ATOM   605 O O   . GLN A 1 120 ? 7.823   -4.358  2.418   1.00 7.38  ? 120 GLN A O   1 
ATOM   606 C CB  . GLN A 1 120 ? 9.792   -2.303  3.325   1.00 6.42  ? 120 GLN A CB  1 
ATOM   607 C CG  . GLN A 1 120 ? 9.688   -2.620  4.795   1.00 10.78 ? 120 GLN A CG  1 
ATOM   608 C CD  . GLN A 1 120 ? 11.043  -2.759  5.437   1.00 23.30 ? 120 GLN A CD  1 
ATOM   609 O OE1 . GLN A 1 120 ? 11.491  -3.865  5.732   1.00 36.16 ? 120 GLN A OE1 1 
ATOM   610 N NE2 . GLN A 1 120 ? 11.709  -1.635  5.656   1.00 19.53 ? 120 GLN A NE2 1 
ATOM   611 N N   . VAL A 1 121 ? 9.374   -5.686  3.341   1.00 7.93  ? 121 VAL A N   1 
ATOM   612 C CA  . VAL A 1 121 ? 8.402   -6.658  3.809   1.00 13.07 ? 121 VAL A CA  1 
ATOM   613 C C   . VAL A 1 121 ? 7.585   -6.031  4.928   1.00 7.04  ? 121 VAL A C   1 
ATOM   614 O O   . VAL A 1 121 ? 8.142   -5.538  5.904   1.00 8.20  ? 121 VAL A O   1 
ATOM   615 C CB  . VAL A 1 121 ? 9.090   -7.941  4.307   1.00 16.47 ? 121 VAL A CB  1 
ATOM   616 C CG1 . VAL A 1 121 ? 8.096   -8.837  5.029   1.00 9.96  ? 121 VAL A CG1 1 
ATOM   617 C CG2 . VAL A 1 121 ? 9.735   -8.681  3.138   1.00 15.72 ? 121 VAL A CG2 1 
ATOM   618 N N   . MET A 1 122 ? 6.262   -6.035  4.791   1.00 8.58  ? 122 MET A N   1 
ATOM   619 C CA  . MET A 1 122 ? 5.420   -5.361  5.782   1.00 5.33  ? 122 MET A CA  1 
ATOM   620 C C   . MET A 1 122 ? 5.037   -6.264  6.953   1.00 8.80  ? 122 MET A C   1 
ATOM   621 O O   . MET A 1 122 ? 4.922   -7.476  6.802   1.00 9.17  ? 122 MET A O   1 
ATOM   622 C CB  . MET A 1 122 ? 4.163   -4.776  5.133   1.00 3.91  ? 122 MET A CB  1 
ATOM   623 C CG  . MET A 1 122 ? 4.394   -3.674  4.136   1.00 3.81  ? 122 MET A CG  1 
ATOM   624 S SD  . MET A 1 122 ? 2.863   -3.217  3.321   1.00 6.11  ? 122 MET A SD  1 
ATOM   625 C CE  . MET A 1 122 ? 2.382   -4.775  2.556   1.00 3.81  ? 122 MET A CE  1 
ATOM   626 N N   . GLN A 1 123 ? 4.859   -5.671  8.126   1.00 9.55  ? 123 GLN A N   1 
ATOM   627 C CA  . GLN A 1 123 ? 4.374   -6.417  9.283   1.00 8.98  ? 123 GLN A CA  1 
ATOM   628 C C   . GLN A 1 123 ? 3.168   -5.680  9.826   1.00 9.35  ? 123 GLN A C   1 
ATOM   629 O O   . GLN A 1 123 ? 3.051   -4.476  9.635   1.00 11.56 ? 123 GLN A O   1 
ATOM   630 C CB  . GLN A 1 123 ? 5.462   -6.552  10.355  1.00 17.83 ? 123 GLN A CB  1 
ATOM   631 C CG  . GLN A 1 123 ? 6.742   -7.267  9.891   1.00 19.18 ? 123 GLN A CG  1 
ATOM   632 C CD  . GLN A 1 123 ? 6.546   -8.754  9.601   1.00 22.51 ? 123 GLN A CD  1 
ATOM   633 O OE1 . GLN A 1 123 ? 5.490   -9.337  9.892   1.00 17.44 ? 123 GLN A OE1 1 
ATOM   634 N NE2 . GLN A 1 123 ? 7.570   -9.377  9.025   1.00 17.57 ? 123 GLN A NE2 1 
ATOM   635 N N   . THR A 1 124 ? 2.261   -6.404  10.476  1.00 7.28  ? 124 THR A N   1 
ATOM   636 C CA  . THR A 1 124 ? 1.017   -5.824  10.979  1.00 11.35 ? 124 THR A CA  1 
ATOM   637 C C   . THR A 1 124 ? 1.249   -4.571  11.814  1.00 13.37 ? 124 THR A C   1 
ATOM   638 O O   . THR A 1 124 ? 2.112   -4.552  12.697  1.00 7.09  ? 124 THR A O   1 
ATOM   639 C CB  . THR A 1 124 ? 0.214   -6.866  11.805  1.00 4.99  ? 124 THR A CB  1 
ATOM   640 O OG1 . THR A 1 124 ? -0.280  -7.875  10.922  1.00 10.01 ? 124 THR A OG1 1 
ATOM   641 C CG2 . THR A 1 124 ? -0.966  -6.224  12.510  1.00 5.71  ? 124 THR A CG2 1 
ATOM   642 N N   . GLY A 1 125 ? 0.486   -3.522  11.519  1.00 3.92  ? 125 GLY A N   1 
ATOM   643 C CA  . GLY A 1 125 ? 0.625   -2.264  12.228  1.00 7.38  ? 125 GLY A CA  1 
ATOM   644 C C   . GLY A 1 125 ? 1.579   -1.280  11.572  1.00 4.11  ? 125 GLY A C   1 
ATOM   645 O O   . GLY A 1 125 ? 1.638   -0.119  11.972  1.00 3.77  ? 125 GLY A O   1 
ATOM   646 N N   . ASP A 1 126 ? 2.323   -1.728  10.567  1.00 4.35  ? 126 ASP A N   1 
ATOM   647 C CA  . ASP A 1 126 ? 3.170   -0.817  9.794   1.00 12.08 ? 126 ASP A CA  1 
ATOM   648 C C   . ASP A 1 126 ? 2.339   0.268   9.112   1.00 11.95 ? 126 ASP A C   1 
ATOM   649 O O   . ASP A 1 126 ? 1.300   -0.024  8.517   1.00 8.81  ? 126 ASP A O   1 
ATOM   650 C CB  . ASP A 1 126 ? 3.955   -1.570  8.712   1.00 3.77  ? 126 ASP A CB  1 
ATOM   651 C CG  . ASP A 1 126 ? 5.203   -2.239  9.243   1.00 8.35  ? 126 ASP A CG  1 
ATOM   652 O OD1 . ASP A 1 126 ? 5.609   -1.932  10.378  1.00 4.28  ? 126 ASP A OD1 1 
ATOM   653 O OD2 . ASP A 1 126 ? 5.804   -3.053  8.504   1.00 11.65 ? 126 ASP A OD2 1 
ATOM   654 N N   . GLU A 1 127 ? 2.814   1.512   9.173   1.00 4.18  ? 127 GLU A N   1 
ATOM   655 C CA  . GLU A 1 127 ? 2.162   2.612   8.475   1.00 3.49  ? 127 GLU A CA  1 
ATOM   656 C C   . GLU A 1 127 ? 2.837   2.882   7.144   1.00 7.11  ? 127 GLU A C   1 
ATOM   657 O O   . GLU A 1 127 ? 4.050   3.091   7.077   1.00 3.99  ? 127 GLU A O   1 
ATOM   658 C CB  . GLU A 1 127 ? 2.167   3.883   9.332   1.00 6.70  ? 127 GLU A CB  1 
ATOM   659 C CG  . GLU A 1 127 ? 1.147   3.831   10.459  1.00 20.31 ? 127 GLU A CG  1 
ATOM   660 C CD  . GLU A 1 127 ? 1.268   4.987   11.425  1.00 26.24 ? 127 GLU A CD  1 
ATOM   661 O OE1 . GLU A 1 127 ? 2.263   5.731   11.331  1.00 30.58 ? 127 GLU A OE1 1 
ATOM   662 O OE2 . GLU A 1 127 ? 0.362   5.152   12.274  1.00 26.13 ? 127 GLU A OE2 1 
ATOM   663 N N   . ILE A 1 128 ? 2.037   2.907   6.090   1.00 3.41  ? 128 ILE A N   1 
ATOM   664 C CA  . ILE A 1 128 ? 2.541   3.115   4.751   1.00 5.86  ? 128 ILE A CA  1 
ATOM   665 C C   . ILE A 1 128 ? 2.053   4.473   4.260   1.00 7.26  ? 128 ILE A C   1 
ATOM   666 O O   . ILE A 1 128 ? 0.845   4.735   4.214   1.00 5.35  ? 128 ILE A O   1 
ATOM   667 C CB  . ILE A 1 128 ? 2.042   2.017   3.793   1.00 5.02  ? 128 ILE A CB  1 
ATOM   668 C CG1 . ILE A 1 128 ? 2.071   0.640   4.468   1.00 8.03  ? 128 ILE A CG1 1 
ATOM   669 C CG2 . ILE A 1 128 ? 2.864   2.007   2.516   1.00 7.08  ? 128 ILE A CG2 1 
ATOM   670 C CD1 . ILE A 1 128 ? 3.446   0.116   4.686   1.00 3.56  ? 128 ILE A CD1 1 
ATOM   671 N N   . GLN A 1 129 ? 2.989   5.351   3.921   1.00 3.30  ? 129 GLN A N   1 
ATOM   672 C CA  . GLN A 1 129 ? 2.605   6.640   3.360   1.00 4.42  ? 129 GLN A CA  1 
ATOM   673 C C   . GLN A 1 129 ? 2.908   6.740   1.863   1.00 4.05  ? 129 GLN A C   1 
ATOM   674 O O   . GLN A 1 129 ? 4.039   6.521   1.425   1.00 4.94  ? 129 GLN A O   1 
ATOM   675 C CB  . GLN A 1 129 ? 3.240   7.807   4.116   1.00 3.24  ? 129 GLN A CB  1 
ATOM   676 C CG  . GLN A 1 129 ? 3.011   9.145   3.427   1.00 10.73 ? 129 GLN A CG  1 
ATOM   677 C CD  . GLN A 1 129 ? 3.196   10.336  4.353   1.00 15.76 ? 129 GLN A CD  1 
ATOM   678 O OE1 . GLN A 1 129 ? 3.355   10.172  5.563   1.00 16.25 ? 129 GLN A OE1 1 
ATOM   679 N NE2 . GLN A 1 129 ? 3.160   11.543  3.790   1.00 16.76 ? 129 GLN A NE2 1 
ATOM   680 N N   . ILE A 1 130 ? 1.869   7.063   1.099   1.00 4.87  ? 130 ILE A N   1 
ATOM   681 C CA  . ILE A 1 130 ? 1.951   7.323   -0.332  1.00 4.34  ? 130 ILE A CA  1 
ATOM   682 C C   . ILE A 1 130 ? 1.307   8.696   -0.551  1.00 10.83 ? 130 ILE A C   1 
ATOM   683 O O   . ILE A 1 130 ? 0.113   8.877   -0.314  1.00 3.12  ? 130 ILE A O   1 
ATOM   684 C CB  . ILE A 1 130 ? 1.215   6.216   -1.124  1.00 6.06  ? 130 ILE A CB  1 
ATOM   685 C CG1 . ILE A 1 130 ? 2.019   4.910   -1.041  1.00 3.22  ? 130 ILE A CG1 1 
ATOM   686 C CG2 . ILE A 1 130 ? 0.974   6.638   -2.566  1.00 5.43  ? 130 ILE A CG2 1 
ATOM   687 C CD1 . ILE A 1 130 ? 1.187   3.655   -1.175  1.00 3.24  ? 130 ILE A CD1 1 
ATOM   688 N N   . GLY A 1 131 ? 2.114   9.673   -0.953  1.00 8.98  ? 131 GLY A N   1 
ATOM   689 C CA  . GLY A 1 131 ? 1.652   11.050  -1.018  1.00 10.89 ? 131 GLY A CA  1 
ATOM   690 C C   . GLY A 1 131 ? 1.130   11.470  0.345   1.00 13.09 ? 131 GLY A C   1 
ATOM   691 O O   . GLY A 1 131 ? 1.751   11.191  1.369   1.00 16.12 ? 131 GLY A O   1 
ATOM   692 N N   . LYS A 1 132 ? -0.036  12.102  0.363   1.00 16.37 ? 132 LYS A N   1 
ATOM   693 C CA  . LYS A 1 132 ? -0.652  12.509  1.619   1.00 15.50 ? 132 LYS A CA  1 
ATOM   694 C C   . LYS A 1 132 ? -1.429  11.373  2.292   1.00 13.55 ? 132 LYS A C   1 
ATOM   695 O O   . LYS A 1 132 ? -1.840  11.506  3.439   1.00 15.13 ? 132 LYS A O   1 
ATOM   696 C CB  . LYS A 1 132 ? -1.537  13.749  1.417   1.00 20.24 ? 132 LYS A CB  1 
ATOM   697 C CG  . LYS A 1 132 ? -2.679  13.565  0.426   1.00 27.59 ? 132 LYS A CG  1 
ATOM   698 C CD  . LYS A 1 132 ? -3.372  14.901  0.133   1.00 35.32 ? 132 LYS A CD  1 
ATOM   699 C CE  . LYS A 1 132 ? -4.468  15.217  1.140   1.00 36.18 ? 132 LYS A CE  1 
ATOM   700 N NZ  . LYS A 1 132 ? -5.087  16.552  0.896   1.00 37.08 ? 132 LYS A NZ  1 
ATOM   701 N N   . PHE A 1 133 ? -1.592  10.244  1.596   1.00 8.46  ? 133 PHE A N   1 
ATOM   702 C CA  . PHE A 1 133 ? -2.316  9.100   2.147   1.00 6.23  ? 133 PHE A CA  1 
ATOM   703 C C   . PHE A 1 133 ? -1.473  8.309   3.151   1.00 6.94  ? 133 PHE A C   1 
ATOM   704 O O   . PHE A 1 133 ? -0.368  7.882   2.839   1.00 7.45  ? 133 PHE A O   1 
ATOM   705 C CB  . PHE A 1 133 ? -2.789  8.159   1.024   1.00 6.76  ? 133 PHE A CB  1 
ATOM   706 C CG  . PHE A 1 133 ? -3.794  8.781   0.088   1.00 8.38  ? 133 PHE A CG  1 
ATOM   707 C CD1 . PHE A 1 133 ? -3.379  9.452   -1.050  1.00 3.08  ? 133 PHE A CD1 1 
ATOM   708 C CD2 . PHE A 1 133 ? -5.159  8.688   0.343   1.00 4.37  ? 133 PHE A CD2 1 
ATOM   709 C CE1 . PHE A 1 133 ? -4.300  10.034  -1.917  1.00 8.79  ? 133 PHE A CE1 1 
ATOM   710 C CE2 . PHE A 1 133 ? -6.087  9.263   -0.517  1.00 7.43  ? 133 PHE A CE2 1 
ATOM   711 C CZ  . PHE A 1 133 ? -5.655  9.937   -1.653  1.00 7.95  ? 133 PHE A CZ  1 
ATOM   712 N N   . ARG A 1 134 ? -2.003  8.097   4.354   1.00 8.85  ? 134 ARG A N   1 
ATOM   713 C CA  . ARG A 1 134 ? -1.358  7.205   5.310   1.00 8.59  ? 134 ARG A CA  1 
ATOM   714 C C   . ARG A 1 134 ? -2.233  5.991   5.559   1.00 7.71  ? 134 ARG A C   1 
ATOM   715 O O   . ARG A 1 134 ? -3.390  6.131   5.919   1.00 14.24 ? 134 ARG A O   1 
ATOM   716 C CB  . ARG A 1 134 ? -1.112  7.921   6.631   1.00 4.28  ? 134 ARG A CB  1 
ATOM   717 C CG  . ARG A 1 134 ? -0.459  7.053   7.689   1.00 17.38 ? 134 ARG A CG  1 
ATOM   718 C CD  . ARG A 1 134 ? -0.151  7.866   8.945   1.00 25.31 ? 134 ARG A CD  1 
ATOM   719 N NE  . ARG A 1 134 ? 0.716   9.010   8.663   1.00 25.36 ? 134 ARG A NE  1 
ATOM   720 C CZ  . ARG A 1 134 ? 1.170   9.856   9.585   1.00 37.31 ? 134 ARG A CZ  1 
ATOM   721 N NH1 . ARG A 1 134 ? 0.844   9.691   10.863  1.00 39.34 ? 134 ARG A NH1 1 
ATOM   722 N NH2 . ARG A 1 134 ? 1.955   10.866  9.226   1.00 35.95 ? 134 ARG A NH2 1 
ATOM   723 N N   . LEU A 1 135 ? -1.677  4.802   5.367   1.00 5.99  ? 135 LEU A N   1 
ATOM   724 C CA  . LEU A 1 135 ? -2.436  3.568   5.521   1.00 6.02  ? 135 LEU A CA  1 
ATOM   725 C C   . LEU A 1 135 ? -1.752  2.678   6.534   1.00 8.33  ? 135 LEU A C   1 
ATOM   726 O O   . LEU A 1 135 ? -0.549  2.792   6.740   1.00 10.19 ? 135 LEU A O   1 
ATOM   727 C CB  . LEU A 1 135 ? -2.528  2.814   4.189   1.00 3.27  ? 135 LEU A CB  1 
ATOM   728 C CG  . LEU A 1 135 ? -2.985  3.609   2.964   1.00 8.43  ? 135 LEU A CG  1 
ATOM   729 C CD1 . LEU A 1 135 ? -1.781  4.060   2.118   1.00 3.20  ? 135 LEU A CD1 1 
ATOM   730 C CD2 . LEU A 1 135 ? -3.943  2.783   2.123   1.00 4.55  ? 135 LEU A CD2 1 
ATOM   731 N N   . VAL A 1 136 ? -2.511  1.783   7.156   1.00 3.82  ? 136 VAL A N   1 
ATOM   732 C CA  . VAL A 1 136 ? -1.909  0.793   8.030   1.00 3.48  ? 136 VAL A CA  1 
ATOM   733 C C   . VAL A 1 136 ? -2.133  -0.614  7.486   1.00 5.02  ? 136 VAL A C   1 
ATOM   734 O O   . VAL A 1 136 ? -3.234  -0.960  7.034   1.00 7.44  ? 136 VAL A O   1 
ATOM   735 C CB  . VAL A 1 136 ? -2.422  0.911   9.481   1.00 3.56  ? 136 VAL A CB  1 
ATOM   736 C CG1 . VAL A 1 136 ? -3.948  0.782   9.519   1.00 6.01  ? 136 VAL A CG1 1 
ATOM   737 C CG2 . VAL A 1 136 ? -1.758  -0.140  10.373  1.00 3.61  ? 136 VAL A CG2 1 
ATOM   738 N N   . PHE A 1 137 ? -1.083  -1.423  7.546   1.00 3.61  ? 137 PHE A N   1 
ATOM   739 C CA  . PHE A 1 137 ? -1.126  -2.797  7.070   1.00 12.61 ? 137 PHE A CA  1 
ATOM   740 C C   . PHE A 1 137 ? -1.478  -3.777  8.177   1.00 12.03 ? 137 PHE A C   1 
ATOM   741 O O   . PHE A 1 137 ? -0.962  -3.676  9.297   1.00 5.35  ? 137 PHE A O   1 
ATOM   742 C CB  . PHE A 1 137 ? 0.231   -3.171  6.477   1.00 10.18 ? 137 PHE A CB  1 
ATOM   743 C CG  . PHE A 1 137 ? 0.372   -4.630  6.150   1.00 9.14  ? 137 PHE A CG  1 
ATOM   744 C CD1 . PHE A 1 137 ? -0.157  -5.143  4.974   1.00 5.06  ? 137 PHE A CD1 1 
ATOM   745 C CD2 . PHE A 1 137 ? 1.063   -5.481  7.001   1.00 11.44 ? 137 PHE A CD2 1 
ATOM   746 C CE1 . PHE A 1 137 ? -0.001  -6.476  4.656   1.00 6.97  ? 137 PHE A CE1 1 
ATOM   747 C CE2 . PHE A 1 137 ? 1.210   -6.818  6.692   1.00 10.14 ? 137 PHE A CE2 1 
ATOM   748 C CZ  . PHE A 1 137 ? 0.671   -7.319  5.519   1.00 12.04 ? 137 PHE A CZ  1 
ATOM   749 N N   . LEU A 1 138 ? -2.354  -4.725  7.851   1.00 9.65  ? 138 LEU A N   1 
ATOM   750 C CA  . LEU A 1 138 ? -2.781  -5.769  8.783   1.00 6.20  ? 138 LEU A CA  1 
ATOM   751 C C   . LEU A 1 138 ? -2.827  -7.109  8.058   1.00 12.07 ? 138 LEU A C   1 
ATOM   752 O O   . LEU A 1 138 ? -3.502  -7.259  7.030   1.00 5.91  ? 138 LEU A O   1 
ATOM   753 C CB  . LEU A 1 138 ? -4.167  -5.478  9.342   1.00 9.62  ? 138 LEU A CB  1 
ATOM   754 C CG  . LEU A 1 138 ? -4.383  -4.185  10.117  1.00 15.47 ? 138 LEU A CG  1 
ATOM   755 C CD1 . LEU A 1 138 ? -4.955  -3.138  9.181   1.00 14.81 ? 138 LEU A CD1 1 
ATOM   756 C CD2 . LEU A 1 138 ? -5.319  -4.433  11.295  1.00 22.09 ? 138 LEU A CD2 1 
ATOM   757 N N   . ALA A 1 139 ? -2.112  -8.084  8.591   1.00 9.91  ? 139 ALA A N   1 
ATOM   758 C CA  . ALA A 1 139 ? -2.032  -9.382  7.945   1.00 11.09 ? 139 ALA A CA  1 
ATOM   759 C C   . ALA A 1 139 ? -3.225  -10.244 8.335   1.00 16.81 ? 139 ALA A C   1 
ATOM   760 O O   . ALA A 1 139 ? -3.665  -10.225 9.483   1.00 14.54 ? 139 ALA A O   1 
ATOM   761 C CB  . ALA A 1 139 ? -0.731  -10.074 8.316   1.00 6.63  ? 139 ALA A CB  1 
ATOM   762 N N   . GLY A 1 140 ? -3.752  -10.992 7.373   1.00 20.50 ? 140 GLY A N   1 
ATOM   763 C CA  . GLY A 1 140 ? -4.799  -11.956 7.656   1.00 19.72 ? 140 GLY A CA  1 
ATOM   764 C C   . GLY A 1 140 ? -4.200  -13.287 8.078   1.00 19.51 ? 140 GLY A C   1 
ATOM   765 O O   . GLY A 1 140 ? -3.000  -13.370 8.365   1.00 14.11 ? 140 GLY A O   1 
ATOM   766 N N   . PRO A 1 141 ? -5.026  -14.344 8.114   1.00 21.00 ? 141 PRO A N   1 
ATOM   767 C CA  . PRO A 1 141 ? -4.549  -15.649 8.582   1.00 24.33 ? 141 PRO A CA  1 
ATOM   768 C C   . PRO A 1 141 ? -3.517  -16.199 7.613   1.00 31.34 ? 141 PRO A C   1 
ATOM   769 O O   . PRO A 1 141 ? -3.511  -15.805 6.445   1.00 33.37 ? 141 PRO A O   1 
ATOM   770 C CB  . PRO A 1 141 ? -5.811  -16.522 8.546   1.00 28.43 ? 141 PRO A CB  1 
ATOM   771 C CG  . PRO A 1 141 ? -6.964  -15.564 8.402   1.00 25.65 ? 141 PRO A CG  1 
ATOM   772 C CD  . PRO A 1 141 ? -6.417  -14.401 7.644   1.00 22.56 ? 141 PRO A CD  1 
ATOM   773 N N   . ALA A 1 142 ? -2.663  -17.099 8.090   1.00 31.96 ? 142 ALA A N   1 
ATOM   774 C CA  . ALA A 1 142 ? -1.648  -17.719 7.254   1.00 32.55 ? 142 ALA A CA  1 
ATOM   775 C C   . ALA A 1 142 ? -2.267  -18.652 6.212   1.00 36.13 ? 142 ALA A C   1 
ATOM   776 O O   . ALA A 1 142 ? -3.481  -18.870 6.196   1.00 36.97 ? 142 ALA A O   1 
ATOM   777 C CB  . ALA A 1 142 ? -0.650  -18.470 8.115   1.00 33.86 ? 142 ALA A CB  1 
HETATM 778 O O   . HOH B 2 .   ? 2.753   -0.102  -11.133 1.00 4.45  ? 201 HOH A O   1 
HETATM 779 O O   . HOH B 2 .   ? -2.785  -5.522  -10.756 1.00 8.35  ? 202 HOH A O   1 
HETATM 780 O O   . HOH B 2 .   ? -9.209  1.800   -5.727  1.00 10.17 ? 203 HOH A O   1 
HETATM 781 O O   . HOH B 2 .   ? 4.304   -2.721  12.742  1.00 15.55 ? 204 HOH A O   1 
HETATM 782 O O   . HOH B 2 .   ? -11.871 -3.607  8.704   1.00 14.93 ? 205 HOH A O   1 
HETATM 783 O O   . HOH B 2 .   ? -5.747  -6.803  -4.150  1.00 9.66  ? 206 HOH A O   1 
HETATM 784 O O   . HOH B 2 .   ? -10.032 4.486   -4.409  1.00 14.54 ? 207 HOH A O   1 
HETATM 785 O O   . HOH B 2 .   ? 3.180   10.311  -12.025 1.00 15.48 ? 208 HOH A O   1 
HETATM 786 O O   . HOH B 2 .   ? -0.934  2.030   -10.234 1.00 11.08 ? 209 HOH A O   1 
HETATM 787 O O   . HOH B 2 .   ? -2.271  -13.653 5.208   1.00 19.06 ? 210 HOH A O   1 
HETATM 788 O O   . HOH B 2 .   ? -10.851 5.592   -1.893  1.00 13.22 ? 211 HOH A O   1 
HETATM 789 O O   . HOH B 2 .   ? 11.089  6.629   -5.669  1.00 1.98  ? 212 HOH A O   1 
HETATM 790 O O   . HOH B 2 .   ? 6.362   2.467   -12.459 1.00 7.77  ? 213 HOH A O   1 
HETATM 791 O O   . HOH B 2 .   ? -14.330 6.192   4.701   1.00 12.10 ? 214 HOH A O   1 
HETATM 792 O O   . HOH B 2 .   ? 10.744  4.331   11.638  1.00 17.78 ? 215 HOH A O   1 
HETATM 793 O O   . HOH B 2 .   ? 1.352   -0.952  -13.281 1.00 17.66 ? 216 HOH A O   1 
HETATM 794 O O   . HOH B 2 .   ? 14.849  4.603   0.493   1.00 14.84 ? 217 HOH A O   1 
HETATM 795 O O   . HOH B 2 .   ? 5.255   5.687   6.767   1.00 6.42  ? 218 HOH A O   1 
HETATM 796 O O   . HOH B 2 .   ? -7.076  -9.197  -4.370  1.00 35.26 ? 219 HOH A O   1 
HETATM 797 O O   . HOH B 2 .   ? 15.532  5.384   6.707   1.00 10.66 ? 220 HOH A O   1 
HETATM 798 O O   . HOH B 2 .   ? 10.817  1.372   7.702   1.00 14.65 ? 221 HOH A O   1 
HETATM 799 O O   . HOH B 2 .   ? 8.186   -3.799  7.843   1.00 15.60 ? 222 HOH A O   1 
HETATM 800 O O   . HOH B 2 .   ? 5.580   -5.898  -7.633  1.00 28.71 ? 223 HOH A O   1 
HETATM 801 O O   . HOH B 2 .   ? -3.380  -13.983 -1.608  1.00 12.87 ? 224 HOH A O   1 
HETATM 802 O O   . HOH B 2 .   ? -0.303  7.611   12.403  1.00 20.90 ? 225 HOH A O   1 
HETATM 803 O O   . HOH B 2 .   ? 5.515   9.782   7.326   1.00 29.87 ? 226 HOH A O   1 
HETATM 804 O O   . HOH B 2 .   ? 3.741   13.230  -9.775  1.00 23.77 ? 227 HOH A O   1 
HETATM 805 O O   . HOH B 2 .   ? -0.725  -5.286  -12.296 1.00 31.28 ? 228 HOH A O   1 
HETATM 806 O O   . HOH B 2 .   ? 1.395   13.106  -9.691  1.00 37.54 ? 229 HOH A O   1 
HETATM 807 O O   . HOH B 2 .   ? -9.300  10.117  -2.474  1.00 24.89 ? 230 HOH A O   1 
HETATM 808 O O   . HOH B 2 .   ? -8.742  8.149   -4.230  1.00 13.24 ? 231 HOH A O   1 
HETATM 809 O O   . HOH B 2 .   ? 4.644   -9.935  5.529   1.00 17.92 ? 232 HOH A O   1 
HETATM 810 O O   . HOH B 2 .   ? -8.985  12.350  -3.134  1.00 20.49 ? 233 HOH A O   1 
HETATM 811 O O   . HOH B 2 .   ? 4.425   3.883   12.562  1.00 28.00 ? 234 HOH A O   1 
HETATM 812 O O   . HOH B 2 .   ? 3.408   -6.606  14.017  1.00 21.88 ? 235 HOH A O   1 
HETATM 813 O O   . HOH B 2 .   ? -7.416  -2.219  -11.267 1.00 15.29 ? 236 HOH A O   1 
HETATM 814 O O   . HOH B 2 .   ? -1.493  7.168   14.534  1.00 26.79 ? 237 HOH A O   1 
HETATM 815 O O   . HOH B 2 .   ? 4.713   11.033  -6.009  1.00 6.07  ? 238 HOH A O   1 
HETATM 816 O O   . HOH B 2 .   ? 17.563  3.125   6.796   1.00 16.92 ? 239 HOH A O   1 
HETATM 817 O O   . HOH B 2 .   ? 12.200  -6.395  3.843   1.00 18.00 ? 240 HOH A O   1 
HETATM 818 O O   . HOH B 2 .   ? 7.597   -2.510  11.555  1.00 19.68 ? 241 HOH A O   1 
HETATM 819 O O   . HOH B 2 .   ? -1.970  16.583  4.031   1.00 37.86 ? 242 HOH A O   1 
HETATM 820 O O   . HOH B 2 .   ? 18.748  2.469   2.364   1.00 26.36 ? 243 HOH A O   1 
HETATM 821 O O   . HOH B 2 .   ? 12.523  10.380  0.589   1.00 25.70 ? 244 HOH A O   1 
HETATM 822 O O   . HOH B 2 .   ? 13.045  7.361   -3.732  1.00 19.91 ? 245 HOH A O   1 
HETATM 823 O O   . HOH B 2 .   ? 9.875   0.009   10.526  1.00 32.68 ? 246 HOH A O   1 
HETATM 824 O O   . HOH B 2 .   ? 6.249   3.862   15.075  1.00 23.17 ? 247 HOH A O   1 
HETATM 825 O O   . HOH B 2 .   ? 10.327  2.020   13.360  1.00 30.53 ? 248 HOH A O   1 
HETATM 826 O O   . HOH B 2 .   ? 13.700  -2.777  3.481   1.00 17.04 ? 249 HOH A O   1 
HETATM 827 O O   . HOH B 2 .   ? -12.331 7.876   -3.011  1.00 23.80 ? 250 HOH A O   1 
HETATM 828 O O   . HOH B 2 .   ? 3.520   7.798   7.981   1.00 29.64 ? 251 HOH A O   1 
HETATM 829 O O   . HOH B 2 .   ? 19.415  3.604   4.681   1.00 25.18 ? 252 HOH A O   1 
HETATM 830 O O   . HOH B 2 .   ? -2.960  -1.683  -12.421 1.00 16.43 ? 253 HOH A O   1 
HETATM 831 O O   . HOH B 2 .   ? 10.412  -2.818  9.880   1.00 43.71 ? 254 HOH A O   1 
HETATM 832 O O   . HOH B 2 .   ? 2.660   -9.122  10.113  1.00 19.32 ? 255 HOH A O   1 
HETATM 833 O O   . HOH B 2 .   ? 3.964   7.558   -12.563 1.00 15.89 ? 256 HOH A O   1 
HETATM 834 O O   . HOH B 2 .   ? -12.133 10.122  -1.468  1.00 16.02 ? 257 HOH A O   1 
HETATM 835 O O   . HOH B 2 .   ? 4.804   0.542   -12.960 1.00 10.25 ? 258 HOH A O   1 
HETATM 836 O O   . HOH B 2 .   ? -3.659  -8.979  12.237  1.00 28.34 ? 259 HOH A O   1 
HETATM 837 O O   . HOH B 2 .   ? -6.539  -6.068  -10.364 1.00 20.05 ? 260 HOH A O   1 
HETATM 838 O O   . HOH B 2 .   ? 2.044   -15.358 -4.819  1.00 28.76 ? 261 HOH A O   1 
HETATM 839 O O   . HOH B 2 .   ? 15.698  4.764   3.995   1.00 26.12 ? 262 HOH A O   1 
HETATM 840 O O   . HOH B 2 .   ? -4.969  -7.795  -11.073 1.00 32.62 ? 263 HOH A O   1 
HETATM 841 O O   . HOH B 2 .   ? -3.362  -0.721  -16.374 1.00 26.72 ? 264 HOH A O   1 
HETATM 842 O O   . HOH B 2 .   ? 14.353  -4.902  4.133   1.00 26.11 ? 265 HOH A O   1 
HETATM 843 O O   . HOH B 2 .   ? -5.148  -7.227  13.923  1.00 27.70 ? 266 HOH A O   1 
HETATM 844 O O   . HOH B 2 .   ? 0.356   15.369  4.338   1.00 23.30 ? 267 HOH A O   1 
HETATM 845 O O   . HOH B 2 .   ? -2.202  -14.179 -3.702  1.00 17.91 ? 268 HOH A O   1 
HETATM 846 O O   . HOH B 2 .   ? 15.853  0.199   10.778  1.00 24.52 ? 269 HOH A O   1 
HETATM 847 O O   . HOH B 2 .   ? 12.144  -6.361  0.934   1.00 20.97 ? 270 HOH A O   1 
HETATM 848 O O   . HOH B 2 .   ? -2.134  17.756  -2.157  1.00 32.75 ? 271 HOH A O   1 
HETATM 849 O O   . HOH B 2 .   ? 13.845  1.107   10.736  1.00 32.59 ? 272 HOH A O   1 
HETATM 850 O O   . HOH B 2 .   ? 12.800  -7.330  -2.585  1.00 25.39 ? 273 HOH A O   1 
HETATM 851 O O   . HOH B 2 .   ? 8.187   -0.892  13.670  1.00 34.62 ? 274 HOH A O   1 
HETATM 852 O O   . HOH B 2 .   ? 6.799   1.688   13.673  1.00 41.18 ? 275 HOH A O   1 
HETATM 853 O O   . HOH B 2 .   ? 15.004  -4.316  7.268   1.00 26.58 ? 276 HOH A O   1 
HETATM 854 O O   . HOH B 2 .   ? 12.803  -5.367  6.952   1.00 24.13 ? 277 HOH A O   1 
HETATM 855 O O   . HOH B 2 .   ? 3.843   13.932  -6.951  1.00 30.01 ? 278 HOH A O   1 
HETATM 856 O O   . HOH B 2 .   ? 4.512   16.020  -5.505  1.00 29.17 ? 279 HOH A O   1 
HETATM 857 O O   . HOH B 2 .   ? 2.226   -9.858  7.344   1.00 44.61 ? 280 HOH A O   1 
HETATM 858 O O   . HOH B 2 .   ? -0.794  -9.838  12.432  1.00 19.37 ? 281 HOH A O   1 
HETATM 859 O O   . HOH B 2 .   ? 3.947   -0.055  13.514  1.00 32.86 ? 282 HOH A O   1 
HETATM 860 O O   . HOH B 2 .   ? 1.680   1.701   -9.165  1.00 7.94  ? 283 HOH A O   1 
HETATM 861 O O   . HOH B 2 .   ? 13.714  12.932  -0.674  1.00 17.89 ? 284 HOH A O   1 
HETATM 862 O O   . HOH B 2 .   ? 5.620   11.300  -10.793 1.00 22.11 ? 285 HOH A O   1 
HETATM 863 O O   . HOH B 2 .   ? -4.557  16.795  -5.756  1.00 18.48 ? 286 HOH A O   1 
HETATM 864 O O   . HOH B 2 .   ? 17.218  3.131   -0.257  0.50 17.36 ? 287 HOH A O   1 
HETATM 865 O O   . HOH B 2 .   ? -1.203  -7.746  -3.283  1.00 6.84  ? 288 HOH A O   1 
HETATM 866 O O   . HOH B 2 .   ? 3.552   16.635  -2.952  1.00 39.48 ? 289 HOH A O   1 
HETATM 867 O O   . HOH B 2 .   ? 15.251  -8.386  -1.787  1.00 24.18 ? 290 HOH A O   1 
HETATM 868 O O   . HOH B 2 .   ? -12.280 6.953   -7.714  1.00 31.43 ? 291 HOH A O   1 
HETATM 869 O O   . HOH B 2 .   ? 2.304   5.855   14.495  1.00 20.15 ? 292 HOH A O   1 
HETATM 870 O O   . HOH B 2 .   ? 1.302   -10.382 -10.613 1.00 33.63 ? 293 HOH A O   1 
HETATM 871 O O   . HOH B 2 .   ? -8.709  -6.885  -7.907  1.00 29.28 ? 294 HOH A O   1 
HETATM 872 O O   . HOH B 2 .   ? -8.409  -11.663 11.116  1.00 17.03 ? 295 HOH A O   1 
HETATM 873 O O   . HOH B 2 .   ? -7.192  -9.527  11.696  1.00 29.51 ? 296 HOH A O   1 
HETATM 874 O O   . HOH B 2 .   ? 9.671   9.750   -10.392 1.00 20.56 ? 297 HOH A O   1 
HETATM 875 O O   . HOH B 2 .   ? 7.506   11.549  -11.956 1.00 34.18 ? 298 HOH A O   1 
HETATM 876 O O   . HOH B 2 .   ? -11.094 8.902   -5.817  1.00 38.31 ? 299 HOH A O   1 
HETATM 877 O O   . HOH B 2 .   ? -9.460  1.493   -8.295  1.00 37.70 ? 300 HOH A O   1 
HETATM 878 O O   . HOH B 2 .   ? -3.725  8.906   11.893  1.00 19.43 ? 301 HOH A O   1 
HETATM 879 O O   . HOH B 2 .   ? -3.677  -16.958 -0.787  1.00 22.73 ? 302 HOH A O   1 
HETATM 880 O O   . HOH B 2 .   ? 16.705  2.799   9.808   1.00 25.43 ? 303 HOH A O   1 
HETATM 881 O O   . HOH B 2 .   ? -16.054 11.799  -2.681  1.00 30.95 ? 304 HOH A O   1 
HETATM 882 O O   . HOH B 2 .   ? 13.357  -1.228  8.537   1.00 32.11 ? 305 HOH A O   1 
HETATM 883 O O   . HOH B 2 .   ? -10.568 4.055   -11.173 1.00 32.63 ? 306 HOH A O   1 
HETATM 884 O O   . HOH B 2 .   ? -16.349 11.562  -0.428  1.00 37.79 ? 307 HOH A O   1 
HETATM 885 O O   . HOH B 2 .   ? 1.108   3.294   14.905  1.00 27.88 ? 308 HOH A O   1 
HETATM 886 O O   . HOH B 2 .   ? 14.743  11.458  -2.917  1.00 24.38 ? 309 HOH A O   1 
HETATM 887 O O   . HOH B 2 .   ? 3.995   4.541   -15.896 1.00 34.33 ? 310 HOH A O   1 
HETATM 888 O O   . HOH B 2 .   ? 0.806   1.885   -17.772 1.00 26.85 ? 311 HOH A O   1 
HETATM 889 O O   . HOH B 2 .   ? 2.152   3.398   -16.502 1.00 22.41 ? 312 HOH A O   1 
HETATM 890 O O   . HOH B 2 .   ? 21.554  2.609   1.347   1.00 21.58 ? 313 HOH A O   1 
HETATM 891 O O   . HOH B 2 .   ? -1.138  -11.707 -12.047 1.00 22.66 ? 314 HOH A O   1 
HETATM 892 O O   . HOH B 2 .   ? -11.383 -11.183 10.116  1.00 24.18 ? 315 HOH A O   1 
HETATM 893 O O   . HOH B 2 .   ? -10.669 6.614   -12.259 1.00 20.81 ? 316 HOH A O   1 
HETATM 894 O O   . HOH B 2 .   ? 4.977   9.980   -1.133  1.00 2.88  ? 317 HOH A O   1 
HETATM 895 O O   . HOH B 2 .   ? 2.999   4.688   16.825  1.00 32.35 ? 318 HOH A O   1 
HETATM 896 O O   . HOH B 2 .   ? -5.099  11.210  11.474  1.00 22.50 ? 319 HOH A O   1 
HETATM 897 O O   . HOH B 2 .   ? -2.069  -9.823  -13.056 1.00 29.37 ? 320 HOH A O   1 
HETATM 898 O O   . HOH B 2 .   ? -1.498  -1.956  -14.292 1.00 45.89 ? 321 HOH A O   1 
HETATM 899 O O   . HOH B 2 .   ? 16.310  2.479   2.975   1.00 15.81 ? 322 HOH A O   1 
HETATM 900 O O   . HOH B 2 .   ? -9.928  -13.427 9.881   1.00 23.65 ? 323 HOH A O   1 
HETATM 901 O O   . HOH B 2 .   ? 13.061  -13.055 6.716   1.00 35.02 ? 324 HOH A O   1 
HETATM 902 O O   . HOH B 2 .   ? -13.211 12.176  -3.433  1.00 32.11 ? 325 HOH A O   1 
HETATM 903 O O   . HOH B 2 .   ? -9.441  9.160   -13.000 1.00 33.69 ? 326 HOH A O   1 
HETATM 904 O O   . HOH B 2 .   ? -4.228  -19.659 3.530   1.00 29.64 ? 327 HOH A O   1 
HETATM 905 O O   . HOH B 2 .   ? -4.683  8.761   -18.253 1.00 36.40 ? 328 HOH A O   1 
HETATM 906 O O   . HOH B 2 .   ? -0.585  -13.840 9.536   1.00 37.29 ? 329 HOH A O   1 
HETATM 907 O O   . HOH B 2 .   ? 10.622  5.001   -1.476  1.00 4.07  ? 330 HOH A O   1 
HETATM 908 O O   . HOH B 2 .   ? 0.526   5.146   -18.218 1.00 25.96 ? 331 HOH A O   1 
HETATM 909 O O   . HOH B 2 .   ? 20.038  3.036   -0.164  1.00 38.43 ? 332 HOH A O   1 
HETATM 910 O O   . HOH B 2 .   ? 6.751   14.346  -12.244 1.00 32.88 ? 333 HOH A O   1 
HETATM 911 O O   . HOH B 2 .   ? 1.386   9.344   6.150   1.00 53.98 ? 334 HOH A O   1 
HETATM 912 O O   . HOH B 2 .   ? -1.577  9.846   11.192  1.00 41.61 ? 335 HOH A O   1 
# 
